data_3QK8
#
_entry.id   3QK8
#
_cell.length_a   73.990
_cell.length_b   129.530
_cell.length_c   78.610
_cell.angle_alpha   90.000
_cell.angle_beta   108.570
_cell.angle_gamma   90.000
#
_symmetry.space_group_name_H-M   'P 1 21 1'
#
loop_
_entity.id
_entity.type
_entity.pdbx_description
1 polymer 'Enoyl-CoA hydratase EchA15'
2 non-polymer 'UNKNOWN LIGAND'
3 non-polymer 1,2-ETHANEDIOL
4 non-polymer 'CHLORIDE ION'
5 water water
#
_entity_poly.entity_id   1
_entity_poly.type   'polypeptide(L)'
_entity_poly.pdbx_seq_one_letter_code
;GPGSMPLTYQDFPSLRFEPGEHGVLNLVLDSPGLNSVGPQMHRDLADVWPVIDRDPDVRVVLVRGEGKAFSSGGSFELID
ETIGDYEGRIRIMREARDLVLNLVNLDKPVVSAIRGPAVGAGLVVALLADISVASATAKIIDGHTKLGVAAGDHAAICWP
LLVGMAKAKYYLLTCETLSGEEAERIGLVSTCVDDDEVLPTATRLAENLAQGAQNAIRWTKRSLNHWYRMFGPTFETSLG
LEFLGFTGPDVQEGLAAHRQKRPARFTDRTEG
;
_entity_poly.pdbx_strand_id   A,B,C,D,E,F
#
loop_
_chem_comp.id
_chem_comp.type
_chem_comp.name
_chem_comp.formula
CL non-polymer 'CHLORIDE ION' 'Cl -1'
EDO non-polymer 1,2-ETHANEDIOL 'C2 H6 O2'
UNL non-polymer 'UNKNOWN LIGAND' ?
#
# COMPACT_ATOMS: atom_id res chain seq x y z
N THR A 8 30.73 -15.97 16.57
CA THR A 8 29.67 -15.31 15.75
C THR A 8 29.74 -15.85 14.32
N TYR A 9 30.77 -15.42 13.59
CA TYR A 9 30.91 -15.81 12.17
C TYR A 9 31.22 -17.30 11.97
N GLN A 10 31.60 -17.99 13.04
CA GLN A 10 31.88 -19.44 12.96
C GLN A 10 30.62 -20.29 12.63
N ASP A 11 29.45 -19.71 12.84
CA ASP A 11 28.17 -20.36 12.57
CA ASP A 11 28.19 -20.38 12.57
C ASP A 11 27.84 -20.35 11.08
N PHE A 12 28.71 -19.74 10.25
CA PHE A 12 28.46 -19.63 8.79
C PHE A 12 29.66 -20.18 8.03
N PRO A 13 29.87 -21.50 8.15
CA PRO A 13 31.11 -22.08 7.66
C PRO A 13 31.34 -22.05 6.13
N SER A 14 30.28 -21.88 5.32
CA SER A 14 30.43 -21.89 3.87
C SER A 14 30.88 -20.55 3.31
N LEU A 15 30.86 -19.53 4.17
CA LEU A 15 31.19 -18.16 3.80
C LEU A 15 32.60 -17.79 4.28
N ARG A 16 33.30 -16.97 3.50
CA ARG A 16 34.62 -16.48 3.85
C ARG A 16 34.49 -15.03 4.28
N PHE A 17 35.00 -14.70 5.46
CA PHE A 17 34.86 -13.38 6.02
C PHE A 17 36.28 -12.83 6.15
N GLU A 18 36.57 -11.77 5.46
CA GLU A 18 37.93 -11.20 5.45
C GLU A 18 37.87 -9.70 5.76
N PRO A 19 38.41 -9.28 6.89
CA PRO A 19 38.32 -7.83 7.14
C PRO A 19 39.10 -6.99 6.12
N GLY A 20 38.51 -5.86 5.76
CA GLY A 20 39.14 -4.87 4.93
C GLY A 20 39.53 -3.68 5.79
N GLU A 21 39.58 -2.52 5.17
CA GLU A 21 39.94 -1.29 5.91
C GLU A 21 38.69 -0.55 6.41
N HIS A 22 38.85 0.15 7.53
CA HIS A 22 37.86 1.10 7.99
C HIS A 22 36.50 0.48 8.29
N GLY A 23 36.48 -0.79 8.69
CA GLY A 23 35.24 -1.47 9.02
C GLY A 23 34.51 -2.09 7.84
N VAL A 24 35.16 -2.11 6.68
CA VAL A 24 34.65 -2.93 5.59
C VAL A 24 34.92 -4.42 5.86
N LEU A 25 33.88 -5.23 5.74
CA LEU A 25 33.98 -6.70 5.82
C LEU A 25 33.83 -7.25 4.40
N ASN A 26 34.83 -7.98 3.91
CA ASN A 26 34.70 -8.69 2.64
C ASN A 26 34.01 -9.99 2.90
N LEU A 27 32.95 -10.29 2.17
CA LEU A 27 32.23 -11.56 2.28
C LEU A 27 32.40 -12.21 0.93
N VAL A 28 33.04 -13.39 0.90
CA VAL A 28 33.37 -14.03 -0.36
C VAL A 28 32.66 -15.37 -0.50
N LEU A 29 31.98 -15.55 -1.65
CA LEU A 29 31.35 -16.80 -2.02
CA LEU A 29 31.35 -16.80 -2.02
C LEU A 29 32.36 -17.62 -2.82
N ASP A 30 32.78 -18.75 -2.30
CA ASP A 30 33.91 -19.52 -2.89
C ASP A 30 33.49 -20.98 -2.75
N SER A 31 33.09 -21.57 -3.88
CA SER A 31 32.70 -22.95 -3.92
C SER A 31 32.85 -23.53 -5.32
N PRO A 32 32.73 -24.86 -5.43
CA PRO A 32 32.83 -25.49 -6.73
C PRO A 32 31.77 -25.04 -7.76
N GLY A 33 32.12 -25.18 -9.03
CA GLY A 33 31.23 -24.87 -10.14
C GLY A 33 30.93 -23.38 -10.29
N LEU A 34 31.96 -22.56 -10.20
CA LEU A 34 31.82 -21.11 -10.33
C LEU A 34 30.90 -20.62 -9.20
N ASN A 35 31.25 -21.04 -8.00
CA ASN A 35 30.62 -20.57 -6.76
C ASN A 35 29.14 -20.90 -6.70
N SER A 36 28.85 -22.18 -6.99
CA SER A 36 27.51 -22.73 -6.81
CA SER A 36 27.51 -22.73 -6.81
C SER A 36 27.10 -22.65 -5.35
N VAL A 37 25.83 -22.40 -5.13
CA VAL A 37 25.26 -22.33 -3.80
C VAL A 37 24.67 -23.69 -3.43
N GLY A 38 25.33 -24.37 -2.49
CA GLY A 38 24.80 -25.63 -1.97
C GLY A 38 23.94 -25.41 -0.75
N PRO A 39 23.49 -26.48 -0.10
CA PRO A 39 22.57 -26.32 1.02
C PRO A 39 23.14 -25.49 2.17
N GLN A 40 24.39 -25.72 2.56
CA GLN A 40 24.95 -24.98 3.68
C GLN A 40 25.04 -23.51 3.30
N MET A 41 25.52 -23.23 2.08
CA MET A 41 25.67 -21.82 1.66
C MET A 41 24.30 -21.14 1.57
N HIS A 42 23.28 -21.86 1.14
CA HIS A 42 21.94 -21.22 0.99
C HIS A 42 21.43 -20.79 2.36
N ARG A 43 21.66 -21.65 3.36
CA ARG A 43 21.29 -21.33 4.72
C ARG A 43 22.13 -20.19 5.28
N ASP A 44 23.44 -20.26 5.08
CA ASP A 44 24.31 -19.26 5.64
C ASP A 44 24.05 -17.87 5.06
N LEU A 45 23.78 -17.82 3.76
CA LEU A 45 23.50 -16.54 3.13
C LEU A 45 22.20 -15.96 3.65
N ALA A 46 21.21 -16.80 3.93
CA ALA A 46 19.94 -16.33 4.51
C ALA A 46 20.15 -15.68 5.87
N ASP A 47 20.92 -16.35 6.73
CA ASP A 47 20.98 -16.02 8.14
C ASP A 47 22.13 -15.15 8.60
N VAL A 48 23.09 -14.86 7.73
CA VAL A 48 24.29 -14.08 8.19
C VAL A 48 23.97 -12.60 8.47
N TRP A 49 22.99 -12.03 7.75
CA TRP A 49 22.80 -10.55 7.72
C TRP A 49 22.52 -9.98 9.12
N PRO A 50 21.62 -10.61 9.89
CA PRO A 50 21.34 -10.03 11.24
C PRO A 50 22.58 -10.03 12.16
N VAL A 51 23.48 -11.02 12.02
CA VAL A 51 24.70 -11.05 12.82
C VAL A 51 25.63 -9.90 12.41
N ILE A 52 25.77 -9.65 11.11
CA ILE A 52 26.54 -8.51 10.64
C ILE A 52 26.01 -7.19 11.20
N ASP A 53 24.69 -7.04 11.19
CA ASP A 53 24.09 -5.77 11.61
C ASP A 53 24.43 -5.50 13.07
N ARG A 54 24.59 -6.54 13.88
CA ARG A 54 24.87 -6.36 15.34
C ARG A 54 26.34 -6.29 15.68
N ASP A 55 27.23 -6.52 14.71
CA ASP A 55 28.67 -6.51 14.97
C ASP A 55 29.24 -5.07 14.87
N PRO A 56 29.63 -4.46 16.02
CA PRO A 56 30.07 -3.06 15.93
C PRO A 56 31.40 -2.86 15.20
N ASP A 57 32.14 -3.91 14.90
CA ASP A 57 33.35 -3.74 14.10
C ASP A 57 33.11 -3.77 12.57
N VAL A 58 31.87 -3.99 12.16
CA VAL A 58 31.56 -3.97 10.72
C VAL A 58 30.70 -2.74 10.41
N ARG A 59 31.11 -1.97 9.41
CA ARG A 59 30.33 -0.81 8.93
CA ARG A 59 30.33 -0.81 8.93
C ARG A 59 29.68 -1.04 7.57
N VAL A 60 30.38 -1.77 6.71
CA VAL A 60 29.94 -1.99 5.33
C VAL A 60 30.30 -3.39 4.92
N VAL A 61 29.47 -4.07 4.12
CA VAL A 61 29.80 -5.38 3.62
C VAL A 61 30.14 -5.24 2.14
N LEU A 62 31.23 -5.85 1.70
CA LEU A 62 31.60 -5.90 0.28
C LEU A 62 31.54 -7.36 -0.11
N VAL A 63 30.55 -7.72 -0.91
CA VAL A 63 30.26 -9.13 -1.25
C VAL A 63 30.73 -9.42 -2.66
N ARG A 64 31.41 -10.55 -2.83
CA ARG A 64 31.89 -10.93 -4.17
CA ARG A 64 31.85 -10.94 -4.17
C ARG A 64 32.00 -12.44 -4.25
N GLY A 65 32.07 -12.96 -5.47
CA GLY A 65 32.51 -14.34 -5.65
C GLY A 65 34.01 -14.46 -5.73
N GLU A 66 34.53 -15.65 -5.51
CA GLU A 66 35.95 -15.93 -5.75
C GLU A 66 36.15 -16.05 -7.24
N GLY A 67 37.23 -15.42 -7.74
CA GLY A 67 37.56 -15.48 -9.17
C GLY A 67 36.67 -14.64 -10.05
N LYS A 68 36.49 -15.05 -11.30
CA LYS A 68 35.72 -14.23 -12.24
C LYS A 68 34.26 -14.74 -12.33
N ALA A 69 33.63 -14.89 -11.16
CA ALA A 69 32.26 -15.36 -11.09
C ALA A 69 31.70 -14.91 -9.76
N PHE A 70 30.48 -14.43 -9.76
CA PHE A 70 29.81 -14.12 -8.53
C PHE A 70 29.18 -15.43 -8.03
N SER A 71 28.20 -15.97 -8.75
CA SER A 71 27.68 -17.31 -8.48
C SER A 71 26.95 -17.85 -9.69
N SER A 72 27.18 -19.14 -9.97
CA SER A 72 26.44 -19.86 -10.97
C SER A 72 25.05 -20.28 -10.48
N GLY A 73 24.73 -20.04 -9.22
CA GLY A 73 23.39 -20.38 -8.67
C GLY A 73 23.44 -21.71 -7.95
N GLY A 74 22.26 -22.32 -7.75
CA GLY A 74 22.18 -23.50 -6.87
C GLY A 74 22.93 -24.69 -7.40
N SER A 75 23.54 -25.45 -6.50
CA SER A 75 24.12 -26.72 -6.88
C SER A 75 23.05 -27.78 -7.19
N PHE A 76 23.50 -28.82 -7.84
CA PHE A 76 22.58 -29.91 -8.15
C PHE A 76 21.90 -30.37 -6.86
N GLU A 77 22.69 -30.61 -5.81
CA GLU A 77 22.13 -31.05 -4.54
C GLU A 77 21.00 -30.14 -4.07
N LEU A 78 21.22 -28.82 -4.06
CA LEU A 78 20.20 -27.90 -3.54
C LEU A 78 18.94 -27.95 -4.39
N ILE A 79 19.08 -27.94 -5.72
CA ILE A 79 17.91 -27.97 -6.57
C ILE A 79 17.14 -29.35 -6.44
N ASP A 80 17.89 -30.43 -6.44
CA ASP A 80 17.29 -31.75 -6.34
C ASP A 80 16.58 -31.95 -4.98
N GLU A 81 17.14 -31.40 -3.91
CA GLU A 81 16.44 -31.48 -2.63
C GLU A 81 15.09 -30.80 -2.69
N THR A 82 15.05 -29.64 -3.34
CA THR A 82 13.83 -28.85 -3.44
C THR A 82 12.75 -29.61 -4.23
N ILE A 83 13.19 -30.33 -5.26
CA ILE A 83 12.26 -31.16 -6.06
C ILE A 83 11.78 -32.37 -5.28
N GLY A 84 12.68 -33.02 -4.57
CA GLY A 84 12.40 -34.36 -4.11
C GLY A 84 12.02 -34.58 -2.65
N ASP A 85 12.16 -33.58 -1.81
CA ASP A 85 11.88 -33.78 -0.40
C ASP A 85 11.01 -32.66 0.17
N TYR A 86 9.88 -33.02 0.75
CA TYR A 86 8.94 -32.05 1.30
C TYR A 86 9.56 -31.15 2.40
N GLU A 87 10.14 -31.79 3.42
CA GLU A 87 10.73 -31.03 4.52
C GLU A 87 11.87 -30.12 4.03
N GLY A 88 12.72 -30.65 3.17
CA GLY A 88 13.85 -29.90 2.63
C GLY A 88 13.41 -28.71 1.82
N ARG A 89 12.40 -28.94 0.97
CA ARG A 89 11.82 -27.89 0.18
C ARG A 89 11.33 -26.72 1.04
N ILE A 90 10.62 -27.03 2.11
CA ILE A 90 10.13 -26.01 3.01
C ILE A 90 11.29 -25.29 3.71
N ARG A 91 12.33 -26.03 4.10
CA ARG A 91 13.46 -25.38 4.73
C ARG A 91 14.12 -24.40 3.78
N ILE A 92 14.34 -24.84 2.55
CA ILE A 92 14.97 -24.04 1.50
C ILE A 92 14.09 -22.80 1.17
N MET A 93 12.78 -22.99 1.20
CA MET A 93 11.84 -21.87 0.96
C MET A 93 11.99 -20.85 2.07
N ARG A 94 12.06 -21.29 3.31
CA ARG A 94 12.27 -20.40 4.47
C ARG A 94 13.57 -19.59 4.26
N GLU A 95 14.65 -20.27 3.87
CA GLU A 95 15.92 -19.62 3.65
C GLU A 95 15.81 -18.61 2.52
N ALA A 96 15.09 -18.97 1.44
CA ALA A 96 14.96 -18.09 0.28
C ALA A 96 14.21 -16.79 0.67
N ARG A 97 13.17 -16.98 1.49
CA ARG A 97 12.38 -15.89 2.01
C ARG A 97 13.24 -14.96 2.85
N ASP A 98 13.98 -15.55 3.78
CA ASP A 98 14.74 -14.77 4.76
C ASP A 98 16.01 -14.17 4.14
N LEU A 99 16.58 -14.74 3.07
CA LEU A 99 17.69 -14.04 2.39
C LEU A 99 17.21 -12.65 1.92
N VAL A 100 16.05 -12.62 1.28
CA VAL A 100 15.51 -11.38 0.79
C VAL A 100 15.14 -10.45 1.92
N LEU A 101 14.35 -10.95 2.86
CA LEU A 101 13.82 -10.06 3.91
C LEU A 101 14.94 -9.63 4.87
N ASN A 102 15.90 -10.49 5.18
CA ASN A 102 16.98 -10.08 6.08
C ASN A 102 17.85 -9.04 5.40
N LEU A 103 18.01 -9.14 4.09
CA LEU A 103 18.78 -8.08 3.37
C LEU A 103 17.98 -6.78 3.35
N VAL A 104 16.70 -6.83 3.05
CA VAL A 104 15.90 -5.59 3.00
C VAL A 104 15.82 -4.93 4.39
N ASN A 105 15.92 -5.74 5.43
CA ASN A 105 15.89 -5.24 6.79
C ASN A 105 17.23 -4.92 7.41
N LEU A 106 18.30 -5.00 6.62
CA LEU A 106 19.65 -4.72 7.12
C LEU A 106 19.93 -3.23 7.03
N ASP A 107 20.40 -2.62 8.11
CA ASP A 107 20.66 -1.19 8.10
C ASP A 107 22.04 -0.86 7.54
N LYS A 108 23.03 -1.74 7.77
CA LYS A 108 24.36 -1.45 7.21
C LYS A 108 24.34 -1.63 5.67
N PRO A 109 25.14 -0.84 4.94
CA PRO A 109 25.19 -0.96 3.48
C PRO A 109 25.98 -2.13 3.00
N VAL A 110 25.52 -2.66 1.87
CA VAL A 110 26.17 -3.73 1.14
C VAL A 110 26.55 -3.26 -0.28
N VAL A 111 27.81 -3.52 -0.65
CA VAL A 111 28.28 -3.23 -1.99
C VAL A 111 28.61 -4.58 -2.63
N SER A 112 28.09 -4.82 -3.83
CA SER A 112 28.40 -6.05 -4.55
C SER A 112 29.41 -5.78 -5.66
N ALA A 113 30.33 -6.74 -5.85
CA ALA A 113 31.32 -6.66 -6.92
C ALA A 113 31.04 -7.86 -7.84
N ILE A 114 30.40 -7.60 -8.97
CA ILE A 114 29.80 -8.67 -9.80
C ILE A 114 30.66 -8.87 -11.06
N ARG A 115 31.28 -10.04 -11.12
CA ARG A 115 32.09 -10.48 -12.25
C ARG A 115 31.49 -11.77 -12.76
N GLY A 116 31.58 -12.00 -14.06
CA GLY A 116 31.14 -13.26 -14.66
C GLY A 116 29.69 -13.53 -14.36
N PRO A 117 29.31 -14.80 -14.19
CA PRO A 117 27.92 -15.14 -13.99
C PRO A 117 27.41 -14.76 -12.63
N ALA A 118 26.17 -14.31 -12.63
CA ALA A 118 25.38 -14.06 -11.41
C ALA A 118 23.97 -14.60 -11.68
N VAL A 119 23.65 -15.68 -11.01
CA VAL A 119 22.48 -16.48 -11.39
C VAL A 119 21.71 -16.92 -10.18
N GLY A 120 20.38 -16.86 -10.36
CA GLY A 120 19.42 -17.37 -9.42
C GLY A 120 19.75 -17.00 -8.02
N ALA A 121 19.96 -18.03 -7.21
CA ALA A 121 20.16 -17.77 -5.80
C ALA A 121 21.30 -16.85 -5.41
N GLY A 122 22.45 -16.79 -6.11
CA GLY A 122 23.48 -15.76 -5.75
C GLY A 122 23.27 -14.39 -6.41
N LEU A 123 22.47 -14.40 -7.49
CA LEU A 123 22.05 -13.09 -8.04
C LEU A 123 21.27 -12.22 -7.04
N VAL A 124 20.53 -12.90 -6.14
CA VAL A 124 19.74 -12.16 -5.15
C VAL A 124 20.60 -11.15 -4.37
N VAL A 125 21.73 -11.63 -3.87
CA VAL A 125 22.62 -10.76 -3.10
C VAL A 125 23.24 -9.69 -3.96
N ALA A 126 23.62 -10.07 -5.18
CA ALA A 126 24.23 -9.11 -6.10
C ALA A 126 23.35 -7.92 -6.38
N LEU A 127 22.05 -8.17 -6.59
CA LEU A 127 21.13 -7.08 -6.97
C LEU A 127 20.47 -6.37 -5.81
N LEU A 128 20.26 -7.05 -4.66
CA LEU A 128 19.74 -6.39 -3.49
C LEU A 128 20.80 -5.63 -2.71
N ALA A 129 22.07 -5.78 -3.06
CA ALA A 129 23.11 -4.89 -2.56
C ALA A 129 22.73 -3.45 -2.79
N ASP A 130 23.05 -2.60 -1.83
CA ASP A 130 22.72 -1.18 -1.95
C ASP A 130 23.41 -0.52 -3.14
N ILE A 131 24.67 -0.90 -3.36
CA ILE A 131 25.41 -0.43 -4.51
C ILE A 131 25.97 -1.63 -5.21
N SER A 132 25.58 -1.79 -6.47
CA SER A 132 26.00 -2.94 -7.27
C SER A 132 26.95 -2.49 -8.38
N VAL A 133 28.16 -3.07 -8.39
CA VAL A 133 29.20 -2.72 -9.35
C VAL A 133 29.32 -3.93 -10.27
N ALA A 134 28.90 -3.74 -11.52
CA ALA A 134 28.89 -4.83 -12.51
C ALA A 134 30.02 -4.70 -13.50
N SER A 135 30.71 -5.81 -13.70
CA SER A 135 31.56 -5.95 -14.86
C SER A 135 30.72 -5.71 -16.10
N ALA A 136 31.27 -5.00 -17.09
CA ALA A 136 30.64 -4.86 -18.43
C ALA A 136 30.28 -6.22 -18.99
N THR A 137 31.11 -7.23 -18.69
CA THR A 137 30.96 -8.59 -19.22
C THR A 137 30.37 -9.58 -18.20
N ALA A 138 29.79 -9.09 -17.10
CA ALA A 138 29.00 -9.95 -16.19
C ALA A 138 27.83 -10.52 -16.99
N LYS A 139 27.35 -11.69 -16.56
CA LYS A 139 26.20 -12.36 -17.18
C LYS A 139 25.15 -12.53 -16.15
N ILE A 140 24.11 -11.71 -16.20
CA ILE A 140 23.07 -11.64 -15.15
C ILE A 140 21.85 -12.41 -15.67
N ILE A 141 21.51 -13.49 -14.97
CA ILE A 141 20.43 -14.40 -15.46
C ILE A 141 19.60 -14.76 -14.24
N ASP A 142 18.37 -14.33 -14.26
CA ASP A 142 17.47 -14.74 -13.16
C ASP A 142 17.30 -16.26 -13.25
N GLY A 143 17.00 -16.78 -14.46
CA GLY A 143 17.06 -18.18 -14.77
C GLY A 143 15.83 -19.04 -14.47
N HIS A 144 14.86 -18.51 -13.73
CA HIS A 144 13.85 -19.41 -13.19
C HIS A 144 12.95 -20.00 -14.23
N THR A 145 12.39 -19.18 -15.11
CA THR A 145 11.41 -19.72 -16.07
C THR A 145 12.07 -20.75 -17.01
N LYS A 146 13.37 -20.56 -17.27
CA LYS A 146 14.12 -21.52 -18.07
C LYS A 146 14.40 -22.82 -17.32
N LEU A 147 14.52 -22.78 -16.00
CA LEU A 147 14.56 -23.99 -15.14
C LEU A 147 13.18 -24.67 -15.03
N GLY A 148 12.09 -23.92 -15.23
CA GLY A 148 10.75 -24.43 -15.15
C GLY A 148 9.89 -24.01 -13.94
N VAL A 149 10.33 -22.99 -13.24
CA VAL A 149 9.64 -22.47 -12.04
C VAL A 149 9.53 -20.96 -12.12
N ALA A 150 8.57 -20.38 -11.38
CA ALA A 150 8.39 -18.92 -11.37
C ALA A 150 9.59 -18.22 -10.77
N ALA A 151 9.77 -16.97 -11.20
CA ALA A 151 10.84 -16.13 -10.66
C ALA A 151 10.44 -15.61 -9.26
N GLY A 152 10.64 -16.45 -8.26
CA GLY A 152 10.13 -16.20 -6.93
C GLY A 152 11.15 -15.90 -5.88
N ASP A 153 12.43 -15.74 -6.24
CA ASP A 153 13.46 -15.66 -5.21
C ASP A 153 13.97 -14.28 -4.91
N HIS A 154 13.44 -13.25 -5.58
CA HIS A 154 13.73 -11.84 -5.25
C HIS A 154 13.14 -10.89 -6.26
N ALA A 155 13.00 -11.30 -7.52
CA ALA A 155 12.80 -10.34 -8.59
C ALA A 155 11.49 -9.58 -8.40
N ALA A 156 10.47 -10.22 -7.84
CA ALA A 156 9.20 -9.56 -7.68
C ALA A 156 9.16 -8.50 -6.56
N ILE A 157 10.18 -8.45 -5.71
CA ILE A 157 10.30 -7.39 -4.70
C ILE A 157 11.01 -6.16 -5.24
N CYS A 158 11.67 -6.27 -6.39
CA CYS A 158 12.52 -5.19 -6.83
C CYS A 158 12.64 -4.86 -8.30
N TRP A 159 12.58 -5.84 -9.20
CA TRP A 159 12.89 -5.53 -10.60
C TRP A 159 12.01 -4.41 -11.20
N PRO A 160 10.70 -4.36 -10.93
CA PRO A 160 9.91 -3.25 -11.52
C PRO A 160 10.41 -1.87 -11.08
N LEU A 161 10.92 -1.77 -9.83
CA LEU A 161 11.45 -0.52 -9.30
C LEU A 161 12.96 -0.31 -9.57
N LEU A 162 13.54 -1.18 -10.37
CA LEU A 162 14.92 -1.08 -10.85
C LEU A 162 14.91 -0.63 -12.33
N VAL A 163 14.25 -1.42 -13.18
CA VAL A 163 14.28 -1.28 -14.62
C VAL A 163 12.94 -0.90 -15.27
N GLY A 164 11.88 -0.80 -14.49
CA GLY A 164 10.54 -0.59 -15.00
C GLY A 164 9.93 -1.91 -15.39
N MET A 165 8.60 -1.95 -15.54
CA MET A 165 7.93 -3.21 -15.73
C MET A 165 8.18 -3.87 -17.09
N ALA A 166 8.36 -3.08 -18.13
CA ALA A 166 8.49 -3.69 -19.47
C ALA A 166 9.81 -4.40 -19.59
N LYS A 167 10.86 -3.81 -19.10
CA LYS A 167 12.19 -4.48 -19.08
C LYS A 167 12.20 -5.63 -18.09
N ALA A 168 11.56 -5.47 -16.94
CA ALA A 168 11.53 -6.53 -15.95
C ALA A 168 10.86 -7.79 -16.55
N LYS A 169 9.68 -7.61 -17.15
CA LYS A 169 8.95 -8.75 -17.73
C LYS A 169 9.77 -9.34 -18.87
N TYR A 170 10.42 -8.52 -19.72
CA TYR A 170 11.19 -9.04 -20.82
C TYR A 170 12.23 -10.03 -20.32
N TYR A 171 13.05 -9.63 -19.36
CA TYR A 171 14.14 -10.50 -18.93
C TYR A 171 13.68 -11.64 -18.02
N LEU A 172 12.65 -11.41 -17.20
CA LEU A 172 12.23 -12.47 -16.28
C LEU A 172 11.44 -13.52 -16.99
N LEU A 173 10.66 -13.15 -17.99
CA LEU A 173 9.87 -14.16 -18.69
C LEU A 173 10.72 -14.95 -19.66
N THR A 174 11.59 -14.28 -20.41
CA THR A 174 12.40 -14.93 -21.47
C THR A 174 13.66 -15.61 -20.95
N CYS A 175 14.17 -15.09 -19.85
CA CYS A 175 15.48 -15.47 -19.32
C CYS A 175 16.62 -15.21 -20.29
N GLU A 176 16.46 -14.22 -21.16
CA GLU A 176 17.62 -13.81 -22.00
C GLU A 176 18.72 -13.24 -21.09
N THR A 177 19.99 -13.52 -21.40
CA THR A 177 21.08 -13.02 -20.56
C THR A 177 21.16 -11.52 -20.72
N LEU A 178 21.41 -10.87 -19.62
CA LEU A 178 21.60 -9.47 -19.53
C LEU A 178 23.09 -9.27 -19.26
N SER A 179 23.80 -8.56 -20.13
CA SER A 179 25.18 -8.20 -19.82
C SER A 179 25.22 -7.19 -18.70
N GLY A 180 26.38 -7.10 -18.06
CA GLY A 180 26.53 -6.03 -17.06
C GLY A 180 26.33 -4.65 -17.66
N GLU A 181 26.83 -4.45 -18.88
CA GLU A 181 26.70 -3.20 -19.57
C GLU A 181 25.23 -2.86 -19.79
N GLU A 182 24.46 -3.80 -20.28
CA GLU A 182 23.04 -3.53 -20.52
C GLU A 182 22.27 -3.38 -19.21
N ALA A 183 22.63 -4.15 -18.21
CA ALA A 183 22.03 -4.01 -16.85
C ALA A 183 22.18 -2.57 -16.34
N GLU A 184 23.36 -1.99 -16.52
CA GLU A 184 23.52 -0.60 -16.12
C GLU A 184 22.69 0.38 -16.95
N ARG A 185 22.62 0.13 -18.26
CA ARG A 185 21.86 0.97 -19.17
C ARG A 185 20.40 1.09 -18.75
N ILE A 186 19.83 -0.01 -18.29
CA ILE A 186 18.40 -0.03 -17.92
C ILE A 186 18.13 0.14 -16.43
N GLY A 187 19.17 0.26 -15.62
CA GLY A 187 18.98 0.63 -14.21
C GLY A 187 18.96 -0.50 -13.22
N LEU A 188 19.34 -1.71 -13.64
CA LEU A 188 19.31 -2.85 -12.73
C LEU A 188 20.44 -2.81 -11.72
N VAL A 189 21.59 -2.27 -12.14
CA VAL A 189 22.79 -2.14 -11.29
C VAL A 189 23.21 -0.68 -11.24
N SER A 190 23.98 -0.36 -10.22
CA SER A 190 24.35 1.04 -9.96
C SER A 190 25.36 1.59 -10.95
N THR A 191 26.35 0.79 -11.31
CA THR A 191 27.45 1.23 -12.15
C THR A 191 28.06 0.04 -12.85
N CYS A 192 28.72 0.32 -13.97
CA CYS A 192 29.35 -0.69 -14.80
CA CYS A 192 29.36 -0.71 -14.78
C CYS A 192 30.79 -0.23 -15.08
N VAL A 193 31.73 -1.13 -14.89
CA VAL A 193 33.14 -0.88 -15.21
C VAL A 193 33.73 -2.14 -15.87
N ASP A 194 34.94 -2.05 -16.43
CA ASP A 194 35.59 -3.22 -16.95
C ASP A 194 35.84 -4.25 -15.87
N ASP A 195 35.84 -5.53 -16.26
CA ASP A 195 36.06 -6.63 -15.31
C ASP A 195 37.20 -6.39 -14.32
N ASP A 196 38.35 -5.97 -14.85
CA ASP A 196 39.51 -5.79 -13.98
C ASP A 196 39.43 -4.55 -13.04
N GLU A 197 38.40 -3.72 -13.20
CA GLU A 197 38.16 -2.53 -12.38
CA GLU A 197 38.20 -2.57 -12.34
C GLU A 197 37.04 -2.78 -11.36
N VAL A 198 36.36 -3.93 -11.47
CA VAL A 198 35.15 -4.17 -10.60
C VAL A 198 35.51 -4.17 -9.09
N LEU A 199 36.49 -4.97 -8.69
CA LEU A 199 36.84 -5.05 -7.26
C LEU A 199 37.49 -3.76 -6.75
N PRO A 200 38.41 -3.16 -7.52
CA PRO A 200 38.90 -1.83 -7.09
C PRO A 200 37.83 -0.77 -6.92
N THR A 201 36.88 -0.73 -7.85
CA THR A 201 35.81 0.27 -7.77
C THR A 201 34.90 -0.01 -6.59
N ALA A 202 34.48 -1.26 -6.45
CA ALA A 202 33.65 -1.67 -5.33
C ALA A 202 34.35 -1.42 -3.98
N THR A 203 35.67 -1.63 -3.93
CA THR A 203 36.42 -1.41 -2.70
C THR A 203 36.45 0.06 -2.36
N ARG A 204 36.68 0.93 -3.34
CA ARG A 204 36.69 2.38 -3.07
CA ARG A 204 36.68 2.38 -3.09
C ARG A 204 35.31 2.85 -2.56
N LEU A 205 34.24 2.39 -3.20
CA LEU A 205 32.89 2.77 -2.80
C LEU A 205 32.60 2.29 -1.38
N ALA A 206 32.98 1.05 -1.07
CA ALA A 206 32.73 0.47 0.25
C ALA A 206 33.50 1.24 1.32
N GLU A 207 34.78 1.54 1.04
CA GLU A 207 35.60 2.28 1.98
C GLU A 207 35.10 3.70 2.15
N ASN A 208 34.60 4.32 1.10
CA ASN A 208 34.02 5.67 1.25
C ASN A 208 32.76 5.66 2.12
N LEU A 209 31.91 4.64 1.97
CA LEU A 209 30.75 4.51 2.86
C LEU A 209 31.20 4.26 4.31
N ALA A 210 32.26 3.47 4.47
CA ALA A 210 32.72 3.12 5.79
C ALA A 210 33.31 4.32 6.51
N GLN A 211 33.82 5.30 5.77
CA GLN A 211 34.40 6.51 6.34
C GLN A 211 33.42 7.69 6.37
N GLY A 212 32.18 7.48 5.91
CA GLY A 212 31.19 8.53 5.93
C GLY A 212 30.42 8.62 7.24
N ALA A 213 29.34 9.39 7.18
CA ALA A 213 28.49 9.62 8.35
C ALA A 213 27.54 8.43 8.53
N GLN A 214 27.80 7.58 9.52
CA GLN A 214 27.23 6.24 9.57
C GLN A 214 25.72 6.23 9.69
N ASN A 215 25.17 6.89 10.70
CA ASN A 215 23.68 6.88 10.84
C ASN A 215 22.99 7.56 9.64
N ALA A 216 23.56 8.62 9.10
CA ALA A 216 23.01 9.28 7.89
C ALA A 216 22.88 8.26 6.77
N ILE A 217 23.94 7.51 6.55
CA ILE A 217 23.96 6.52 5.47
C ILE A 217 22.93 5.39 5.73
N ARG A 218 22.98 4.82 6.93
CA ARG A 218 22.13 3.68 7.29
C ARG A 218 20.64 4.06 7.25
N TRP A 219 20.32 5.23 7.78
CA TRP A 219 18.96 5.66 7.78
C TRP A 219 18.43 6.04 6.40
N THR A 220 19.30 6.52 5.52
CA THR A 220 18.95 6.79 4.14
C THR A 220 18.55 5.50 3.48
N LYS A 221 19.42 4.49 3.54
CA LYS A 221 19.11 3.23 2.88
C LYS A 221 17.92 2.53 3.54
N ARG A 222 17.80 2.62 4.87
CA ARG A 222 16.63 2.03 5.56
C ARG A 222 15.35 2.63 5.04
N SER A 223 15.30 3.97 4.93
CA SER A 223 14.09 4.64 4.41
C SER A 223 13.75 4.22 2.99
N LEU A 224 14.75 4.20 2.14
CA LEU A 224 14.57 3.74 0.75
C LEU A 224 14.04 2.29 0.72
N ASN A 225 14.56 1.45 1.62
CA ASN A 225 14.12 0.06 1.66
C ASN A 225 12.66 -0.10 2.02
N HIS A 226 12.00 0.89 2.59
CA HIS A 226 10.55 0.81 2.79
CA HIS A 226 10.56 0.80 2.76
C HIS A 226 9.83 0.51 1.44
N TRP A 227 10.36 1.02 0.32
CA TRP A 227 9.73 0.76 -0.98
C TRP A 227 9.70 -0.74 -1.26
N TYR A 228 10.80 -1.44 -1.00
CA TYR A 228 10.84 -2.87 -1.21
C TYR A 228 9.92 -3.58 -0.19
N ARG A 229 9.94 -3.12 1.04
CA ARG A 229 9.08 -3.73 2.07
CA ARG A 229 9.08 -3.70 2.09
C ARG A 229 7.60 -3.67 1.74
N MET A 230 7.16 -2.59 1.08
CA MET A 230 5.76 -2.46 0.66
CA MET A 230 5.75 -2.48 0.67
C MET A 230 5.39 -3.52 -0.38
N PHE A 231 6.40 -4.08 -1.08
CA PHE A 231 6.16 -5.19 -2.02
C PHE A 231 6.55 -6.53 -1.46
N GLY A 232 6.72 -6.59 -0.14
CA GLY A 232 6.98 -7.85 0.53
C GLY A 232 5.91 -8.91 0.26
N PRO A 233 4.63 -8.53 0.39
CA PRO A 233 3.60 -9.55 0.15
C PRO A 233 3.58 -10.06 -1.28
N THR A 234 3.85 -9.16 -2.23
CA THR A 234 4.01 -9.51 -3.66
C THR A 234 5.18 -10.48 -3.83
N PHE A 235 6.31 -10.19 -3.20
CA PHE A 235 7.44 -11.11 -3.19
C PHE A 235 7.07 -12.47 -2.59
N GLU A 236 6.41 -12.50 -1.46
CA GLU A 236 6.07 -13.76 -0.85
C GLU A 236 5.13 -14.57 -1.70
N THR A 237 4.18 -13.95 -2.39
CA THR A 237 3.34 -14.77 -3.26
CA THR A 237 3.33 -14.71 -3.35
C THR A 237 4.15 -15.32 -4.45
N SER A 238 5.09 -14.57 -5.02
CA SER A 238 5.95 -15.09 -6.08
C SER A 238 6.73 -16.32 -5.57
N LEU A 239 7.22 -16.26 -4.35
CA LEU A 239 8.02 -17.31 -3.74
C LEU A 239 7.21 -18.59 -3.56
N GLY A 240 5.99 -18.46 -3.06
CA GLY A 240 5.13 -19.62 -2.98
C GLY A 240 4.83 -20.27 -4.30
N LEU A 241 4.62 -19.46 -5.31
CA LEU A 241 4.33 -19.99 -6.66
C LEU A 241 5.55 -20.70 -7.23
N GLU A 242 6.71 -20.09 -7.04
CA GLU A 242 7.97 -20.78 -7.42
C GLU A 242 8.06 -22.17 -6.73
N PHE A 243 7.85 -22.19 -5.41
CA PHE A 243 7.99 -23.42 -4.66
C PHE A 243 6.89 -24.46 -4.94
N LEU A 244 5.68 -24.02 -5.30
CA LEU A 244 4.69 -24.95 -5.86
C LEU A 244 5.14 -25.53 -7.20
N GLY A 245 5.94 -24.79 -7.97
CA GLY A 245 6.48 -25.33 -9.21
C GLY A 245 7.49 -26.45 -9.03
N PHE A 246 8.11 -26.54 -7.84
CA PHE A 246 9.13 -27.57 -7.63
C PHE A 246 8.51 -28.97 -7.51
N THR A 247 7.18 -29.00 -7.34
CA THR A 247 6.39 -30.21 -7.28
C THR A 247 5.77 -30.57 -8.65
N GLY A 248 5.99 -29.73 -9.69
CA GLY A 248 5.38 -29.91 -10.99
C GLY A 248 6.29 -30.63 -11.96
N PRO A 249 5.77 -30.97 -13.12
CA PRO A 249 6.54 -31.75 -14.09
C PRO A 249 7.61 -30.96 -14.86
N ASP A 250 7.38 -29.68 -15.09
CA ASP A 250 8.34 -28.95 -15.89
C ASP A 250 9.74 -28.91 -15.32
N VAL A 251 9.89 -28.73 -14.01
CA VAL A 251 11.21 -28.52 -13.44
C VAL A 251 12.12 -29.76 -13.61
N GLN A 252 11.54 -30.94 -13.67
CA GLN A 252 12.33 -32.18 -13.85
C GLN A 252 13.02 -32.11 -15.23
N GLU A 253 12.27 -31.72 -16.24
CA GLU A 253 12.86 -31.50 -17.58
C GLU A 253 13.82 -30.31 -17.58
N GLY A 254 13.45 -29.26 -16.86
CA GLY A 254 14.35 -28.10 -16.74
C GLY A 254 15.70 -28.43 -16.11
N LEU A 255 15.71 -29.24 -15.05
CA LEU A 255 16.95 -29.63 -14.39
C LEU A 255 17.76 -30.53 -15.35
N ALA A 256 17.06 -31.48 -15.98
CA ALA A 256 17.72 -32.41 -16.91
C ALA A 256 18.45 -31.62 -17.99
N ALA A 257 17.70 -30.73 -18.63
CA ALA A 257 18.20 -29.91 -19.75
C ALA A 257 19.40 -29.04 -19.35
N HIS A 258 19.35 -28.48 -18.15
CA HIS A 258 20.45 -27.66 -17.64
C HIS A 258 21.72 -28.50 -17.55
N ARG A 259 21.62 -29.62 -16.85
CA ARG A 259 22.76 -30.52 -16.64
C ARG A 259 23.30 -31.11 -17.96
N GLN A 260 22.43 -31.37 -18.94
CA GLN A 260 22.80 -32.05 -20.19
C GLN A 260 23.05 -31.10 -21.37
N LYS A 261 23.36 -29.83 -21.10
CA LYS A 261 23.55 -28.80 -22.15
C LYS A 261 22.71 -28.99 -23.42
N ARG A 262 21.41 -29.23 -23.23
CA ARG A 262 20.46 -29.26 -24.33
C ARG A 262 19.35 -28.23 -24.05
N PRO A 263 18.74 -27.71 -25.12
CA PRO A 263 17.54 -26.90 -24.89
C PRO A 263 16.47 -27.73 -24.17
N ALA A 264 15.83 -27.16 -23.15
CA ALA A 264 14.72 -27.84 -22.49
C ALA A 264 13.57 -28.05 -23.48
N ARG A 265 12.88 -29.17 -23.36
CA ARG A 265 11.74 -29.49 -24.21
C ARG A 265 10.54 -29.67 -23.30
N PHE A 266 9.98 -28.54 -22.87
CA PHE A 266 8.79 -28.55 -22.01
C PHE A 266 7.62 -28.91 -22.91
N LEU B 7 -30.94 -20.61 -20.02
CA LEU B 7 -29.67 -20.92 -20.75
C LEU B 7 -28.50 -20.11 -20.20
N THR B 8 -28.78 -19.04 -19.44
CA THR B 8 -27.72 -18.09 -19.03
C THR B 8 -26.68 -18.76 -18.13
N TYR B 9 -27.18 -19.65 -17.28
CA TYR B 9 -26.40 -20.28 -16.25
C TYR B 9 -26.34 -21.79 -16.43
N GLN B 10 -26.60 -22.29 -17.64
CA GLN B 10 -26.44 -23.72 -17.94
C GLN B 10 -25.01 -24.27 -17.75
N ASP B 11 -24.01 -23.40 -17.79
CA ASP B 11 -22.62 -23.80 -17.60
C ASP B 11 -22.30 -24.05 -16.12
N PHE B 12 -23.27 -23.87 -15.24
CA PHE B 12 -23.09 -24.03 -13.77
C PHE B 12 -24.08 -25.02 -13.18
N PRO B 13 -23.96 -26.31 -13.58
CA PRO B 13 -24.96 -27.32 -13.29
C PRO B 13 -25.18 -27.64 -11.82
N SER B 14 -24.17 -27.39 -10.98
CA SER B 14 -24.27 -27.70 -9.56
C SER B 14 -25.06 -26.65 -8.76
N LEU B 15 -25.31 -25.48 -9.34
CA LEU B 15 -25.98 -24.40 -8.62
C LEU B 15 -27.43 -24.30 -9.05
N ARG B 16 -28.28 -23.83 -8.13
CA ARG B 16 -29.71 -23.53 -8.41
C ARG B 16 -29.91 -22.07 -8.55
N PHE B 17 -30.55 -21.66 -9.66
CA PHE B 17 -30.79 -20.24 -9.99
C PHE B 17 -32.30 -20.03 -10.04
N GLU B 18 -32.82 -19.23 -9.11
CA GLU B 18 -34.27 -19.06 -8.93
C GLU B 18 -34.62 -17.60 -8.87
N PRO B 19 -35.38 -17.10 -9.87
CA PRO B 19 -35.62 -15.67 -9.84
C PRO B 19 -36.48 -15.27 -8.63
N GLY B 20 -36.15 -14.14 -8.01
CA GLY B 20 -36.95 -13.53 -6.96
C GLY B 20 -37.68 -12.34 -7.56
N GLU B 21 -37.99 -11.36 -6.71
CA GLU B 21 -38.72 -10.17 -7.10
C GLU B 21 -37.72 -9.06 -7.41
N HIS B 22 -38.04 -8.22 -8.40
CA HIS B 22 -37.36 -6.94 -8.61
C HIS B 22 -35.89 -7.08 -9.05
N GLY B 23 -35.54 -8.20 -9.67
CA GLY B 23 -34.17 -8.42 -10.11
C GLY B 23 -33.28 -9.13 -9.10
N VAL B 24 -33.87 -9.64 -8.04
CA VAL B 24 -33.14 -10.50 -7.09
C VAL B 24 -32.99 -11.89 -7.71
N LEU B 25 -31.77 -12.44 -7.71
CA LEU B 25 -31.54 -13.81 -8.11
C LEU B 25 -31.22 -14.61 -6.86
N ASN B 26 -32.00 -15.66 -6.59
CA ASN B 26 -31.69 -16.54 -5.51
C ASN B 26 -30.73 -17.58 -6.05
N LEU B 27 -29.56 -17.70 -5.44
CA LEU B 27 -28.51 -18.66 -5.81
C LEU B 27 -28.43 -19.61 -4.64
N VAL B 28 -28.76 -20.88 -4.87
CA VAL B 28 -28.91 -21.86 -3.77
C VAL B 28 -27.89 -22.99 -3.94
N LEU B 29 -27.15 -23.24 -2.85
CA LEU B 29 -26.18 -24.34 -2.75
C LEU B 29 -26.96 -25.52 -2.13
N ASP B 30 -27.19 -26.53 -2.93
CA ASP B 30 -28.08 -27.65 -2.54
C ASP B 30 -27.36 -28.90 -3.01
N SER B 31 -26.77 -29.61 -2.06
CA SER B 31 -26.11 -30.83 -2.36
C SER B 31 -26.18 -31.65 -1.09
N PRO B 32 -25.92 -32.96 -1.22
CA PRO B 32 -25.93 -33.78 -0.02
C PRO B 32 -24.88 -33.42 1.03
N GLY B 33 -25.09 -33.93 2.23
CA GLY B 33 -24.17 -33.72 3.33
C GLY B 33 -24.14 -32.28 3.82
N LEU B 34 -25.33 -31.69 3.93
CA LEU B 34 -25.53 -30.26 4.36
C LEU B 34 -24.80 -29.30 3.41
N ASN B 35 -25.07 -29.53 2.13
CA ASN B 35 -24.58 -28.73 1.02
C ASN B 35 -23.05 -28.72 0.95
N SER B 36 -22.49 -29.93 0.99
CA SER B 36 -21.07 -30.10 0.78
C SER B 36 -20.70 -29.74 -0.66
N VAL B 37 -19.50 -29.22 -0.80
CA VAL B 37 -19.01 -28.67 -2.06
C VAL B 37 -18.10 -29.66 -2.71
N GLY B 38 -18.53 -30.27 -3.82
CA GLY B 38 -17.73 -31.16 -4.59
C GLY B 38 -16.97 -30.45 -5.69
N PRO B 39 -16.26 -31.21 -6.55
CA PRO B 39 -15.45 -30.58 -7.60
C PRO B 39 -16.25 -29.69 -8.53
N GLN B 40 -17.42 -30.13 -9.00
CA GLN B 40 -18.21 -29.25 -9.89
C GLN B 40 -18.63 -27.97 -9.22
N MET B 41 -19.11 -28.07 -7.98
CA MET B 41 -19.61 -26.91 -7.26
C MET B 41 -18.46 -25.97 -6.94
N HIS B 42 -17.30 -26.51 -6.65
CA HIS B 42 -16.13 -25.62 -6.35
C HIS B 42 -15.78 -24.78 -7.56
N ARG B 43 -15.80 -25.40 -8.74
CA ARG B 43 -15.54 -24.68 -9.98
C ARG B 43 -16.70 -23.69 -10.29
N ASP B 44 -17.94 -24.11 -10.11
CA ASP B 44 -19.09 -23.27 -10.46
C ASP B 44 -19.12 -22.05 -9.53
N LEU B 45 -18.89 -22.22 -8.22
CA LEU B 45 -18.89 -21.08 -7.33
C LEU B 45 -17.81 -20.08 -7.72
N ALA B 46 -16.66 -20.56 -8.17
CA ALA B 46 -15.58 -19.66 -8.58
C ALA B 46 -16.00 -18.82 -9.78
N ASP B 47 -16.61 -19.46 -10.77
CA ASP B 47 -16.74 -18.86 -12.10
C ASP B 47 -18.10 -18.21 -12.39
N VAL B 48 -19.07 -18.37 -11.50
CA VAL B 48 -20.41 -17.84 -11.72
C VAL B 48 -20.50 -16.32 -11.68
N TRP B 49 -19.68 -15.68 -10.84
CA TRP B 49 -19.85 -14.28 -10.52
C TRP B 49 -19.70 -13.36 -11.73
N PRO B 50 -18.71 -13.57 -12.59
CA PRO B 50 -18.65 -12.67 -13.76
C PRO B 50 -19.85 -12.74 -14.69
N VAL B 51 -20.49 -13.92 -14.77
CA VAL B 51 -21.66 -14.13 -15.61
C VAL B 51 -22.83 -13.33 -15.01
N ILE B 52 -22.99 -13.40 -13.68
CA ILE B 52 -24.00 -12.62 -13.00
C ILE B 52 -23.82 -11.13 -13.20
N ASP B 53 -22.59 -10.63 -13.12
CA ASP B 53 -22.30 -9.21 -13.26
C ASP B 53 -22.72 -8.70 -14.65
N ARG B 54 -22.62 -9.55 -15.67
CA ARG B 54 -22.97 -9.17 -17.06
C ARG B 54 -24.40 -9.43 -17.40
N ASP B 55 -25.18 -10.07 -16.52
CA ASP B 55 -26.58 -10.41 -16.79
C ASP B 55 -27.46 -9.24 -16.43
N PRO B 56 -28.00 -8.51 -17.44
CA PRO B 56 -28.78 -7.31 -17.14
C PRO B 56 -30.09 -7.54 -16.33
N ASP B 57 -30.60 -8.76 -16.32
CA ASP B 57 -31.81 -9.07 -15.57
C ASP B 57 -31.55 -9.33 -14.06
N VAL B 58 -30.28 -9.42 -13.64
CA VAL B 58 -29.97 -9.60 -12.22
C VAL B 58 -29.44 -8.30 -11.65
N ARG B 59 -30.05 -7.83 -10.56
CA ARG B 59 -29.59 -6.66 -9.80
C ARG B 59 -28.87 -7.01 -8.50
N VAL B 60 -29.36 -8.05 -7.83
CA VAL B 60 -28.86 -8.45 -6.49
C VAL B 60 -28.89 -9.97 -6.42
N VAL B 61 -27.86 -10.56 -5.82
CA VAL B 61 -27.82 -12.00 -5.55
C VAL B 61 -28.13 -12.25 -4.07
N LEU B 62 -29.09 -13.13 -3.80
CA LEU B 62 -29.36 -13.62 -2.47
C LEU B 62 -28.90 -15.07 -2.42
N VAL B 63 -27.82 -15.34 -1.69
CA VAL B 63 -27.16 -16.62 -1.71
C VAL B 63 -27.42 -17.34 -0.39
N ARG B 64 -27.77 -18.62 -0.49
CA ARG B 64 -28.06 -19.41 0.70
CA ARG B 64 -28.04 -19.41 0.70
C ARG B 64 -27.82 -20.89 0.41
N GLY B 65 -27.76 -21.67 1.48
CA GLY B 65 -27.85 -23.11 1.33
C GLY B 65 -29.29 -23.54 1.32
N GLU B 66 -29.53 -24.74 0.82
CA GLU B 66 -30.82 -25.41 1.01
C GLU B 66 -30.98 -25.85 2.43
N GLY B 67 -32.11 -25.47 3.03
CA GLY B 67 -32.41 -25.86 4.40
C GLY B 67 -31.62 -25.17 5.50
N LYS B 68 -31.36 -25.91 6.58
CA LYS B 68 -30.73 -25.34 7.78
C LYS B 68 -29.22 -25.48 7.74
N ALA B 69 -28.64 -25.17 6.59
CA ALA B 69 -27.20 -25.22 6.40
C ALA B 69 -26.79 -24.34 5.24
N PHE B 70 -25.68 -23.63 5.38
CA PHE B 70 -25.12 -22.91 4.22
C PHE B 70 -24.21 -23.89 3.51
N SER B 71 -23.14 -24.34 4.16
CA SER B 71 -22.35 -25.46 3.66
C SER B 71 -21.53 -26.08 4.76
N SER B 72 -21.52 -27.41 4.79
CA SER B 72 -20.79 -28.15 5.80
C SER B 72 -19.31 -28.18 5.49
N GLY B 73 -18.89 -27.86 4.26
CA GLY B 73 -17.50 -27.97 3.86
C GLY B 73 -17.30 -28.64 2.50
N GLY B 74 -16.04 -28.87 2.17
CA GLY B 74 -15.66 -29.60 0.94
C GLY B 74 -15.96 -31.06 1.03
N SER B 75 -16.33 -31.69 -0.08
CA SER B 75 -16.62 -33.12 -0.10
C SER B 75 -15.36 -33.98 -0.09
N PHE B 76 -15.52 -35.25 0.20
CA PHE B 76 -14.43 -36.18 0.17
C PHE B 76 -13.66 -36.12 -1.15
N GLU B 77 -14.41 -36.10 -2.24
CA GLU B 77 -13.85 -36.12 -3.56
C GLU B 77 -13.05 -34.84 -3.85
N LEU B 78 -13.56 -33.71 -3.42
CA LEU B 78 -12.80 -32.45 -3.64
C LEU B 78 -11.47 -32.50 -2.91
N ILE B 79 -11.49 -32.92 -1.64
CA ILE B 79 -10.27 -32.94 -0.85
C ILE B 79 -9.32 -33.99 -1.41
N ASP B 80 -9.85 -35.14 -1.79
CA ASP B 80 -9.01 -36.14 -2.34
C ASP B 80 -8.30 -35.71 -3.63
N GLU B 81 -8.97 -34.97 -4.50
CA GLU B 81 -8.27 -34.53 -5.72
CA GLU B 81 -8.33 -34.48 -5.74
C GLU B 81 -7.21 -33.49 -5.37
N THR B 82 -7.52 -32.63 -4.40
CA THR B 82 -6.59 -31.62 -3.92
C THR B 82 -5.28 -32.26 -3.45
N ILE B 83 -5.36 -33.36 -2.70
CA ILE B 83 -4.16 -33.98 -2.16
C ILE B 83 -3.48 -34.93 -3.14
N GLY B 84 -4.21 -35.50 -4.06
CA GLY B 84 -3.70 -36.67 -4.79
C GLY B 84 -3.15 -36.49 -6.18
N ASP B 85 -3.38 -35.35 -6.78
CA ASP B 85 -3.06 -35.17 -8.19
C ASP B 85 -2.54 -33.74 -8.46
N TYR B 86 -1.33 -33.57 -9.01
CA TYR B 86 -0.78 -32.22 -9.20
C TYR B 86 -1.67 -31.34 -10.09
N GLU B 87 -2.05 -31.83 -11.26
CA GLU B 87 -2.83 -31.01 -12.19
C GLU B 87 -4.15 -30.58 -11.55
N GLY B 88 -4.81 -31.50 -10.89
CA GLY B 88 -6.06 -31.22 -10.21
C GLY B 88 -5.92 -30.25 -9.08
N ARG B 89 -4.85 -30.40 -8.32
CA ARG B 89 -4.57 -29.50 -7.23
CA ARG B 89 -4.55 -29.50 -7.22
C ARG B 89 -4.42 -28.08 -7.73
N ILE B 90 -3.70 -27.89 -8.83
CA ILE B 90 -3.50 -26.51 -9.34
C ILE B 90 -4.82 -25.96 -9.91
N ARG B 91 -5.64 -26.84 -10.49
CA ARG B 91 -6.95 -26.43 -10.95
C ARG B 91 -7.82 -25.92 -9.79
N ILE B 92 -7.81 -26.69 -8.70
CA ILE B 92 -8.58 -26.34 -7.53
C ILE B 92 -8.05 -25.06 -6.88
N MET B 93 -6.75 -24.87 -6.90
CA MET B 93 -6.13 -23.63 -6.39
CA MET B 93 -6.14 -23.64 -6.40
C MET B 93 -6.58 -22.44 -7.22
N ARG B 94 -6.63 -22.59 -8.54
CA ARG B 94 -7.10 -21.50 -9.41
C ARG B 94 -8.56 -21.15 -9.06
N GLU B 95 -9.38 -22.17 -8.86
CA GLU B 95 -10.79 -21.97 -8.48
C GLU B 95 -10.88 -21.24 -7.12
N ALA B 96 -10.05 -21.64 -6.15
CA ALA B 96 -10.10 -21.04 -4.83
C ALA B 96 -9.72 -19.57 -4.89
N ARG B 97 -8.68 -19.27 -5.66
CA ARG B 97 -8.21 -17.93 -5.92
C ARG B 97 -9.33 -17.09 -6.54
N ASP B 98 -9.89 -17.58 -7.60
CA ASP B 98 -10.86 -16.81 -8.34
C ASP B 98 -12.23 -16.70 -7.66
N LEU B 99 -12.57 -17.63 -6.76
CA LEU B 99 -13.78 -17.44 -5.96
C LEU B 99 -13.69 -16.12 -5.18
N VAL B 100 -12.58 -15.96 -4.47
CA VAL B 100 -12.36 -14.76 -3.70
C VAL B 100 -12.28 -13.54 -4.62
N LEU B 101 -11.41 -13.62 -5.63
CA LEU B 101 -11.15 -12.43 -6.44
C LEU B 101 -12.35 -12.06 -7.31
N ASN B 102 -13.08 -13.01 -7.83
CA ASN B 102 -14.27 -12.69 -8.61
C ASN B 102 -15.37 -12.12 -7.75
N LEU B 103 -15.51 -12.58 -6.52
CA LEU B 103 -16.46 -11.94 -5.63
C LEU B 103 -16.02 -10.51 -5.26
N VAL B 104 -14.77 -10.29 -4.91
CA VAL B 104 -14.29 -8.93 -4.56
C VAL B 104 -14.39 -7.97 -5.76
N ASN B 105 -14.34 -8.53 -6.97
CA ASN B 105 -14.43 -7.70 -8.18
C ASN B 105 -15.85 -7.58 -8.73
N LEU B 106 -16.84 -8.15 -8.06
CA LEU B 106 -18.24 -8.14 -8.50
C LEU B 106 -18.87 -6.81 -8.13
N ASP B 107 -19.48 -6.11 -9.09
CA ASP B 107 -20.10 -4.83 -8.77
C ASP B 107 -21.50 -4.97 -8.19
N LYS B 108 -22.25 -6.00 -8.58
CA LYS B 108 -23.58 -6.18 -8.02
C LYS B 108 -23.51 -6.64 -6.55
N PRO B 109 -24.49 -6.22 -5.73
CA PRO B 109 -24.48 -6.67 -4.32
C PRO B 109 -24.92 -8.10 -4.14
N VAL B 110 -24.34 -8.73 -3.12
CA VAL B 110 -24.65 -10.09 -2.68
C VAL B 110 -25.08 -10.05 -1.23
N VAL B 111 -26.22 -10.67 -0.96
CA VAL B 111 -26.73 -10.82 0.40
C VAL B 111 -26.70 -12.30 0.72
N SER B 112 -26.02 -12.68 1.81
CA SER B 112 -26.03 -14.08 2.26
C SER B 112 -26.99 -14.33 3.41
N ALA B 113 -27.65 -15.49 3.34
CA ALA B 113 -28.55 -15.95 4.37
C ALA B 113 -27.96 -17.19 4.97
N ILE B 114 -27.37 -17.04 6.16
CA ILE B 114 -26.50 -18.07 6.77
C ILE B 114 -27.27 -18.79 7.87
N ARG B 115 -27.55 -20.05 7.65
CA ARG B 115 -28.18 -20.90 8.64
C ARG B 115 -27.25 -22.11 8.86
N GLY B 116 -27.22 -22.62 10.09
CA GLY B 116 -26.49 -23.84 10.37
C GLY B 116 -25.00 -23.69 10.09
N PRO B 117 -24.34 -24.77 9.61
CA PRO B 117 -22.88 -24.69 9.35
C PRO B 117 -22.52 -23.86 8.13
N ALA B 118 -21.41 -23.14 8.25
CA ALA B 118 -20.81 -22.38 7.17
C ALA B 118 -19.32 -22.59 7.30
N VAL B 119 -18.80 -23.40 6.39
CA VAL B 119 -17.43 -23.93 6.35
C VAL B 119 -16.93 -23.98 4.88
N GLY B 120 -15.62 -23.75 4.65
CA GLY B 120 -15.00 -23.94 3.30
C GLY B 120 -15.43 -22.87 2.29
N ALA B 121 -15.58 -23.27 1.03
CA ALA B 121 -16.00 -22.34 -0.02
C ALA B 121 -17.35 -21.72 0.28
N GLY B 122 -18.25 -22.46 0.91
CA GLY B 122 -19.51 -21.86 1.33
C GLY B 122 -19.28 -20.70 2.29
N LEU B 123 -18.37 -20.90 3.25
CA LEU B 123 -18.08 -19.80 4.20
C LEU B 123 -17.51 -18.61 3.45
N VAL B 124 -16.62 -18.87 2.47
CA VAL B 124 -16.05 -17.79 1.67
C VAL B 124 -17.15 -16.89 1.11
N VAL B 125 -18.13 -17.52 0.48
CA VAL B 125 -19.27 -16.77 -0.11
C VAL B 125 -20.08 -16.09 0.99
N ALA B 126 -20.32 -16.80 2.08
CA ALA B 126 -21.15 -16.25 3.17
C ALA B 126 -20.56 -14.95 3.74
N LEU B 127 -19.23 -14.92 3.92
CA LEU B 127 -18.59 -13.80 4.57
C LEU B 127 -18.12 -12.70 3.61
N LEU B 128 -17.88 -13.03 2.34
CA LEU B 128 -17.56 -11.99 1.36
C LEU B 128 -18.81 -11.36 0.75
N ALA B 129 -19.98 -11.91 0.99
CA ALA B 129 -21.24 -11.22 0.69
C ALA B 129 -21.19 -9.82 1.25
N ASP B 130 -21.77 -8.88 0.51
CA ASP B 130 -21.85 -7.50 0.99
C ASP B 130 -22.65 -7.33 2.27
N ILE B 131 -23.79 -8.00 2.37
CA ILE B 131 -24.57 -8.00 3.58
C ILE B 131 -24.73 -9.45 3.96
N SER B 132 -24.24 -9.83 5.14
CA SER B 132 -24.35 -11.19 5.64
C SER B 132 -25.36 -11.22 6.84
N VAL B 133 -26.40 -12.04 6.68
CA VAL B 133 -27.44 -12.24 7.66
C VAL B 133 -27.23 -13.62 8.28
N ALA B 134 -26.82 -13.65 9.57
CA ALA B 134 -26.48 -14.87 10.26
C ALA B 134 -27.57 -15.27 11.25
N SER B 135 -27.94 -16.54 11.20
CA SER B 135 -28.69 -17.13 12.28
C SER B 135 -27.90 -17.01 13.57
N ALA B 136 -28.56 -16.65 14.65
CA ALA B 136 -27.93 -16.65 15.98
C ALA B 136 -27.24 -17.97 16.26
N THR B 137 -27.77 -19.06 15.70
CA THR B 137 -27.24 -20.41 15.93
C THR B 137 -26.50 -21.01 14.74
N ALA B 138 -26.13 -20.17 13.78
CA ALA B 138 -25.19 -20.60 12.76
C ALA B 138 -23.90 -20.98 13.41
N LYS B 139 -23.14 -21.82 12.71
CA LYS B 139 -21.86 -22.33 13.20
C LYS B 139 -20.83 -21.96 12.12
N ILE B 140 -20.05 -20.93 12.39
CA ILE B 140 -19.03 -20.46 11.44
C ILE B 140 -17.68 -21.00 11.85
N ILE B 141 -17.03 -21.71 10.94
CA ILE B 141 -15.76 -22.38 11.30
C ILE B 141 -14.79 -22.23 10.14
N ASP B 142 -13.70 -21.53 10.46
N ASP B 142 -13.60 -21.72 10.37
CA ASP B 142 -12.44 -21.71 9.74
CA ASP B 142 -12.65 -21.73 9.23
C ASP B 142 -11.59 -22.72 10.48
C ASP B 142 -12.07 -23.14 8.89
N GLY B 143 -11.61 -23.86 9.93
CA GLY B 143 -11.10 -25.18 10.19
C GLY B 143 -9.75 -25.55 9.65
N HIS B 144 -9.12 -24.65 8.90
CA HIS B 144 -7.92 -25.07 8.17
C HIS B 144 -6.78 -25.57 9.07
N THR B 145 -6.39 -24.81 10.11
CA THR B 145 -5.21 -25.15 10.84
C THR B 145 -5.39 -26.46 11.59
N LYS B 146 -6.62 -26.72 12.04
CA LYS B 146 -6.98 -28.00 12.68
C LYS B 146 -6.83 -29.19 11.74
N LEU B 147 -7.11 -28.95 10.47
CA LEU B 147 -6.93 -29.96 9.41
C LEU B 147 -5.48 -30.12 8.96
N GLY B 148 -4.62 -29.16 9.23
CA GLY B 148 -3.23 -29.27 8.96
C GLY B 148 -2.70 -28.35 7.86
N VAL B 149 -3.51 -27.38 7.43
CA VAL B 149 -3.08 -26.46 6.35
C VAL B 149 -3.35 -25.03 6.77
N ALA B 150 -2.65 -24.08 6.17
CA ALA B 150 -2.89 -22.67 6.47
C ALA B 150 -4.29 -22.22 6.06
N ALA B 151 -4.77 -21.19 6.74
CA ALA B 151 -6.09 -20.59 6.40
C ALA B 151 -5.95 -19.71 5.19
N GLY B 152 -5.95 -20.34 4.02
CA GLY B 152 -5.63 -19.66 2.78
C GLY B 152 -6.74 -19.42 1.80
N ASP B 153 -7.98 -19.67 2.19
CA ASP B 153 -9.06 -19.64 1.19
C ASP B 153 -9.91 -18.40 1.16
N HIS B 154 -9.61 -17.45 2.07
CA HIS B 154 -10.19 -16.11 2.04
C HIS B 154 -9.83 -15.27 3.24
N ALA B 155 -9.62 -15.88 4.38
CA ALA B 155 -9.60 -15.10 5.61
C ALA B 155 -8.56 -14.01 5.63
N ALA B 156 -7.42 -14.28 5.02
CA ALA B 156 -6.35 -13.29 5.00
C ALA B 156 -6.63 -12.05 4.17
N ILE B 157 -7.65 -12.08 3.29
CA ILE B 157 -8.07 -10.87 2.57
C ILE B 157 -9.03 -9.97 3.33
N CYS B 158 -9.60 -10.47 4.44
CA CYS B 158 -10.74 -9.81 5.06
C CYS B 158 -10.86 -9.88 6.58
N TRP B 159 -10.52 -10.97 7.23
CA TRP B 159 -10.86 -11.06 8.66
C TRP B 159 -10.30 -9.90 9.50
N PRO B 160 -9.03 -9.47 9.30
CA PRO B 160 -8.55 -8.32 10.13
C PRO B 160 -9.41 -7.06 10.00
N LEU B 161 -9.99 -6.84 8.82
CA LEU B 161 -10.85 -5.68 8.53
C LEU B 161 -12.32 -5.96 8.81
N LEU B 162 -12.63 -7.16 9.31
CA LEU B 162 -13.98 -7.43 9.86
C LEU B 162 -14.01 -7.38 11.35
N VAL B 163 -13.11 -8.14 12.00
CA VAL B 163 -13.12 -8.35 13.44
C VAL B 163 -11.93 -7.81 14.22
N GLY B 164 -10.95 -7.23 13.51
CA GLY B 164 -9.71 -6.79 14.07
C GLY B 164 -8.76 -7.95 14.21
N MET B 165 -7.46 -7.68 14.37
CA MET B 165 -6.46 -8.71 14.30
C MET B 165 -6.49 -9.73 15.43
N ALA B 166 -6.85 -9.27 16.63
CA ALA B 166 -6.82 -10.14 17.83
C ALA B 166 -7.91 -11.20 17.70
N LYS B 167 -9.13 -10.81 17.33
CA LYS B 167 -10.20 -11.77 17.12
C LYS B 167 -9.91 -12.64 15.88
N ALA B 168 -9.32 -12.07 14.83
CA ALA B 168 -9.09 -12.86 13.63
C ALA B 168 -8.08 -13.95 13.96
N LYS B 169 -7.00 -13.61 14.66
CA LYS B 169 -5.98 -14.60 15.01
C LYS B 169 -6.56 -15.66 15.94
N TYR B 170 -7.41 -15.22 16.87
CA TYR B 170 -7.98 -16.18 17.80
C TYR B 170 -8.71 -17.27 17.07
N TYR B 171 -9.67 -16.91 16.21
CA TYR B 171 -10.50 -17.92 15.57
C TYR B 171 -9.78 -18.74 14.46
N LEU B 172 -8.85 -18.08 13.77
CA LEU B 172 -8.15 -18.73 12.68
C LEU B 172 -7.08 -19.65 13.19
N LEU B 173 -6.47 -19.33 14.32
CA LEU B 173 -5.44 -20.22 14.92
C LEU B 173 -5.99 -21.31 15.81
N THR B 174 -7.07 -21.08 16.56
CA THR B 174 -7.68 -22.12 17.43
C THR B 174 -8.71 -22.97 16.70
N CYS B 175 -9.32 -22.44 15.63
CA CYS B 175 -10.43 -23.11 14.94
C CYS B 175 -11.67 -23.34 15.80
N GLU B 176 -11.79 -22.54 16.84
CA GLU B 176 -13.05 -22.56 17.64
C GLU B 176 -14.24 -22.15 16.82
N THR B 177 -15.41 -22.75 17.07
CA THR B 177 -16.61 -22.40 16.35
C THR B 177 -17.07 -21.05 16.87
N LEU B 178 -17.55 -20.28 15.94
CA LEU B 178 -18.13 -19.02 16.21
C LEU B 178 -19.60 -19.14 15.95
N SER B 179 -20.43 -18.86 16.95
CA SER B 179 -21.86 -18.80 16.66
C SER B 179 -22.16 -17.56 15.81
N GLY B 180 -23.31 -17.57 15.15
CA GLY B 180 -23.71 -16.40 14.40
C GLY B 180 -23.86 -15.20 15.32
N GLU B 181 -24.36 -15.44 16.51
CA GLU B 181 -24.50 -14.38 17.55
C GLU B 181 -23.15 -13.76 17.90
N GLU B 182 -22.15 -14.58 18.20
CA GLU B 182 -20.83 -14.04 18.52
C GLU B 182 -20.19 -13.41 17.30
N ALA B 183 -20.40 -13.99 16.11
CA ALA B 183 -19.88 -13.40 14.89
C ALA B 183 -20.38 -11.98 14.70
N GLU B 184 -21.65 -11.75 14.98
CA GLU B 184 -22.18 -10.39 14.85
C GLU B 184 -21.64 -9.46 15.94
N ARG B 185 -21.42 -9.97 17.14
CA ARG B 185 -20.87 -9.19 18.28
C ARG B 185 -19.50 -8.65 17.96
N ILE B 186 -18.73 -9.40 17.16
CA ILE B 186 -17.35 -8.99 16.86
C ILE B 186 -17.15 -8.35 15.51
N GLY B 187 -18.22 -8.32 14.69
CA GLY B 187 -18.15 -7.62 13.40
C GLY B 187 -17.93 -8.44 12.17
N LEU B 188 -17.93 -9.79 12.30
CA LEU B 188 -17.69 -10.65 11.15
C LEU B 188 -18.83 -10.67 10.13
N VAL B 189 -20.04 -10.55 10.65
CA VAL B 189 -21.29 -10.52 9.84
C VAL B 189 -22.08 -9.24 10.10
N SER B 190 -22.94 -8.93 9.15
CA SER B 190 -23.64 -7.64 9.17
C SER B 190 -24.72 -7.58 10.23
N THR B 191 -25.45 -8.69 10.42
CA THR B 191 -26.61 -8.71 11.28
C THR B 191 -26.92 -10.16 11.67
N CYS B 192 -27.62 -10.31 12.79
CA CYS B 192 -27.96 -11.59 13.37
C CYS B 192 -29.43 -11.57 13.76
N VAL B 193 -30.12 -12.61 13.35
CA VAL B 193 -31.50 -12.86 13.73
C VAL B 193 -31.72 -14.33 14.06
N ASP B 194 -32.87 -14.66 14.63
CA ASP B 194 -33.20 -16.04 14.89
C ASP B 194 -33.20 -16.82 13.59
N ASP B 195 -32.84 -18.09 13.67
CA ASP B 195 -32.80 -18.98 12.52
C ASP B 195 -34.02 -18.83 11.58
N ASP B 196 -35.24 -18.78 12.14
CA ASP B 196 -36.42 -18.73 11.30
C ASP B 196 -36.71 -17.37 10.68
N GLU B 197 -35.88 -16.38 11.00
CA GLU B 197 -36.03 -15.05 10.47
C GLU B 197 -34.91 -14.73 9.47
N VAL B 198 -33.94 -15.62 9.36
CA VAL B 198 -32.79 -15.37 8.45
C VAL B 198 -33.21 -15.12 7.00
N LEU B 199 -33.93 -16.04 6.40
CA LEU B 199 -34.29 -15.87 5.00
C LEU B 199 -35.28 -14.73 4.80
N PRO B 200 -36.27 -14.56 5.70
CA PRO B 200 -37.11 -13.36 5.47
C PRO B 200 -36.37 -12.02 5.56
N THR B 201 -35.41 -11.94 6.48
CA THR B 201 -34.63 -10.70 6.70
C THR B 201 -33.74 -10.47 5.49
N ALA B 202 -33.04 -11.53 5.07
CA ALA B 202 -32.18 -11.43 3.88
C ALA B 202 -32.95 -11.07 2.62
N THR B 203 -34.18 -11.62 2.49
CA THR B 203 -35.02 -11.33 1.35
C THR B 203 -35.44 -9.85 1.32
N ARG B 204 -35.84 -9.28 2.47
CA ARG B 204 -36.18 -7.87 2.57
CA ARG B 204 -36.19 -7.87 2.53
C ARG B 204 -35.01 -6.98 2.18
N LEU B 205 -33.83 -7.32 2.72
CA LEU B 205 -32.63 -6.52 2.44
C LEU B 205 -32.29 -6.58 0.94
N ALA B 206 -32.35 -7.77 0.36
CA ALA B 206 -32.05 -7.96 -1.07
C ALA B 206 -33.03 -7.21 -1.96
N GLU B 207 -34.31 -7.33 -1.66
CA GLU B 207 -35.33 -6.62 -2.42
C GLU B 207 -35.22 -5.09 -2.27
N ASN B 208 -34.83 -4.62 -1.10
CA ASN B 208 -34.63 -3.18 -0.89
C ASN B 208 -33.46 -2.65 -1.74
N LEU B 209 -32.36 -3.39 -1.76
CA LEU B 209 -31.26 -3.03 -2.68
C LEU B 209 -31.70 -3.08 -4.14
N ALA B 210 -32.44 -4.11 -4.51
CA ALA B 210 -32.89 -4.26 -5.91
C ALA B 210 -33.81 -3.13 -6.38
N GLN B 211 -34.52 -2.51 -5.45
CA GLN B 211 -35.38 -1.38 -5.75
C GLN B 211 -34.73 -0.02 -5.57
N GLY B 212 -33.48 0.01 -5.10
CA GLY B 212 -32.79 1.27 -4.87
C GLY B 212 -32.09 1.80 -6.13
N ALA B 213 -31.26 2.82 -5.88
CA ALA B 213 -30.51 3.48 -6.94
C ALA B 213 -29.31 2.64 -7.34
N GLN B 214 -29.37 1.99 -8.48
CA GLN B 214 -28.46 0.90 -8.79
C GLN B 214 -27.02 1.31 -8.89
N ASN B 215 -26.67 2.30 -9.69
CA ASN B 215 -25.26 2.66 -9.80
C ASN B 215 -24.72 3.18 -8.43
N ALA B 216 -25.53 3.90 -7.68
CA ALA B 216 -25.08 4.38 -6.40
C ALA B 216 -24.66 3.25 -5.48
N ILE B 217 -25.49 2.22 -5.44
CA ILE B 217 -25.25 1.04 -4.62
C ILE B 217 -23.99 0.32 -5.10
N ARG B 218 -23.91 0.05 -6.39
CA ARG B 218 -22.82 -0.75 -6.94
C ARG B 218 -21.48 0.02 -6.79
N TRP B 219 -21.48 1.31 -7.10
CA TRP B 219 -20.27 2.11 -7.00
C TRP B 219 -19.81 2.28 -5.54
N THR B 220 -20.78 2.32 -4.60
CA THR B 220 -20.43 2.29 -3.15
C THR B 220 -19.73 1.01 -2.76
N LYS B 221 -20.29 -0.13 -3.10
CA LYS B 221 -19.63 -1.37 -2.74
C LYS B 221 -18.31 -1.58 -3.48
N ARG B 222 -18.26 -1.16 -4.74
CA ARG B 222 -17.01 -1.26 -5.50
C ARG B 222 -15.87 -0.49 -4.82
N SER B 223 -16.18 0.73 -4.39
CA SER B 223 -15.19 1.59 -3.73
C SER B 223 -14.74 0.97 -2.41
N LEU B 224 -15.67 0.45 -1.64
CA LEU B 224 -15.32 -0.20 -0.39
C LEU B 224 -14.46 -1.41 -0.66
N ASN B 225 -14.72 -2.14 -1.75
CA ASN B 225 -13.94 -3.35 -2.04
C ASN B 225 -12.50 -3.06 -2.41
N HIS B 226 -12.12 -1.81 -2.69
CA HIS B 226 -10.70 -1.51 -2.85
CA HIS B 226 -10.69 -1.49 -2.86
C HIS B 226 -9.91 -1.88 -1.62
N TRP B 227 -10.55 -1.80 -0.45
CA TRP B 227 -9.82 -2.15 0.79
C TRP B 227 -9.39 -3.61 0.76
N TYR B 228 -10.28 -4.50 0.32
CA TYR B 228 -9.91 -5.90 0.21
C TYR B 228 -8.89 -6.10 -0.94
N ARG B 229 -9.09 -5.44 -2.08
CA ARG B 229 -8.17 -5.54 -3.22
CA ARG B 229 -8.17 -5.57 -3.20
C ARG B 229 -6.74 -5.21 -2.82
N MET B 230 -6.58 -4.26 -1.87
CA MET B 230 -5.25 -3.85 -1.43
CA MET B 230 -5.24 -3.85 -1.48
C MET B 230 -4.51 -4.98 -0.73
N PHE B 231 -5.25 -5.93 -0.19
CA PHE B 231 -4.67 -7.12 0.45
C PHE B 231 -4.74 -8.39 -0.40
N GLY B 232 -4.91 -8.18 -1.69
CA GLY B 232 -4.81 -9.24 -2.69
C GLY B 232 -3.55 -10.09 -2.58
N PRO B 233 -2.38 -9.44 -2.57
CA PRO B 233 -1.10 -10.19 -2.50
C PRO B 233 -0.98 -10.99 -1.22
N THR B 234 -1.47 -10.42 -0.12
CA THR B 234 -1.50 -11.14 1.18
C THR B 234 -2.43 -12.36 1.11
N PHE B 235 -3.61 -12.20 0.53
CA PHE B 235 -4.51 -13.34 0.27
C PHE B 235 -3.79 -14.40 -0.56
N GLU B 236 -3.15 -14.00 -1.68
CA GLU B 236 -2.52 -14.98 -2.55
C GLU B 236 -1.33 -15.68 -1.87
N THR B 237 -0.61 -14.97 -0.99
CA THR B 237 0.41 -15.61 -0.18
C THR B 237 -0.20 -16.71 0.68
N SER B 238 -1.29 -16.39 1.37
CA SER B 238 -1.92 -17.35 2.25
C SER B 238 -2.40 -18.57 1.47
N LEU B 239 -2.95 -18.34 0.28
CA LEU B 239 -3.43 -19.47 -0.56
C LEU B 239 -2.29 -20.38 -1.01
N GLY B 240 -1.16 -19.79 -1.43
CA GLY B 240 0.00 -20.56 -1.80
C GLY B 240 0.52 -21.42 -0.65
N LEU B 241 0.50 -20.88 0.55
CA LEU B 241 1.00 -21.61 1.71
C LEU B 241 0.05 -22.75 2.08
N GLU B 242 -1.27 -22.50 1.97
CA GLU B 242 -2.24 -23.57 2.15
C GLU B 242 -1.95 -24.70 1.18
N PHE B 243 -1.78 -24.37 -0.10
CA PHE B 243 -1.61 -25.39 -1.11
C PHE B 243 -0.26 -26.11 -1.03
N LEU B 244 0.79 -25.43 -0.59
CA LEU B 244 2.05 -26.12 -0.25
C LEU B 244 1.79 -27.17 0.88
N GLY B 245 0.87 -26.88 1.77
CA GLY B 245 0.54 -27.79 2.83
C GLY B 245 -0.16 -29.07 2.40
N PHE B 246 -0.84 -29.02 1.25
CA PHE B 246 -1.67 -30.16 0.87
C PHE B 246 -0.87 -31.40 0.54
N THR B 247 0.43 -31.28 0.29
CA THR B 247 1.25 -32.49 0.07
C THR B 247 2.19 -32.82 1.26
N GLY B 248 1.96 -32.16 2.39
CA GLY B 248 2.77 -32.38 3.60
C GLY B 248 2.18 -33.48 4.46
N PRO B 249 2.93 -33.93 5.46
CA PRO B 249 2.42 -34.96 6.32
C PRO B 249 1.31 -34.52 7.29
N ASP B 250 1.27 -33.25 7.66
CA ASP B 250 0.29 -32.85 8.65
C ASP B 250 -1.13 -33.03 8.17
N VAL B 251 -1.41 -32.62 6.92
CA VAL B 251 -2.78 -32.70 6.43
C VAL B 251 -3.25 -34.16 6.36
N GLN B 252 -2.32 -35.09 6.12
CA GLN B 252 -2.72 -36.51 6.13
C GLN B 252 -3.25 -36.91 7.49
N GLU B 253 -2.53 -36.54 8.54
CA GLU B 253 -2.99 -36.79 9.89
C GLU B 253 -4.23 -35.98 10.27
N GLY B 254 -4.27 -34.68 9.92
CA GLY B 254 -5.43 -33.91 10.24
C GLY B 254 -6.65 -34.45 9.53
N LEU B 255 -6.50 -34.85 8.27
CA LEU B 255 -7.60 -35.40 7.48
C LEU B 255 -7.91 -36.79 7.97
N ALA B 256 -6.85 -37.61 8.07
CA ALA B 256 -7.03 -39.00 8.50
C ALA B 256 -7.82 -38.97 9.79
N ALA B 257 -7.48 -38.03 10.68
CA ALA B 257 -8.19 -37.86 11.94
C ALA B 257 -9.65 -37.47 11.70
N HIS B 258 -9.87 -36.42 10.92
CA HIS B 258 -11.26 -36.01 10.62
C HIS B 258 -12.04 -37.19 10.01
N ARG B 259 -11.45 -37.89 9.06
CA ARG B 259 -12.14 -38.97 8.35
C ARG B 259 -12.36 -40.20 9.27
N GLN B 260 -11.54 -40.32 10.33
CA GLN B 260 -11.67 -41.36 11.39
C GLN B 260 -12.24 -40.81 12.73
N ARG B 262 -11.26 -37.83 16.79
CA ARG B 262 -10.25 -37.85 17.87
C ARG B 262 -9.25 -36.71 17.75
N PRO B 263 -8.51 -36.45 18.84
CA PRO B 263 -7.45 -35.46 18.69
C PRO B 263 -6.49 -35.87 17.56
N ALA B 264 -5.93 -34.88 16.87
CA ALA B 264 -4.96 -35.19 15.83
C ALA B 264 -3.70 -35.39 16.59
N ARG B 265 -2.80 -36.22 16.07
CA ARG B 265 -1.48 -36.41 16.67
C ARG B 265 -0.45 -35.97 15.64
N PHE B 266 -0.22 -34.66 15.60
CA PHE B 266 0.70 -34.10 14.65
C PHE B 266 2.11 -34.36 15.17
N THR C 8 20.94 -21.50 26.12
CA THR C 8 20.44 -20.90 24.84
C THR C 8 20.22 -19.39 25.00
N TYR C 9 19.89 -18.99 26.23
CA TYR C 9 19.38 -17.64 26.52
C TYR C 9 20.12 -16.96 27.69
N GLN C 10 21.36 -17.37 27.93
CA GLN C 10 22.18 -16.70 28.96
C GLN C 10 22.42 -15.26 28.52
N ASP C 11 22.27 -14.99 27.22
CA ASP C 11 22.51 -13.66 26.68
C ASP C 11 21.34 -12.71 26.92
N PHE C 12 20.26 -13.19 27.57
CA PHE C 12 19.09 -12.34 27.94
C PHE C 12 18.82 -12.40 29.44
N PRO C 13 19.75 -11.83 30.21
CA PRO C 13 19.73 -12.06 31.67
C PRO C 13 18.56 -11.46 32.43
N SER C 14 17.86 -10.51 31.81
CA SER C 14 16.74 -9.88 32.49
C SER C 14 15.43 -10.64 32.36
N LEU C 15 15.40 -11.63 31.46
CA LEU C 15 14.20 -12.42 31.25
C LEU C 15 14.30 -13.78 31.92
N ARG C 16 13.16 -14.32 32.34
CA ARG C 16 13.06 -15.68 32.88
C ARG C 16 12.51 -16.59 31.84
N PHE C 17 13.19 -17.68 31.59
CA PHE C 17 12.79 -18.63 30.59
C PHE C 17 12.51 -19.93 31.29
N GLU C 18 11.28 -20.40 31.20
CA GLU C 18 10.84 -21.61 31.91
C GLU C 18 10.13 -22.57 30.97
N PRO C 19 10.69 -23.78 30.73
CA PRO C 19 9.96 -24.65 29.80
C PRO C 19 8.61 -25.11 30.34
N GLY C 20 7.61 -25.12 29.45
CA GLY C 20 6.32 -25.68 29.74
C GLY C 20 6.32 -27.02 29.05
N GLU C 21 5.13 -27.45 28.65
CA GLU C 21 4.93 -28.74 28.02
C GLU C 21 4.86 -28.59 26.50
N HIS C 22 5.26 -29.65 25.80
CA HIS C 22 5.07 -29.75 24.35
C HIS C 22 5.72 -28.63 23.52
N GLY C 23 6.79 -28.03 24.03
CA GLY C 23 7.49 -26.99 23.29
C GLY C 23 7.01 -25.59 23.64
N VAL C 24 6.14 -25.47 24.65
CA VAL C 24 5.78 -24.10 25.12
C VAL C 24 6.95 -23.56 25.94
N LEU C 25 7.40 -22.34 25.63
CA LEU C 25 8.41 -21.63 26.41
C LEU C 25 7.71 -20.51 27.19
N ASN C 26 7.76 -20.57 28.52
CA ASN C 26 7.24 -19.49 29.36
C ASN C 26 8.30 -18.43 29.47
N LEU C 27 7.92 -17.21 29.14
CA LEU C 27 8.81 -16.06 29.18
CA LEU C 27 8.81 -16.06 29.18
C LEU C 27 8.21 -15.10 30.20
N VAL C 28 8.91 -14.85 31.30
CA VAL C 28 8.39 -14.05 32.39
C VAL C 28 9.18 -12.79 32.60
N LEU C 29 8.45 -11.67 32.68
CA LEU C 29 9.00 -10.35 32.98
C LEU C 29 8.87 -10.15 34.49
N ASP C 30 10.00 -10.10 35.19
CA ASP C 30 10.04 -10.09 36.65
C ASP C 30 11.07 -9.05 37.06
N SER C 31 10.62 -7.91 37.55
CA SER C 31 11.52 -6.80 37.90
C SER C 31 10.81 -5.85 38.86
N PRO C 32 11.58 -4.94 39.49
CA PRO C 32 10.91 -4.02 40.41
C PRO C 32 9.92 -3.06 39.76
N GLY C 33 9.04 -2.51 40.60
CA GLY C 33 8.11 -1.50 40.15
C GLY C 33 7.04 -2.08 39.24
N LEU C 34 6.57 -3.27 39.59
CA LEU C 34 5.52 -4.00 38.83
C LEU C 34 6.06 -4.31 37.44
N ASN C 35 7.21 -4.96 37.45
CA ASN C 35 7.88 -5.40 36.21
C ASN C 35 8.19 -4.28 35.24
N SER C 36 8.78 -3.20 35.76
CA SER C 36 9.25 -2.12 34.92
C SER C 36 10.38 -2.62 34.00
N VAL C 37 10.50 -1.96 32.87
CA VAL C 37 11.48 -2.30 31.86
C VAL C 37 12.65 -1.34 31.94
N GLY C 38 13.77 -1.82 32.46
CA GLY C 38 14.99 -1.05 32.46
C GLY C 38 15.83 -1.27 31.22
N PRO C 39 17.06 -0.71 31.21
CA PRO C 39 17.88 -0.77 30.01
C PRO C 39 18.19 -2.20 29.57
N GLN C 40 18.53 -3.11 30.49
CA GLN C 40 18.80 -4.48 30.05
C GLN C 40 17.53 -5.16 29.50
N MET C 41 16.42 -5.00 30.18
CA MET C 41 15.18 -5.65 29.75
C MET C 41 14.72 -5.11 28.39
N HIS C 42 14.92 -3.81 28.16
CA HIS C 42 14.49 -3.21 26.90
C HIS C 42 15.29 -3.76 25.74
N ARG C 43 16.57 -3.96 25.97
CA ARG C 43 17.43 -4.57 25.01
C ARG C 43 17.04 -6.06 24.81
N ASP C 44 16.85 -6.79 25.94
CA ASP C 44 16.55 -8.23 25.84
C ASP C 44 15.22 -8.51 25.13
N LEU C 45 14.23 -7.68 25.41
CA LEU C 45 12.93 -7.85 24.77
C LEU C 45 12.99 -7.59 23.30
N ALA C 46 13.79 -6.65 22.85
CA ALA C 46 13.98 -6.42 21.41
C ALA C 46 14.59 -7.61 20.73
N ASP C 47 15.65 -8.16 21.31
CA ASP C 47 16.51 -9.10 20.59
C ASP C 47 16.23 -10.59 20.81
N VAL C 48 15.34 -10.92 21.74
CA VAL C 48 15.11 -12.35 22.07
C VAL C 48 14.36 -13.10 20.98
N TRP C 49 13.52 -12.41 20.23
CA TRP C 49 12.58 -13.05 19.33
C TRP C 49 13.24 -13.83 18.20
N PRO C 50 14.26 -13.27 17.53
CA PRO C 50 14.87 -14.04 16.43
C PRO C 50 15.52 -15.32 16.93
N VAL C 51 16.10 -15.27 18.15
CA VAL C 51 16.72 -16.44 18.78
C VAL C 51 15.65 -17.50 19.06
N ILE C 52 14.51 -17.09 19.58
CA ILE C 52 13.40 -18.02 19.78
C ILE C 52 12.98 -18.71 18.47
N ASP C 53 12.89 -17.96 17.38
CA ASP C 53 12.33 -18.50 16.14
C ASP C 53 13.29 -19.57 15.55
N ARG C 54 14.58 -19.49 15.89
CA ARG C 54 15.61 -20.42 15.37
C ARG C 54 15.82 -21.60 16.34
N ASP C 55 15.22 -21.55 17.53
CA ASP C 55 15.44 -22.60 18.57
C ASP C 55 14.49 -23.78 18.34
N PRO C 56 15.04 -24.95 17.95
CA PRO C 56 14.14 -26.04 17.53
C PRO C 56 13.32 -26.66 18.66
N ASP C 57 13.70 -26.41 19.89
CA ASP C 57 12.98 -26.92 21.03
C ASP C 57 11.81 -26.02 21.47
N VAL C 58 11.66 -24.85 20.84
CA VAL C 58 10.53 -23.95 21.20
C VAL C 58 9.54 -23.95 20.05
N ARG C 59 8.28 -24.18 20.36
CA ARG C 59 7.18 -24.05 19.38
C ARG C 59 6.31 -22.81 19.59
N VAL C 60 6.10 -22.42 20.85
CA VAL C 60 5.13 -21.37 21.21
C VAL C 60 5.73 -20.63 22.39
N VAL C 61 5.55 -19.30 22.43
CA VAL C 61 5.96 -18.53 23.58
C VAL C 61 4.72 -18.11 24.36
N LEU C 62 4.75 -18.30 25.67
CA LEU C 62 3.68 -17.80 26.57
C LEU C 62 4.34 -16.73 27.46
N VAL C 63 4.00 -15.48 27.24
CA VAL C 63 4.64 -14.33 27.90
C VAL C 63 3.70 -13.76 28.95
N ARG C 64 4.27 -13.46 30.11
CA ARG C 64 3.51 -12.91 31.24
CA ARG C 64 3.51 -12.88 31.23
C ARG C 64 4.44 -12.11 32.12
N GLY C 65 3.86 -11.26 32.96
CA GLY C 65 4.61 -10.67 34.09
C GLY C 65 4.62 -11.61 35.30
N GLU C 66 5.54 -11.37 36.22
CA GLU C 66 5.48 -12.00 37.53
C GLU C 66 4.36 -11.33 38.35
N GLY C 67 3.50 -12.16 38.94
CA GLY C 67 2.47 -11.66 39.83
C GLY C 67 1.36 -10.97 39.07
N LYS C 68 0.67 -10.03 39.73
CA LYS C 68 -0.54 -9.42 39.14
C LYS C 68 -0.18 -8.15 38.38
N ALA C 69 0.72 -8.32 37.41
CA ALA C 69 1.15 -7.22 36.60
C ALA C 69 1.86 -7.79 35.40
N PHE C 70 1.58 -7.22 34.26
CA PHE C 70 2.33 -7.55 33.01
C PHE C 70 3.58 -6.70 33.03
N SER C 71 3.44 -5.40 32.88
CA SER C 71 4.53 -4.47 33.06
C SER C 71 3.99 -3.06 33.17
N SER C 72 4.62 -2.32 34.05
CA SER C 72 4.39 -0.91 34.16
C SER C 72 5.14 -0.08 33.08
N GLY C 73 5.87 -0.69 32.16
CA GLY C 73 6.58 0.03 31.10
C GLY C 73 7.96 0.46 31.54
N GLY C 74 8.56 1.38 30.77
CA GLY C 74 9.94 1.74 30.98
C GLY C 74 10.15 2.35 32.37
N SER C 75 11.29 2.05 32.96
CA SER C 75 11.65 2.59 34.25
C SER C 75 12.00 4.07 34.14
N PHE C 76 11.94 4.81 35.23
CA PHE C 76 12.32 6.23 35.16
C PHE C 76 13.77 6.39 34.69
N GLU C 77 14.63 5.46 35.07
CA GLU C 77 16.03 5.51 34.68
C GLU C 77 16.21 5.29 33.17
N LEU C 78 15.42 4.40 32.58
CA LEU C 78 15.44 4.20 31.11
C LEU C 78 15.02 5.48 30.42
N ILE C 79 13.99 6.15 30.94
CA ILE C 79 13.54 7.40 30.37
C ILE C 79 14.62 8.48 30.52
N ASP C 80 15.29 8.51 31.68
CA ASP C 80 16.42 9.43 31.87
C ASP C 80 17.49 9.31 30.79
N GLU C 81 17.82 8.08 30.40
CA GLU C 81 18.86 7.88 29.40
C GLU C 81 18.37 8.38 28.05
N THR C 82 17.09 8.15 27.77
CA THR C 82 16.50 8.57 26.51
CA THR C 82 16.53 8.58 26.48
C THR C 82 16.51 10.11 26.37
N ILE C 83 16.28 10.78 27.49
CA ILE C 83 16.31 12.23 27.52
C ILE C 83 17.73 12.75 27.43
N GLY C 84 18.63 12.08 28.16
CA GLY C 84 19.95 12.64 28.44
C GLY C 84 21.18 12.29 27.64
N ASP C 85 21.08 11.28 26.76
CA ASP C 85 22.26 10.78 26.06
C ASP C 85 21.92 10.51 24.61
N TYR C 86 22.65 11.16 23.71
CA TYR C 86 22.37 11.09 22.28
C TYR C 86 22.49 9.65 21.77
N GLU C 87 23.61 9.00 22.04
CA GLU C 87 23.83 7.62 21.57
C GLU C 87 22.84 6.63 22.23
N GLY C 88 22.59 6.79 23.53
CA GLY C 88 21.70 5.93 24.31
C GLY C 88 20.28 6.03 23.74
N ARG C 89 19.86 7.25 23.42
CA ARG C 89 18.55 7.50 22.86
C ARG C 89 18.36 6.75 21.55
N ILE C 90 19.35 6.84 20.66
CA ILE C 90 19.30 6.11 19.41
C ILE C 90 19.30 4.60 19.65
N ARG C 91 20.09 4.12 20.59
CA ARG C 91 20.10 2.70 20.97
C ARG C 91 18.72 2.24 21.38
N ILE C 92 18.11 3.03 22.26
CA ILE C 92 16.81 2.70 22.82
C ILE C 92 15.74 2.75 21.72
N MET C 93 15.89 3.71 20.81
CA MET C 93 15.00 3.81 19.66
CA MET C 93 15.01 3.82 19.64
C MET C 93 15.09 2.56 18.78
N ARG C 94 16.30 2.11 18.51
CA ARG C 94 16.52 0.89 17.66
C ARG C 94 15.91 -0.30 18.38
N GLU C 95 16.07 -0.36 19.70
CA GLU C 95 15.44 -1.48 20.46
C GLU C 95 13.91 -1.45 20.38
N ALA C 96 13.33 -0.25 20.47
CA ALA C 96 11.87 -0.07 20.38
C ALA C 96 11.38 -0.47 19.01
N ARG C 97 12.13 -0.05 17.99
CA ARG C 97 11.84 -0.41 16.59
C ARG C 97 11.83 -1.92 16.37
N ASP C 98 12.91 -2.56 16.81
CA ASP C 98 13.11 -3.98 16.61
C ASP C 98 12.23 -4.82 17.50
N LEU C 99 11.79 -4.35 18.68
CA LEU C 99 10.81 -5.13 19.44
C LEU C 99 9.56 -5.36 18.58
N VAL C 100 9.04 -4.29 18.00
CA VAL C 100 7.85 -4.35 17.19
C VAL C 100 8.11 -5.18 15.91
N LEU C 101 9.16 -4.85 15.17
CA LEU C 101 9.37 -5.54 13.91
C LEU C 101 9.82 -6.97 14.11
N ASN C 102 10.61 -7.28 15.14
CA ASN C 102 10.95 -8.71 15.36
C ASN C 102 9.73 -9.50 15.75
N LEU C 103 8.80 -8.91 16.47
CA LEU C 103 7.55 -9.61 16.79
C LEU C 103 6.70 -9.80 15.55
N VAL C 104 6.52 -8.77 14.77
CA VAL C 104 5.72 -8.87 13.56
C VAL C 104 6.32 -9.85 12.58
N ASN C 105 7.64 -10.02 12.62
CA ASN C 105 8.32 -10.92 11.68
C ASN C 105 8.53 -12.32 12.23
N LEU C 106 8.03 -12.61 13.44
CA LEU C 106 8.23 -13.89 14.14
C LEU C 106 7.24 -14.91 13.56
N ASP C 107 7.71 -16.10 13.14
CA ASP C 107 6.79 -17.11 12.61
C ASP C 107 6.10 -17.93 13.72
N LYS C 108 6.81 -18.20 14.83
CA LYS C 108 6.19 -18.93 15.99
C LYS C 108 5.16 -18.06 16.70
N PRO C 109 4.06 -18.67 17.16
CA PRO C 109 3.02 -17.95 17.86
C PRO C 109 3.42 -17.57 19.26
N VAL C 110 2.85 -16.45 19.69
CA VAL C 110 3.05 -15.89 21.03
C VAL C 110 1.68 -15.68 21.66
N VAL C 111 1.51 -16.19 22.89
CA VAL C 111 0.33 -16.00 23.72
C VAL C 111 0.70 -15.14 24.90
N SER C 112 -0.05 -14.07 25.13
CA SER C 112 0.15 -13.24 26.30
C SER C 112 -0.91 -13.50 27.37
N ALA C 113 -0.46 -13.50 28.62
CA ALA C 113 -1.28 -13.67 29.79
C ALA C 113 -1.18 -12.35 30.59
N ILE C 114 -2.19 -11.51 30.47
CA ILE C 114 -2.14 -10.12 30.90
C ILE C 114 -2.93 -9.94 32.19
N ARG C 115 -2.24 -9.70 33.30
CA ARG C 115 -2.86 -9.42 34.60
C ARG C 115 -2.43 -8.01 35.02
N GLY C 116 -3.28 -7.32 35.75
CA GLY C 116 -2.92 -6.01 36.28
C GLY C 116 -2.46 -4.99 35.23
N PRO C 117 -1.47 -4.17 35.56
CA PRO C 117 -1.04 -3.13 34.60
C PRO C 117 -0.31 -3.65 33.37
N ALA C 118 -0.59 -3.06 32.22
CA ALA C 118 0.16 -3.33 31.00
C ALA C 118 0.31 -1.97 30.33
N VAL C 119 1.53 -1.45 30.37
CA VAL C 119 1.76 -0.05 30.00
C VAL C 119 2.95 0.14 29.11
N GLY C 120 2.81 1.01 28.13
CA GLY C 120 3.94 1.48 27.37
C GLY C 120 4.76 0.40 26.77
N ALA C 121 6.05 0.45 27.06
CA ALA C 121 6.99 -0.55 26.56
C ALA C 121 6.62 -2.00 26.85
N GLY C 122 5.96 -2.29 27.98
CA GLY C 122 5.51 -3.70 28.24
C GLY C 122 4.19 -4.07 27.58
N LEU C 123 3.38 -3.05 27.34
CA LEU C 123 2.13 -3.29 26.60
C LEU C 123 2.36 -3.78 25.15
N VAL C 124 3.48 -3.33 24.57
CA VAL C 124 3.86 -3.73 23.20
C VAL C 124 3.74 -5.24 23.02
N VAL C 125 4.39 -5.98 23.90
CA VAL C 125 4.40 -7.44 23.79
C VAL C 125 3.02 -8.03 24.08
N ALA C 126 2.35 -7.49 25.08
CA ALA C 126 1.00 -7.94 25.44
C ALA C 126 0.05 -7.92 24.23
N LEU C 127 0.11 -6.83 23.46
CA LEU C 127 -0.89 -6.60 22.42
C LEU C 127 -0.46 -7.14 21.05
N LEU C 128 0.84 -7.22 20.80
CA LEU C 128 1.32 -7.84 19.56
C LEU C 128 1.39 -9.35 19.63
N ALA C 129 1.22 -9.91 20.81
CA ALA C 129 1.02 -11.36 20.91
C ALA C 129 -0.09 -11.82 19.96
N ASP C 130 0.08 -13.00 19.35
CA ASP C 130 -0.94 -13.55 18.47
C ASP C 130 -2.29 -13.78 19.14
N ILE C 131 -2.25 -14.32 20.37
CA ILE C 131 -3.48 -14.49 21.17
C ILE C 131 -3.19 -13.79 22.50
N SER C 132 -3.99 -12.82 22.83
CA SER C 132 -3.87 -12.08 24.07
C SER C 132 -5.05 -12.42 25.02
N VAL C 133 -4.72 -12.95 26.19
CA VAL C 133 -5.68 -13.31 27.23
C VAL C 133 -5.60 -12.26 28.31
N ALA C 134 -6.66 -11.45 28.46
CA ALA C 134 -6.66 -10.34 29.43
C ALA C 134 -7.53 -10.66 30.62
N SER C 135 -7.02 -10.41 31.81
CA SER C 135 -7.88 -10.30 32.98
C SER C 135 -8.95 -9.26 32.74
N ALA C 136 -10.17 -9.52 33.18
CA ALA C 136 -11.24 -8.52 33.11
C ALA C 136 -10.81 -7.25 33.85
N THR C 137 -9.97 -7.39 34.87
CA THR C 137 -9.49 -6.27 35.69
C THR C 137 -8.06 -5.81 35.39
N ALA C 138 -7.50 -6.24 34.25
CA ALA C 138 -6.23 -5.66 33.75
C ALA C 138 -6.44 -4.17 33.53
N LYS C 139 -5.33 -3.44 33.54
CA LYS C 139 -5.32 -2.00 33.34
C LYS C 139 -4.37 -1.72 32.17
N ILE C 140 -4.96 -1.43 31.02
CA ILE C 140 -4.20 -1.19 29.77
C ILE C 140 -4.11 0.31 29.51
N ILE C 141 -2.87 0.80 29.40
CA ILE C 141 -2.62 2.22 29.21
C ILE C 141 -1.43 2.37 28.27
N ASP C 142 -1.60 3.03 27.12
CA ASP C 142 -0.44 3.25 26.27
C ASP C 142 0.56 4.17 26.96
N GLY C 143 0.02 5.29 27.48
CA GLY C 143 0.77 6.16 28.37
C GLY C 143 1.60 7.29 27.78
N HIS C 144 1.82 7.28 26.48
CA HIS C 144 2.81 8.21 25.96
C HIS C 144 2.41 9.64 26.05
N THR C 145 1.19 9.99 25.61
CA THR C 145 0.89 11.41 25.56
C THR C 145 0.83 11.98 26.98
N LYS C 146 0.51 11.16 27.98
CA LYS C 146 0.54 11.64 29.39
C LYS C 146 1.98 11.82 29.92
N LEU C 147 2.92 11.01 29.44
CA LEU C 147 4.34 11.23 29.69
C LEU C 147 4.87 12.47 28.97
N GLY C 148 4.30 12.80 27.80
CA GLY C 148 4.72 13.95 27.01
C GLY C 148 5.41 13.68 25.67
N VAL C 149 5.29 12.46 25.16
CA VAL C 149 5.83 12.08 23.86
C VAL C 149 4.74 11.39 23.05
N ALA C 150 4.92 11.34 21.74
CA ALA C 150 3.99 10.64 20.88
C ALA C 150 3.93 9.14 21.17
N ALA C 151 2.79 8.51 20.85
CA ALA C 151 2.60 7.06 21.01
C ALA C 151 3.29 6.36 19.84
N GLY C 152 4.59 6.19 19.96
CA GLY C 152 5.45 5.72 18.88
C GLY C 152 6.02 4.35 19.02
N ASP C 153 5.63 3.59 20.04
CA ASP C 153 6.34 2.33 20.33
C ASP C 153 5.60 1.08 19.93
N HIS C 154 4.42 1.23 19.30
CA HIS C 154 3.70 0.11 18.65
C HIS C 154 2.32 0.49 18.16
N ALA C 155 1.65 1.43 18.83
CA ALA C 155 0.23 1.58 18.59
C ALA C 155 -0.12 1.92 17.18
N ALA C 156 0.75 2.69 16.52
CA ALA C 156 0.47 3.06 15.13
C ALA C 156 0.61 1.95 14.10
N ILE C 157 1.20 0.82 14.49
CA ILE C 157 1.26 -0.35 13.61
C ILE C 157 -0.01 -1.19 13.71
N CYS C 158 -0.78 -1.04 14.79
CA CYS C 158 -1.85 -2.01 15.06
C CYS C 158 -3.18 -1.49 15.60
N TRP C 159 -3.20 -0.47 16.46
CA TRP C 159 -4.49 -0.16 17.12
C TRP C 159 -5.67 0.08 16.17
N PRO C 160 -5.50 0.81 15.05
CA PRO C 160 -6.66 1.02 14.18
C PRO C 160 -7.26 -0.29 13.67
N LEU C 161 -6.40 -1.28 13.43
CA LEU C 161 -6.78 -2.63 12.95
C LEU C 161 -7.16 -3.61 14.07
N LEU C 162 -7.17 -3.12 15.30
CA LEU C 162 -7.67 -3.89 16.42
C LEU C 162 -9.04 -3.38 16.86
N VAL C 163 -9.13 -2.06 17.06
CA VAL C 163 -10.32 -1.45 17.68
C VAL C 163 -11.03 -0.44 16.80
N GLY C 164 -10.52 -0.16 15.61
CA GLY C 164 -11.05 0.90 14.75
C GLY C 164 -10.46 2.26 15.17
N MET C 165 -10.52 3.21 14.27
CA MET C 165 -9.84 4.46 14.52
C MET C 165 -10.39 5.32 15.63
N ALA C 166 -11.72 5.31 15.81
CA ALA C 166 -12.33 6.18 16.81
C ALA C 166 -11.95 5.74 18.21
N LYS C 167 -11.99 4.43 18.44
CA LYS C 167 -11.53 3.92 19.76
C LYS C 167 -10.01 4.08 19.92
N ALA C 168 -9.26 3.87 18.84
CA ALA C 168 -7.81 3.96 18.94
C ALA C 168 -7.45 5.38 19.35
N LYS C 169 -8.00 6.37 18.66
CA LYS C 169 -7.67 7.75 18.98
C LYS C 169 -8.13 8.13 20.37
N TYR C 170 -9.31 7.68 20.78
CA TYR C 170 -9.76 8.01 22.13
C TYR C 170 -8.75 7.61 23.21
N TYR C 171 -8.35 6.36 23.23
CA TYR C 171 -7.45 5.86 24.25
C TYR C 171 -6.00 6.33 24.10
N LEU C 172 -5.52 6.46 22.88
CA LEU C 172 -4.15 6.87 22.67
C LEU C 172 -3.95 8.35 22.94
N LEU C 173 -4.90 9.18 22.57
CA LEU C 173 -4.77 10.59 22.84
C LEU C 173 -5.00 10.91 24.30
N THR C 174 -6.04 10.33 24.93
CA THR C 174 -6.37 10.70 26.34
C THR C 174 -5.59 9.92 27.42
N CYS C 175 -5.09 8.76 27.04
CA CYS C 175 -4.51 7.79 28.00
C CYS C 175 -5.44 7.41 29.16
N GLU C 176 -6.75 7.49 28.93
CA GLU C 176 -7.70 6.95 29.88
CA GLU C 176 -7.74 6.92 29.86
C GLU C 176 -7.46 5.43 29.98
N THR C 177 -7.54 4.88 31.20
CA THR C 177 -7.31 3.47 31.38
C THR C 177 -8.42 2.65 30.74
N LEU C 178 -7.99 1.58 30.12
CA LEU C 178 -8.83 0.59 29.49
C LEU C 178 -8.79 -0.68 30.33
N SER C 179 -9.93 -1.13 30.82
CA SER C 179 -9.97 -2.41 31.52
C SER C 179 -9.81 -3.54 30.52
N GLY C 180 -9.39 -4.70 31.01
CA GLY C 180 -9.35 -5.88 30.17
C GLY C 180 -10.72 -6.23 29.58
N GLU C 181 -11.77 -6.09 30.39
CA GLU C 181 -13.11 -6.37 29.92
CA GLU C 181 -13.11 -6.37 29.93
C GLU C 181 -13.48 -5.45 28.76
N GLU C 182 -13.23 -4.14 28.90
CA GLU C 182 -13.60 -3.21 27.82
C GLU C 182 -12.70 -3.46 26.61
N ALA C 183 -11.44 -3.81 26.85
CA ALA C 183 -10.51 -4.08 25.77
C ALA C 183 -10.99 -5.23 24.88
N GLU C 184 -11.54 -6.26 25.50
CA GLU C 184 -12.02 -7.38 24.74
C GLU C 184 -13.29 -6.98 23.95
N ARG C 185 -14.15 -6.17 24.57
CA ARG C 185 -15.36 -5.73 23.88
C ARG C 185 -15.04 -4.99 22.62
N ILE C 186 -14.00 -4.16 22.63
CA ILE C 186 -13.65 -3.35 21.47
C ILE C 186 -12.67 -4.01 20.50
N GLY C 187 -12.16 -5.19 20.87
CA GLY C 187 -11.30 -5.98 19.99
C GLY C 187 -9.81 -5.81 20.16
N LEU C 188 -9.40 -5.13 21.22
CA LEU C 188 -7.97 -4.90 21.40
C LEU C 188 -7.23 -6.19 21.78
N VAL C 189 -7.91 -7.04 22.52
CA VAL C 189 -7.37 -8.31 22.96
C VAL C 189 -8.28 -9.44 22.50
N SER C 190 -7.74 -10.65 22.48
CA SER C 190 -8.45 -11.82 21.92
C SER C 190 -9.58 -12.31 22.79
N THR C 191 -9.36 -12.31 24.10
CA THR C 191 -10.29 -12.91 25.04
C THR C 191 -10.08 -12.32 26.41
N CYS C 192 -11.13 -12.39 27.20
CA CYS C 192 -11.15 -11.88 28.56
CA CYS C 192 -11.02 -11.95 28.58
C CYS C 192 -11.67 -12.93 29.54
N VAL C 193 -10.98 -13.12 30.65
CA VAL C 193 -11.41 -14.06 31.70
C VAL C 193 -11.11 -13.42 33.04
N ASP C 194 -11.62 -14.01 34.11
CA ASP C 194 -11.30 -13.49 35.43
C ASP C 194 -9.79 -13.58 35.69
N ASP C 195 -9.28 -12.69 36.55
CA ASP C 195 -7.86 -12.63 36.85
C ASP C 195 -7.27 -14.02 37.18
N ASP C 196 -7.97 -14.80 38.00
CA ASP C 196 -7.43 -16.09 38.43
C ASP C 196 -7.48 -17.20 37.37
N GLU C 197 -8.11 -16.90 36.23
CA GLU C 197 -8.20 -17.82 35.11
C GLU C 197 -7.27 -17.44 33.97
N VAL C 198 -6.58 -16.30 34.11
CA VAL C 198 -5.78 -15.82 32.95
C VAL C 198 -4.65 -16.78 32.58
N LEU C 199 -3.86 -17.19 33.56
CA LEU C 199 -2.71 -18.00 33.23
C LEU C 199 -3.17 -19.44 32.83
N PRO C 200 -4.17 -19.99 33.53
CA PRO C 200 -4.71 -21.28 33.09
C PRO C 200 -5.22 -21.26 31.66
N THR C 201 -5.92 -20.19 31.31
CA THR C 201 -6.51 -20.11 29.98
C THR C 201 -5.40 -19.97 28.96
N ALA C 202 -4.47 -19.05 29.22
CA ALA C 202 -3.34 -18.84 28.32
C ALA C 202 -2.51 -20.11 28.11
N THR C 203 -2.33 -20.87 29.20
CA THR C 203 -1.54 -22.10 29.12
C THR C 203 -2.23 -23.11 28.24
N ARG C 204 -3.55 -23.26 28.39
CA ARG C 204 -4.30 -24.20 27.57
CA ARG C 204 -4.27 -24.22 27.56
C ARG C 204 -4.16 -23.83 26.08
N LEU C 205 -4.34 -22.53 25.79
CA LEU C 205 -4.26 -22.04 24.40
C LEU C 205 -2.86 -22.28 23.82
N ALA C 206 -1.84 -21.98 24.61
CA ALA C 206 -0.45 -22.16 24.18
C ALA C 206 -0.18 -23.63 23.90
N GLU C 207 -0.63 -24.51 24.80
CA GLU C 207 -0.37 -25.95 24.66
C GLU C 207 -1.12 -26.48 23.42
N ASN C 208 -2.31 -25.99 23.15
CA ASN C 208 -3.04 -26.42 21.97
C ASN C 208 -2.33 -26.00 20.70
N LEU C 209 -1.81 -24.79 20.67
CA LEU C 209 -0.98 -24.39 19.52
C LEU C 209 0.25 -25.27 19.40
N ALA C 210 0.88 -25.59 20.53
CA ALA C 210 2.13 -26.35 20.50
C ALA C 210 1.93 -27.77 19.97
N GLN C 211 0.72 -28.29 20.16
CA GLN C 211 0.40 -29.66 19.72
C GLN C 211 -0.29 -29.68 18.36
N GLY C 212 -0.49 -28.50 17.77
CA GLY C 212 -1.16 -28.42 16.50
C GLY C 212 -0.20 -28.58 15.33
N ALA C 213 -0.72 -28.28 14.16
CA ALA C 213 0.03 -28.45 12.91
C ALA C 213 0.90 -27.22 12.72
N GLN C 214 2.21 -27.37 12.87
CA GLN C 214 3.06 -26.21 13.12
C GLN C 214 3.16 -25.28 11.90
N ASN C 215 3.44 -25.81 10.73
CA ASN C 215 3.57 -24.92 9.56
C ASN C 215 2.24 -24.25 9.23
N ALA C 216 1.14 -25.00 9.36
CA ALA C 216 -0.19 -24.41 9.11
C ALA C 216 -0.42 -23.18 10.02
N ILE C 217 -0.13 -23.34 11.32
CA ILE C 217 -0.30 -22.28 12.33
C ILE C 217 0.61 -21.10 11.99
N ARG C 218 1.89 -21.36 11.80
CA ARG C 218 2.87 -20.32 11.55
C ARG C 218 2.59 -19.57 10.25
N TRP C 219 2.21 -20.28 9.19
CA TRP C 219 1.92 -19.65 7.91
C TRP C 219 0.64 -18.80 7.98
N THR C 220 -0.33 -19.25 8.80
CA THR C 220 -1.55 -18.47 9.02
C THR C 220 -1.24 -17.15 9.70
N LYS C 221 -0.51 -17.17 10.81
CA LYS C 221 -0.17 -15.91 11.47
C LYS C 221 0.78 -15.04 10.66
N ARG C 222 1.70 -15.65 9.93
CA ARG C 222 2.61 -14.88 9.08
C ARG C 222 1.81 -14.13 8.05
N SER C 223 0.85 -14.80 7.41
CA SER C 223 0.08 -14.14 6.35
C SER C 223 -0.74 -13.00 6.94
N LEU C 224 -1.36 -13.21 8.09
CA LEU C 224 -2.08 -12.13 8.77
C LEU C 224 -1.19 -10.96 9.14
N ASN C 225 0.04 -11.27 9.55
CA ASN C 225 0.99 -10.24 9.92
C ASN C 225 1.39 -9.32 8.74
N HIS C 226 1.14 -9.72 7.48
CA HIS C 226 1.33 -8.83 6.36
CA HIS C 226 1.34 -8.81 6.37
C HIS C 226 0.55 -7.53 6.59
N TRP C 227 -0.62 -7.62 7.22
CA TRP C 227 -1.42 -6.41 7.47
C TRP C 227 -0.66 -5.39 8.32
N TYR C 228 -0.02 -5.84 9.38
CA TYR C 228 0.79 -4.94 10.18
C TYR C 228 2.03 -4.47 9.40
N ARG C 229 2.67 -5.39 8.67
CA ARG C 229 3.86 -4.99 7.91
CA ARG C 229 3.86 -5.03 7.90
C ARG C 229 3.57 -3.87 6.92
N MET C 230 2.36 -3.82 6.37
CA MET C 230 2.02 -2.75 5.42
CA MET C 230 2.02 -2.75 5.42
C MET C 230 1.95 -1.38 6.11
N PHE C 231 1.79 -1.37 7.41
CA PHE C 231 1.83 -0.13 8.19
C PHE C 231 3.15 0.03 8.94
N GLY C 232 4.18 -0.69 8.51
CA GLY C 232 5.50 -0.48 9.09
C GLY C 232 6.04 0.95 8.93
N PRO C 233 5.92 1.55 7.74
CA PRO C 233 6.38 2.92 7.59
C PRO C 233 5.63 3.89 8.48
N THR C 234 4.31 3.68 8.61
CA THR C 234 3.51 4.45 9.55
C THR C 234 4.03 4.33 10.96
N PHE C 235 4.30 3.08 11.35
CA PHE C 235 4.90 2.85 12.66
C PHE C 235 6.23 3.57 12.85
N GLU C 236 7.10 3.47 11.86
CA GLU C 236 8.42 4.08 11.99
C GLU C 236 8.32 5.60 12.05
N THR C 237 7.39 6.20 11.34
CA THR C 237 7.22 7.64 11.51
CA THR C 237 7.20 7.64 11.47
C THR C 237 6.78 7.98 12.91
N SER C 238 5.85 7.20 13.47
CA SER C 238 5.43 7.45 14.86
C SER C 238 6.57 7.35 15.87
N LEU C 239 7.44 6.37 15.64
CA LEU C 239 8.59 6.13 16.51
C LEU C 239 9.56 7.31 16.41
N GLY C 240 9.85 7.80 15.20
CA GLY C 240 10.69 8.99 15.03
C GLY C 240 10.14 10.20 15.78
N LEU C 241 8.83 10.43 15.69
CA LEU C 241 8.22 11.59 16.36
C LEU C 241 8.25 11.44 17.87
N GLU C 242 7.99 10.20 18.36
CA GLU C 242 8.17 9.94 19.78
C GLU C 242 9.59 10.30 20.23
N PHE C 243 10.59 9.85 19.46
CA PHE C 243 11.95 10.02 19.93
C PHE C 243 12.48 11.44 19.75
N LEU C 244 11.99 12.18 18.76
CA LEU C 244 12.20 13.65 18.72
C LEU C 244 11.62 14.34 19.95
N GLY C 245 10.56 13.77 20.52
CA GLY C 245 9.92 14.29 21.74
C GLY C 245 10.79 14.17 22.95
N PHE C 246 11.75 13.24 22.95
CA PHE C 246 12.59 13.06 24.12
C PHE C 246 13.60 14.20 24.29
N THR C 247 13.76 14.96 23.18
N THR C 247 13.80 15.06 23.30
CA THR C 247 14.58 16.17 23.08
CA THR C 247 14.60 16.26 23.60
C THR C 247 13.83 17.48 23.48
C THR C 247 13.82 17.53 23.68
N GLY C 248 12.52 17.41 23.77
CA GLY C 248 11.70 18.58 24.04
C GLY C 248 11.40 18.78 25.51
N PRO C 249 10.79 19.91 25.85
CA PRO C 249 10.54 20.24 27.25
C PRO C 249 9.41 19.45 27.90
N ASP C 250 8.41 19.02 27.13
CA ASP C 250 7.24 18.43 27.78
C ASP C 250 7.58 17.18 28.56
N VAL C 251 8.40 16.30 28.00
CA VAL C 251 8.70 15.01 28.65
C VAL C 251 9.41 15.24 29.98
N GLN C 252 10.18 16.31 30.08
CA GLN C 252 10.87 16.59 31.37
C GLN C 252 9.84 16.86 32.45
N GLU C 253 8.78 17.59 32.11
CA GLU C 253 7.68 17.83 33.04
C GLU C 253 6.89 16.55 33.29
N GLY C 254 6.63 15.79 32.23
CA GLY C 254 5.82 14.59 32.42
C GLY C 254 6.50 13.54 33.29
N LEU C 255 7.81 13.40 33.11
CA LEU C 255 8.58 12.48 33.94
C LEU C 255 8.63 12.99 35.37
N ALA C 256 8.88 14.28 35.56
CA ALA C 256 8.93 14.86 36.92
C ALA C 256 7.60 14.61 37.62
N ALA C 257 6.51 14.82 36.90
CA ALA C 257 5.18 14.59 37.44
C ALA C 257 4.94 13.12 37.86
N HIS C 258 5.39 12.17 37.05
CA HIS C 258 5.24 10.75 37.42
C HIS C 258 6.04 10.39 38.69
N ARG C 259 7.29 10.87 38.76
CA ARG C 259 8.14 10.64 39.92
C ARG C 259 7.52 11.23 41.20
N GLN C 260 6.92 12.39 41.05
CA GLN C 260 6.42 13.16 42.20
C GLN C 260 4.95 12.87 42.51
N LYS C 261 4.42 11.81 41.87
CA LYS C 261 3.04 11.33 42.08
C LYS C 261 2.02 12.46 42.04
N ARG C 262 2.10 13.30 40.99
CA ARG C 262 1.25 14.50 40.84
C ARG C 262 0.83 14.74 39.37
N PRO C 263 -0.23 15.53 39.16
CA PRO C 263 -0.56 15.89 37.77
C PRO C 263 0.52 16.68 37.04
N ALA C 264 0.76 16.34 35.76
CA ALA C 264 1.61 17.14 34.91
C ALA C 264 0.98 18.51 34.67
N ARG C 265 1.84 19.52 34.54
CA ARG C 265 1.41 20.87 34.21
C ARG C 265 2.16 21.27 32.96
N PHE C 266 1.64 20.83 31.81
CA PHE C 266 2.28 21.14 30.54
C PHE C 266 2.02 22.60 30.18
N TYR D 9 0.35 37.39 -2.32
CA TYR D 9 1.80 36.95 -2.20
C TYR D 9 2.66 37.85 -1.32
N GLN D 10 2.03 38.88 -0.76
CA GLN D 10 2.67 39.76 0.22
C GLN D 10 3.24 38.99 1.42
N ASP D 11 2.63 37.85 1.74
CA ASP D 11 3.03 37.03 2.85
C ASP D 11 4.28 36.17 2.57
N PHE D 12 4.85 36.29 1.36
CA PHE D 12 6.02 35.47 0.98
C PHE D 12 7.12 36.38 0.52
N PRO D 13 7.67 37.15 1.46
CA PRO D 13 8.60 38.22 1.05
C PRO D 13 9.89 37.73 0.40
N SER D 14 10.34 36.50 0.71
CA SER D 14 11.62 36.06 0.17
C SER D 14 11.58 35.53 -1.27
N LEU D 15 10.37 35.37 -1.81
CA LEU D 15 10.17 34.83 -3.13
C LEU D 15 9.88 35.95 -4.13
N ARG D 16 10.39 35.83 -5.35
CA ARG D 16 10.07 36.78 -6.42
C ARG D 16 8.95 36.24 -7.24
N PHE D 17 7.93 37.04 -7.50
CA PHE D 17 6.79 36.65 -8.29
C PHE D 17 6.72 37.54 -9.52
N GLU D 18 6.92 36.96 -10.69
CA GLU D 18 6.91 37.71 -11.94
C GLU D 18 5.87 37.10 -12.89
N PRO D 19 4.75 37.78 -13.07
CA PRO D 19 3.77 37.22 -13.97
C PRO D 19 4.25 37.13 -15.40
N GLY D 20 3.95 36.00 -16.04
CA GLY D 20 4.34 35.73 -17.42
C GLY D 20 3.11 35.82 -18.31
N GLU D 21 3.13 35.19 -19.47
CA GLU D 21 1.98 35.21 -20.34
C GLU D 21 1.04 34.04 -20.04
N HIS D 22 -0.25 34.24 -20.37
CA HIS D 22 -1.24 33.15 -20.37
C HIS D 22 -1.46 32.49 -19.00
N GLY D 23 -1.18 33.20 -17.93
CA GLY D 23 -1.41 32.66 -16.58
C GLY D 23 -0.21 31.89 -16.03
N VAL D 24 0.93 31.98 -16.72
CA VAL D 24 2.17 31.48 -16.16
C VAL D 24 2.69 32.43 -15.10
N LEU D 25 2.95 31.90 -13.91
CA LEU D 25 3.59 32.64 -12.85
C LEU D 25 5.04 32.20 -12.75
N ASN D 26 5.95 33.12 -12.96
CA ASN D 26 7.34 32.85 -12.69
C ASN D 26 7.66 33.04 -11.20
N LEU D 27 8.19 32.00 -10.57
CA LEU D 27 8.57 32.03 -9.17
CA LEU D 27 8.57 32.02 -9.16
C LEU D 27 10.08 31.89 -9.13
N VAL D 28 10.78 32.91 -8.62
CA VAL D 28 12.22 32.96 -8.73
C VAL D 28 12.83 32.95 -7.34
N LEU D 29 13.80 32.07 -7.16
CA LEU D 29 14.55 31.93 -5.92
C LEU D 29 15.80 32.83 -6.16
N ASP D 30 15.89 33.93 -5.42
CA ASP D 30 16.92 34.96 -5.64
C ASP D 30 17.42 35.40 -4.27
N SER D 31 18.61 34.92 -3.92
CA SER D 31 19.21 35.25 -2.65
C SER D 31 20.73 35.24 -2.82
N PRO D 32 21.42 35.97 -1.94
CA PRO D 32 22.85 36.16 -2.20
C PRO D 32 23.60 34.87 -2.01
N GLY D 33 24.45 34.47 -2.94
CA GLY D 33 25.19 33.22 -2.70
C GLY D 33 24.62 31.94 -3.34
N LEU D 34 24.34 32.09 -4.63
CA LEU D 34 23.81 31.02 -5.45
C LEU D 34 22.43 30.59 -4.94
N ASN D 35 21.66 31.56 -4.45
CA ASN D 35 20.25 31.35 -4.08
C ASN D 35 20.09 30.28 -3.02
N SER D 36 20.93 30.37 -1.99
CA SER D 36 20.77 29.53 -0.80
C SER D 36 19.46 29.89 -0.12
N VAL D 37 18.90 28.88 0.56
CA VAL D 37 17.60 28.98 1.19
C VAL D 37 17.77 29.28 2.68
N GLY D 38 17.43 30.49 3.07
CA GLY D 38 17.55 30.88 4.43
C GLY D 38 16.23 30.64 5.16
N PRO D 39 16.16 31.03 6.43
CA PRO D 39 14.95 30.76 7.23
C PRO D 39 13.68 31.30 6.61
N GLN D 40 13.67 32.55 6.19
CA GLN D 40 12.47 33.08 5.60
C GLN D 40 12.09 32.33 4.34
N MET D 41 13.05 32.05 3.46
CA MET D 41 12.73 31.38 2.19
C MET D 41 12.27 29.94 2.45
N HIS D 42 12.87 29.29 3.43
CA HIS D 42 12.41 27.93 3.79
C HIS D 42 10.94 27.93 4.22
N ARG D 43 10.54 28.90 5.01
CA ARG D 43 9.12 28.99 5.39
C ARG D 43 8.25 29.33 4.19
N ASP D 44 8.67 30.30 3.40
CA ASP D 44 7.89 30.75 2.26
C ASP D 44 7.73 29.65 1.21
N LEU D 45 8.77 28.87 0.96
CA LEU D 45 8.68 27.80 -0.03
C LEU D 45 7.72 26.73 0.44
N ALA D 46 7.71 26.44 1.74
CA ALA D 46 6.77 25.47 2.32
C ALA D 46 5.30 25.88 2.08
N ASP D 47 4.99 27.15 2.31
CA ASP D 47 3.62 27.59 2.45
C ASP D 47 3.01 28.30 1.23
N VAL D 48 3.80 28.57 0.19
CA VAL D 48 3.32 29.32 -0.95
C VAL D 48 2.34 28.51 -1.83
N TRP D 49 2.52 27.18 -1.90
CA TRP D 49 1.81 26.38 -2.89
C TRP D 49 0.25 26.41 -2.76
N PRO D 50 -0.29 26.28 -1.53
CA PRO D 50 -1.76 26.32 -1.42
C PRO D 50 -2.34 27.65 -1.85
N VAL D 51 -1.61 28.74 -1.65
CA VAL D 51 -2.05 30.04 -2.09
C VAL D 51 -2.07 30.12 -3.63
N ILE D 52 -1.02 29.61 -4.26
CA ILE D 52 -1.00 29.50 -5.74
C ILE D 52 -2.19 28.70 -6.28
N ASP D 53 -2.49 27.59 -5.63
CA ASP D 53 -3.57 26.68 -6.11
C ASP D 53 -4.93 27.36 -6.07
N ARG D 54 -5.11 28.33 -5.17
CA ARG D 54 -6.41 29.08 -5.02
C ARG D 54 -6.47 30.36 -5.82
N ASP D 55 -5.34 30.77 -6.40
CA ASP D 55 -5.28 32.02 -7.14
C ASP D 55 -5.82 31.84 -8.57
N PRO D 56 -6.98 32.47 -8.88
CA PRO D 56 -7.60 32.24 -10.19
C PRO D 56 -6.79 32.84 -11.36
N ASP D 57 -5.82 33.70 -11.09
CA ASP D 57 -5.00 34.29 -12.15
C ASP D 57 -3.77 33.47 -12.53
N VAL D 58 -3.51 32.40 -11.80
CA VAL D 58 -2.34 31.54 -12.08
C VAL D 58 -2.82 30.19 -12.57
N ARG D 59 -2.28 29.78 -13.70
CA ARG D 59 -2.53 28.43 -14.23
C ARG D 59 -1.36 27.47 -14.10
N VAL D 60 -0.12 27.97 -14.26
CA VAL D 60 1.11 27.17 -14.27
C VAL D 60 2.18 27.96 -13.51
N VAL D 61 3.02 27.28 -12.74
CA VAL D 61 4.19 27.89 -12.12
C VAL D 61 5.45 27.48 -12.88
N LEU D 62 6.28 28.46 -13.20
CA LEU D 62 7.62 28.18 -13.73
C LEU D 62 8.58 28.62 -12.65
N VAL D 63 9.29 27.67 -12.07
CA VAL D 63 10.15 27.96 -10.92
C VAL D 63 11.60 27.84 -11.37
N ARG D 64 12.41 28.83 -10.97
CA ARG D 64 13.83 28.87 -11.32
CA ARG D 64 13.83 28.88 -11.33
C ARG D 64 14.61 29.62 -10.27
N GLY D 65 15.92 29.45 -10.30
CA GLY D 65 16.82 30.33 -9.59
C GLY D 65 17.12 31.56 -10.43
N GLU D 66 17.55 32.62 -9.77
CA GLU D 66 18.16 33.77 -10.46
C GLU D 66 19.56 33.40 -10.92
N GLY D 67 19.84 33.63 -12.20
CA GLY D 67 21.15 33.32 -12.79
C GLY D 67 21.47 31.86 -13.02
N LYS D 68 22.74 31.49 -13.07
CA LYS D 68 23.13 30.12 -13.41
C LYS D 68 23.18 29.26 -12.15
N ALA D 69 22.10 29.31 -11.37
CA ALA D 69 22.01 28.48 -10.20
C ALA D 69 20.54 28.37 -9.84
N PHE D 70 20.10 27.15 -9.58
CA PHE D 70 18.75 26.95 -9.04
C PHE D 70 18.79 27.26 -7.53
N SER D 71 19.59 26.50 -6.79
CA SER D 71 19.86 26.79 -5.38
C SER D 71 21.02 25.94 -4.87
N SER D 72 21.87 26.54 -4.06
CA SER D 72 22.95 25.84 -3.38
C SER D 72 22.47 25.11 -2.10
N GLY D 73 21.19 25.24 -1.78
CA GLY D 73 20.58 24.55 -0.66
C GLY D 73 20.46 25.42 0.54
N GLY D 74 20.23 24.77 1.69
CA GLY D 74 20.01 25.47 2.93
C GLY D 74 21.22 26.33 3.28
N SER D 75 20.97 27.54 3.76
CA SER D 75 22.03 28.45 4.12
C SER D 75 22.71 27.99 5.40
N PHE D 76 23.93 28.42 5.61
CA PHE D 76 24.55 28.19 6.91
C PHE D 76 23.71 28.69 8.11
N GLU D 77 23.08 29.87 7.99
CA GLU D 77 22.16 30.46 8.98
C GLU D 77 21.05 29.45 9.33
N LEU D 78 20.49 28.87 8.28
CA LEU D 78 19.37 27.92 8.41
C LEU D 78 19.81 26.64 9.13
N ILE D 79 20.96 26.06 8.72
CA ILE D 79 21.47 24.86 9.38
C ILE D 79 21.87 25.10 10.81
N ASP D 80 22.45 26.28 11.10
CA ASP D 80 22.84 26.61 12.45
C ASP D 80 21.62 26.64 13.41
N GLU D 81 20.51 27.24 12.97
CA GLU D 81 19.31 27.32 13.80
C GLU D 81 18.79 25.91 14.05
N THR D 82 18.80 25.13 12.98
CA THR D 82 18.33 23.76 13.04
C THR D 82 19.13 22.96 14.06
N ILE D 83 20.45 23.12 14.06
CA ILE D 83 21.32 22.46 15.04
C ILE D 83 21.14 23.05 16.44
N GLY D 84 20.97 24.35 16.52
CA GLY D 84 21.12 25.07 17.79
C GLY D 84 19.93 25.21 18.71
N ASP D 85 18.70 25.10 18.20
CA ASP D 85 17.50 25.49 18.93
C ASP D 85 16.32 24.51 18.72
N TYR D 86 15.81 23.92 19.80
CA TYR D 86 14.72 22.94 19.71
C TYR D 86 13.48 23.48 18.98
N GLU D 87 12.95 24.61 19.44
CA GLU D 87 11.73 25.16 18.88
C GLU D 87 11.94 25.49 17.39
N GLY D 88 13.06 26.11 17.07
CA GLY D 88 13.41 26.42 15.67
C GLY D 88 13.50 25.15 14.83
N ARG D 89 14.17 24.14 15.37
CA ARG D 89 14.37 22.86 14.68
C ARG D 89 13.00 22.23 14.38
N ILE D 90 12.08 22.25 15.34
CA ILE D 90 10.74 21.66 15.08
C ILE D 90 9.99 22.48 14.00
N ARG D 91 10.12 23.81 14.05
CA ARG D 91 9.52 24.67 13.02
C ARG D 91 10.05 24.34 11.61
N ILE D 92 11.36 24.26 11.49
CA ILE D 92 12.03 23.99 10.24
C ILE D 92 11.63 22.59 9.73
N MET D 93 11.50 21.65 10.65
CA MET D 93 11.04 20.31 10.26
C MET D 93 9.64 20.36 9.67
N ARG D 94 8.72 21.09 10.31
CA ARG D 94 7.33 21.21 9.81
C ARG D 94 7.37 21.82 8.39
N GLU D 95 8.18 22.86 8.21
CA GLU D 95 8.35 23.47 6.91
C GLU D 95 8.89 22.48 5.87
N ALA D 96 9.88 21.67 6.26
CA ALA D 96 10.47 20.69 5.34
C ALA D 96 9.42 19.66 4.93
N ARG D 97 8.62 19.22 5.90
CA ARG D 97 7.48 18.31 5.64
C ARG D 97 6.47 18.88 4.67
N ASP D 98 6.04 20.10 4.96
CA ASP D 98 4.99 20.74 4.19
C ASP D 98 5.44 21.21 2.82
N LEU D 99 6.72 21.53 2.64
CA LEU D 99 7.21 21.79 1.27
C LEU D 99 6.90 20.60 0.33
N VAL D 100 7.25 19.42 0.79
CA VAL D 100 7.02 18.24 -0.01
C VAL D 100 5.52 17.96 -0.16
N LEU D 101 4.81 17.88 0.96
CA LEU D 101 3.40 17.50 0.91
C LEU D 101 2.56 18.55 0.17
N ASN D 102 2.84 19.83 0.39
CA ASN D 102 2.08 20.84 -0.33
C ASN D 102 2.37 20.83 -1.80
N LEU D 103 3.61 20.55 -2.21
CA LEU D 103 3.88 20.40 -3.64
C LEU D 103 3.19 19.19 -4.21
N VAL D 104 3.27 18.07 -3.53
CA VAL D 104 2.64 16.82 -4.02
C VAL D 104 1.09 16.96 -4.08
N ASN D 105 0.55 17.82 -3.21
CA ASN D 105 -0.89 18.05 -3.19
C ASN D 105 -1.37 19.22 -4.04
N LEU D 106 -0.47 19.84 -4.80
CA LEU D 106 -0.81 20.95 -5.70
C LEU D 106 -1.40 20.43 -6.99
N ASP D 107 -2.58 20.94 -7.39
CA ASP D 107 -3.18 20.53 -8.61
C ASP D 107 -2.60 21.23 -9.86
N LYS D 108 -2.25 22.51 -9.75
CA LYS D 108 -1.65 23.18 -10.90
C LYS D 108 -0.24 22.67 -11.17
N PRO D 109 0.15 22.61 -12.46
CA PRO D 109 1.44 22.14 -12.87
C PRO D 109 2.56 23.13 -12.58
N VAL D 110 3.73 22.56 -12.28
CA VAL D 110 4.96 23.30 -11.99
C VAL D 110 6.03 22.81 -12.98
N VAL D 111 6.67 23.75 -13.66
CA VAL D 111 7.80 23.48 -14.58
C VAL D 111 9.01 24.07 -13.91
N SER D 112 10.07 23.28 -13.72
CA SER D 112 11.33 23.83 -13.17
C SER D 112 12.30 24.06 -14.30
N ALA D 113 13.10 25.13 -14.15
CA ALA D 113 14.17 25.45 -15.07
C ALA D 113 15.45 25.43 -14.27
N ILE D 114 16.23 24.37 -14.43
CA ILE D 114 17.35 24.04 -13.56
C ILE D 114 18.69 24.33 -14.22
N ARG D 115 19.37 25.34 -13.70
CA ARG D 115 20.68 25.74 -14.15
C ARG D 115 21.69 25.64 -12.98
N GLY D 116 22.91 25.29 -13.30
CA GLY D 116 23.96 25.27 -12.28
C GLY D 116 23.62 24.38 -11.09
N PRO D 117 24.01 24.78 -9.89
CA PRO D 117 23.75 23.91 -8.75
C PRO D 117 22.29 23.83 -8.38
N ALA D 118 21.87 22.62 -7.96
CA ALA D 118 20.53 22.34 -7.44
C ALA D 118 20.77 21.34 -6.31
N VAL D 119 20.68 21.84 -5.09
CA VAL D 119 21.16 21.12 -3.94
C VAL D 119 20.15 21.13 -2.82
N GLY D 120 20.02 19.97 -2.17
CA GLY D 120 19.33 19.86 -0.90
C GLY D 120 17.96 20.48 -0.87
N ALA D 121 17.77 21.43 0.05
CA ALA D 121 16.49 22.11 0.19
C ALA D 121 15.93 22.76 -1.07
N GLY D 122 16.75 23.31 -1.97
CA GLY D 122 16.17 23.84 -3.24
C GLY D 122 15.99 22.76 -4.35
N LEU D 123 16.80 21.70 -4.27
CA LEU D 123 16.62 20.56 -5.15
C LEU D 123 15.21 19.93 -5.01
N VAL D 124 14.64 19.98 -3.78
CA VAL D 124 13.27 19.48 -3.56
C VAL D 124 12.32 20.02 -4.61
N VAL D 125 12.34 21.35 -4.78
CA VAL D 125 11.37 21.97 -5.68
C VAL D 125 11.70 21.63 -7.14
N ALA D 126 13.01 21.63 -7.45
CA ALA D 126 13.44 21.31 -8.81
C ALA D 126 12.97 19.96 -9.29
N LEU D 127 13.02 18.99 -8.40
CA LEU D 127 12.72 17.62 -8.83
C LEU D 127 11.29 17.19 -8.63
N LEU D 128 10.61 17.80 -7.64
CA LEU D 128 9.18 17.57 -7.49
C LEU D 128 8.29 18.37 -8.44
N ALA D 129 8.86 19.36 -9.13
CA ALA D 129 8.19 19.95 -10.31
C ALA D 129 7.66 18.86 -11.22
N ASP D 130 6.50 19.09 -11.81
CA ASP D 130 5.93 18.12 -12.76
C ASP D 130 6.78 17.89 -13.98
N ILE D 131 7.28 18.97 -14.54
CA ILE D 131 8.21 18.88 -15.69
C ILE D 131 9.50 19.61 -15.33
N SER D 132 10.60 18.87 -15.31
CA SER D 132 11.91 19.43 -14.94
C SER D 132 12.81 19.55 -16.15
N VAL D 133 13.25 20.77 -16.43
CA VAL D 133 14.12 21.06 -17.58
C VAL D 133 15.50 21.37 -17.03
N ALA D 134 16.43 20.46 -17.24
CA ALA D 134 17.78 20.58 -16.72
C ALA D 134 18.79 20.99 -17.75
N SER D 135 19.60 21.98 -17.41
CA SER D 135 20.86 22.21 -18.13
C SER D 135 21.69 20.92 -18.18
N ALA D 136 22.30 20.61 -19.35
CA ALA D 136 23.26 19.50 -19.43
C ALA D 136 24.36 19.63 -18.38
N THR D 137 24.68 20.87 -18.02
CA THR D 137 25.78 21.11 -17.07
C THR D 137 25.29 21.56 -15.68
N ALA D 138 24.00 21.38 -15.39
CA ALA D 138 23.51 21.48 -14.01
C ALA D 138 24.27 20.52 -13.11
N LYS D 139 24.30 20.86 -11.82
CA LYS D 139 24.98 20.04 -10.82
C LYS D 139 23.98 19.66 -9.76
N ILE D 140 23.46 18.43 -9.83
CA ILE D 140 22.39 17.96 -8.95
C ILE D 140 22.98 17.13 -7.80
N ILE D 141 22.81 17.60 -6.57
CA ILE D 141 23.43 16.93 -5.42
C ILE D 141 22.39 16.96 -4.30
N ASP D 142 21.96 15.79 -3.87
CA ASP D 142 21.06 15.73 -2.72
C ASP D 142 21.77 16.31 -1.48
N GLY D 143 22.99 15.82 -1.22
CA GLY D 143 23.89 16.46 -0.29
C GLY D 143 23.81 16.02 1.15
N HIS D 144 22.77 15.29 1.53
CA HIS D 144 22.58 15.08 2.96
C HIS D 144 23.63 14.19 3.65
N THR D 145 23.91 13.02 3.12
CA THR D 145 24.86 12.13 3.80
C THR D 145 26.26 12.76 3.87
N LYS D 146 26.61 13.60 2.89
CA LYS D 146 27.91 14.30 2.91
C LYS D 146 27.93 15.39 3.99
N LEU D 147 26.80 16.05 4.21
CA LEU D 147 26.60 16.96 5.33
C LEU D 147 26.60 16.23 6.69
N GLY D 148 26.09 15.00 6.71
CA GLY D 148 26.07 14.18 7.90
C GLY D 148 24.70 13.81 8.46
N VAL D 149 23.64 14.04 7.68
CA VAL D 149 22.29 13.69 8.08
C VAL D 149 21.63 12.83 7.00
N ALA D 150 20.61 12.06 7.37
CA ALA D 150 19.86 11.28 6.37
C ALA D 150 19.20 12.15 5.30
N ALA D 151 19.00 11.57 4.12
CA ALA D 151 18.39 12.25 2.98
C ALA D 151 16.87 12.24 3.20
N GLY D 152 16.41 13.14 4.07
CA GLY D 152 15.05 13.14 4.56
C GLY D 152 14.13 14.23 4.08
N ASP D 153 14.58 15.05 3.10
CA ASP D 153 13.78 16.22 2.69
C ASP D 153 13.04 16.10 1.41
N HIS D 154 13.10 14.93 0.78
CA HIS D 154 12.20 14.61 -0.39
C HIS D 154 12.56 13.31 -1.02
N ALA D 155 13.85 12.93 -1.00
CA ALA D 155 14.27 11.88 -1.94
C ALA D 155 13.53 10.56 -1.70
N ALA D 156 13.20 10.25 -0.47
CA ALA D 156 12.52 8.99 -0.20
C ALA D 156 11.07 8.93 -0.62
N ILE D 157 10.46 10.05 -1.03
CA ILE D 157 9.11 10.04 -1.58
C ILE D 157 9.12 9.82 -3.09
N CYS D 158 10.30 9.93 -3.73
CA CYS D 158 10.34 9.95 -5.21
C CYS D 158 11.49 9.31 -5.95
N TRP D 159 12.70 9.37 -5.44
CA TRP D 159 13.86 8.92 -6.32
C TRP D 159 13.74 7.49 -6.82
N PRO D 160 13.25 6.53 -6.01
CA PRO D 160 13.15 5.18 -6.58
C PRO D 160 12.20 5.11 -7.78
N LEU D 161 11.17 5.93 -7.76
CA LEU D 161 10.17 6.03 -8.84
C LEU D 161 10.57 7.01 -9.95
N LEU D 162 11.78 7.53 -9.86
CA LEU D 162 12.35 8.37 -10.91
C LEU D 162 13.44 7.61 -11.67
N VAL D 163 14.44 7.10 -10.94
CA VAL D 163 15.64 6.53 -11.49
C VAL D 163 15.83 5.05 -11.17
N GLY D 164 14.91 4.46 -10.41
CA GLY D 164 15.09 3.11 -9.94
C GLY D 164 15.96 3.02 -8.71
N MET D 165 15.90 1.91 -7.96
CA MET D 165 16.50 1.88 -6.67
C MET D 165 18.04 1.87 -6.70
N ALA D 166 18.62 1.26 -7.72
CA ALA D 166 20.09 1.10 -7.76
C ALA D 166 20.75 2.47 -8.00
N LYS D 167 20.22 3.23 -8.94
CA LYS D 167 20.71 4.60 -9.17
C LYS D 167 20.35 5.52 -7.99
N ALA D 168 19.15 5.34 -7.42
CA ALA D 168 18.73 6.20 -6.29
C ALA D 168 19.74 6.00 -5.16
N LYS D 169 20.03 4.77 -4.80
CA LYS D 169 20.94 4.49 -3.68
C LYS D 169 22.34 4.98 -3.98
N TYR D 170 22.79 4.77 -5.21
CA TYR D 170 24.14 5.22 -5.57
C TYR D 170 24.33 6.69 -5.28
N TYR D 171 23.47 7.54 -5.83
CA TYR D 171 23.66 9.00 -5.66
C TYR D 171 23.29 9.52 -4.29
N LEU D 172 22.28 8.93 -3.65
CA LEU D 172 21.89 9.39 -2.31
C LEU D 172 22.86 8.98 -1.24
N LEU D 173 23.45 7.79 -1.36
CA LEU D 173 24.39 7.35 -0.36
C LEU D 173 25.73 7.99 -0.49
N THR D 174 26.23 8.09 -1.73
CA THR D 174 27.57 8.66 -2.00
C THR D 174 27.63 10.20 -2.08
N CYS D 175 26.54 10.82 -2.48
CA CYS D 175 26.49 12.24 -2.86
C CYS D 175 27.47 12.61 -3.97
N GLU D 176 27.75 11.67 -4.84
CA GLU D 176 28.50 12.02 -6.05
CA GLU D 176 28.47 11.99 -6.08
C GLU D 176 27.62 12.93 -6.91
N THR D 177 28.24 13.94 -7.53
CA THR D 177 27.48 14.89 -8.32
C THR D 177 26.95 14.23 -9.55
N LEU D 178 25.73 14.61 -9.87
CA LEU D 178 25.03 14.12 -10.99
C LEU D 178 24.87 15.30 -11.95
N SER D 179 25.37 15.21 -13.16
CA SER D 179 25.15 16.29 -14.13
C SER D 179 23.70 16.27 -14.60
N GLY D 180 23.24 17.36 -15.16
CA GLY D 180 21.90 17.38 -15.72
C GLY D 180 21.76 16.39 -16.86
N GLU D 181 22.83 16.22 -17.62
CA GLU D 181 22.79 15.31 -18.75
C GLU D 181 22.60 13.88 -18.25
N GLU D 182 23.36 13.50 -17.23
CA GLU D 182 23.25 12.11 -16.73
C GLU D 182 21.92 11.93 -16.01
N ALA D 183 21.47 12.98 -15.32
CA ALA D 183 20.17 12.96 -14.65
C ALA D 183 19.04 12.65 -15.64
N GLU D 184 19.09 13.21 -16.83
CA GLU D 184 18.08 12.91 -17.84
C GLU D 184 18.21 11.50 -18.38
N ARG D 185 19.45 11.05 -18.54
CA ARG D 185 19.72 9.69 -18.99
C ARG D 185 19.11 8.65 -18.06
N ILE D 186 19.13 8.90 -16.77
CA ILE D 186 18.61 7.88 -15.81
C ILE D 186 17.18 8.14 -15.38
N GLY D 187 16.58 9.24 -15.83
CA GLY D 187 15.17 9.56 -15.60
C GLY D 187 14.83 10.43 -14.41
N LEU D 188 15.83 11.10 -13.82
CA LEU D 188 15.56 11.98 -12.69
C LEU D 188 14.83 13.27 -13.04
N VAL D 189 15.11 13.75 -14.24
CA VAL D 189 14.49 14.96 -14.78
C VAL D 189 13.84 14.62 -16.13
N SER D 190 12.93 15.49 -16.54
CA SER D 190 12.11 15.23 -17.73
C SER D 190 12.87 15.39 -19.02
N THR D 191 13.75 16.39 -19.09
CA THR D 191 14.49 16.68 -20.31
C THR D 191 15.72 17.49 -19.97
N CYS D 192 16.62 17.48 -20.90
CA CYS D 192 17.91 18.14 -20.81
CA CYS D 192 17.79 18.31 -20.77
C CYS D 192 18.19 18.96 -22.06
N VAL D 193 18.68 20.17 -21.90
CA VAL D 193 19.07 21.05 -23.00
C VAL D 193 20.34 21.79 -22.58
N ASP D 194 21.00 22.46 -23.51
CA ASP D 194 22.14 23.29 -23.12
C ASP D 194 21.68 24.39 -22.17
N ASP D 195 22.58 24.83 -21.31
CA ASP D 195 22.32 25.90 -20.34
C ASP D 195 21.56 27.10 -20.91
N ASP D 196 22.00 27.61 -22.06
CA ASP D 196 21.32 28.77 -22.62
C ASP D 196 19.95 28.51 -23.22
N GLU D 197 19.50 27.24 -23.26
CA GLU D 197 18.18 26.91 -23.79
C GLU D 197 17.23 26.51 -22.66
N VAL D 198 17.73 26.46 -21.42
CA VAL D 198 16.89 25.98 -20.30
C VAL D 198 15.64 26.85 -20.08
N LEU D 199 15.84 28.15 -19.91
CA LEU D 199 14.71 29.02 -19.61
C LEU D 199 13.76 29.13 -20.83
N PRO D 200 14.28 29.30 -22.07
CA PRO D 200 13.39 29.25 -23.24
C PRO D 200 12.53 27.97 -23.32
N THR D 201 13.15 26.82 -23.11
CA THR D 201 12.47 25.53 -23.18
C THR D 201 11.39 25.45 -22.11
N ALA D 202 11.78 25.79 -20.88
CA ALA D 202 10.86 25.76 -19.75
C ALA D 202 9.69 26.70 -19.94
N THR D 203 9.97 27.87 -20.48
CA THR D 203 8.92 28.83 -20.81
C THR D 203 7.95 28.33 -21.86
N ARG D 204 8.45 27.71 -22.92
CA ARG D 204 7.59 27.14 -23.96
CA ARG D 204 7.59 27.13 -23.96
C ARG D 204 6.70 26.04 -23.36
N LEU D 205 7.29 25.16 -22.58
CA LEU D 205 6.52 24.09 -21.94
C LEU D 205 5.44 24.65 -21.00
N ALA D 206 5.81 25.64 -20.20
CA ALA D 206 4.83 26.23 -19.27
C ALA D 206 3.68 26.95 -20.00
N GLU D 207 4.00 27.72 -21.03
CA GLU D 207 2.96 28.38 -21.81
C GLU D 207 2.07 27.36 -22.53
N ASN D 208 2.64 26.26 -23.04
CA ASN D 208 1.82 25.26 -23.70
C ASN D 208 0.83 24.65 -22.69
N LEU D 209 1.30 24.34 -21.47
CA LEU D 209 0.38 23.86 -20.42
C LEU D 209 -0.68 24.92 -20.09
N ALA D 210 -0.28 26.18 -20.02
CA ALA D 210 -1.17 27.25 -19.65
C ALA D 210 -2.25 27.49 -20.68
N GLN D 211 -1.97 27.14 -21.94
CA GLN D 211 -2.96 27.25 -23.00
C GLN D 211 -3.73 25.98 -23.27
N GLY D 212 -3.39 24.92 -22.53
CA GLY D 212 -4.06 23.64 -22.71
C GLY D 212 -5.39 23.53 -21.98
N ALA D 213 -5.88 22.30 -21.94
CA ALA D 213 -7.13 21.96 -21.32
C ALA D 213 -6.86 21.82 -19.83
N GLN D 214 -7.29 22.79 -19.04
CA GLN D 214 -6.80 22.92 -17.66
C GLN D 214 -7.15 21.78 -16.69
N ASN D 215 -8.42 21.45 -16.57
CA ASN D 215 -8.78 20.38 -15.68
C ASN D 215 -8.14 19.06 -16.12
N ALA D 216 -8.06 18.81 -17.42
CA ALA D 216 -7.44 17.57 -17.92
C ALA D 216 -6.02 17.47 -17.46
N ILE D 217 -5.28 18.57 -17.57
CA ILE D 217 -3.88 18.61 -17.11
C ILE D 217 -3.78 18.41 -15.63
N ARG D 218 -4.57 19.17 -14.88
CA ARG D 218 -4.44 19.15 -13.41
C ARG D 218 -4.85 17.77 -12.87
N TRP D 219 -5.90 17.19 -13.41
CA TRP D 219 -6.37 15.88 -12.97
C TRP D 219 -5.42 14.74 -13.35
N THR D 220 -4.75 14.89 -14.49
CA THR D 220 -3.70 13.94 -14.87
C THR D 220 -2.57 13.96 -13.85
N LYS D 221 -2.02 15.14 -13.55
CA LYS D 221 -0.92 15.19 -12.60
C LYS D 221 -1.35 14.81 -11.18
N ARG D 222 -2.58 15.16 -10.82
CA ARG D 222 -3.08 14.81 -9.49
C ARG D 222 -3.10 13.29 -9.34
N SER D 223 -3.59 12.60 -10.38
CA SER D 223 -3.73 11.15 -10.34
C SER D 223 -2.36 10.53 -10.25
N LEU D 224 -1.42 11.00 -11.04
CA LEU D 224 -0.08 10.47 -11.00
C LEU D 224 0.54 10.69 -9.65
N ASN D 225 0.27 11.84 -9.04
CA ASN D 225 0.83 12.13 -7.71
C ASN D 225 0.33 11.19 -6.61
N HIS D 226 -0.72 10.41 -6.82
CA HIS D 226 -1.08 9.37 -5.86
CA HIS D 226 -1.08 9.35 -5.87
C HIS D 226 0.08 8.40 -5.61
N TRP D 227 0.93 8.19 -6.61
CA TRP D 227 2.05 7.29 -6.45
C TRP D 227 2.98 7.84 -5.41
N TYR D 228 3.29 9.16 -5.45
CA TYR D 228 4.10 9.72 -4.41
C TYR D 228 3.39 9.73 -3.03
N ARG D 229 2.12 10.03 -3.03
CA ARG D 229 1.33 10.07 -1.78
CA ARG D 229 1.33 10.06 -1.77
C ARG D 229 1.38 8.74 -1.05
N MET D 230 1.40 7.64 -1.81
CA MET D 230 1.45 6.30 -1.20
C MET D 230 2.74 6.08 -0.42
N PHE D 231 3.77 6.85 -0.73
CA PHE D 231 5.02 6.80 -0.02
C PHE D 231 5.24 7.98 0.96
N GLY D 232 4.14 8.65 1.31
CA GLY D 232 4.16 9.69 2.29
C GLY D 232 4.72 9.26 3.65
N PRO D 233 4.27 8.10 4.17
CA PRO D 233 4.80 7.65 5.46
C PRO D 233 6.30 7.36 5.40
N THR D 234 6.74 6.80 4.27
CA THR D 234 8.20 6.56 4.02
C THR D 234 8.96 7.86 4.02
N PHE D 235 8.44 8.88 3.32
CA PHE D 235 9.04 10.22 3.33
C PHE D 235 9.11 10.76 4.77
N GLU D 236 8.00 10.70 5.50
CA GLU D 236 7.99 11.25 6.86
C GLU D 236 8.95 10.49 7.78
N THR D 237 9.08 9.19 7.63
CA THR D 237 10.13 8.47 8.36
C THR D 237 11.51 9.02 8.04
N SER D 238 11.80 9.21 6.77
CA SER D 238 13.12 9.71 6.40
C SER D 238 13.40 11.11 7.01
N LEU D 239 12.37 11.96 7.03
CA LEU D 239 12.46 13.31 7.57
C LEU D 239 12.72 13.25 9.08
N GLY D 240 12.02 12.36 9.81
CA GLY D 240 12.32 12.28 11.25
C GLY D 240 13.74 11.83 11.53
N LEU D 241 14.22 10.87 10.75
CA LEU D 241 15.57 10.40 10.91
C LEU D 241 16.62 11.47 10.60
N GLU D 242 16.35 12.27 9.57
CA GLU D 242 17.20 13.40 9.25
C GLU D 242 17.29 14.34 10.44
N PHE D 243 16.12 14.64 11.02
CA PHE D 243 16.05 15.62 12.09
C PHE D 243 16.60 15.13 13.40
N LEU D 244 16.50 13.83 13.67
CA LEU D 244 17.23 13.23 14.79
C LEU D 244 18.75 13.41 14.56
N GLY D 245 19.20 13.42 13.31
CA GLY D 245 20.63 13.60 12.97
C GLY D 245 21.15 15.00 13.26
N PHE D 246 20.26 16.00 13.33
CA PHE D 246 20.72 17.38 13.40
C PHE D 246 21.28 17.72 14.78
N THR D 247 21.03 16.90 15.79
CA THR D 247 21.67 17.11 17.07
C THR D 247 22.81 16.12 17.36
N GLY D 248 23.18 15.37 16.34
CA GLY D 248 24.32 14.46 16.43
C GLY D 248 25.64 15.09 16.08
N PRO D 249 26.74 14.39 16.40
CA PRO D 249 28.10 14.89 16.12
C PRO D 249 28.49 14.95 14.64
N ASP D 250 27.92 14.07 13.80
CA ASP D 250 28.38 14.06 12.43
C ASP D 250 28.11 15.34 11.70
N VAL D 251 26.91 15.90 11.85
CA VAL D 251 26.57 17.13 11.13
C VAL D 251 27.49 18.31 11.49
N GLN D 252 27.94 18.35 12.75
CA GLN D 252 28.86 19.44 13.16
C GLN D 252 30.14 19.36 12.33
N GLU D 253 30.63 18.13 12.10
CA GLU D 253 31.83 17.94 11.30
C GLU D 253 31.56 18.16 9.81
N GLY D 254 30.42 17.68 9.30
CA GLY D 254 30.12 17.90 7.89
C GLY D 254 30.01 19.39 7.54
N LEU D 255 29.40 20.15 8.44
CA LEU D 255 29.16 21.58 8.28
C LEU D 255 30.51 22.29 8.32
N ALA D 256 31.34 21.90 9.27
CA ALA D 256 32.68 22.48 9.41
C ALA D 256 33.51 22.23 8.16
N ALA D 257 33.44 21.00 7.63
CA ALA D 257 34.17 20.65 6.44
C ALA D 257 33.72 21.46 5.25
N HIS D 258 32.41 21.70 5.13
CA HIS D 258 31.90 22.50 4.01
C HIS D 258 32.40 23.95 4.10
N ARG D 259 32.36 24.51 5.30
CA ARG D 259 32.84 25.88 5.54
C ARG D 259 34.28 26.03 5.11
N GLN D 260 35.10 25.06 5.53
CA GLN D 260 36.54 25.10 5.34
C GLN D 260 37.00 24.51 4.00
N LYS D 261 36.06 24.06 3.17
CA LYS D 261 36.34 23.47 1.83
C LYS D 261 37.39 22.35 1.93
N ARG D 262 37.23 21.43 2.88
CA ARG D 262 38.13 20.28 3.04
C ARG D 262 37.24 19.05 3.15
N PRO D 263 37.86 17.84 3.07
CA PRO D 263 37.02 16.65 3.29
C PRO D 263 36.62 16.48 4.75
N ALA D 264 35.42 15.96 4.97
CA ALA D 264 34.96 15.60 6.30
C ALA D 264 35.76 14.42 6.85
N ARG D 265 35.96 14.43 8.16
CA ARG D 265 36.59 13.33 8.88
C ARG D 265 35.59 12.88 9.92
N PHE D 266 34.62 12.08 9.47
CA PHE D 266 33.56 11.63 10.37
C PHE D 266 34.02 10.57 11.38
N THR D 267 34.80 9.61 10.93
CA THR D 267 34.97 8.40 11.71
C THR D 267 36.37 8.28 12.29
N THR E 8 -9.01 36.76 11.84
CA THR E 8 -8.38 35.45 11.42
C THR E 8 -9.31 34.65 10.51
N TYR E 9 -10.62 34.70 10.80
CA TYR E 9 -11.60 33.80 10.19
C TYR E 9 -12.65 34.53 9.39
N GLN E 10 -12.29 35.73 8.93
CA GLN E 10 -13.20 36.60 8.19
C GLN E 10 -13.59 35.96 6.86
N ASP E 11 -12.74 35.05 6.39
CA ASP E 11 -12.96 34.43 5.12
C ASP E 11 -14.02 33.31 5.19
N PHE E 12 -14.57 33.02 6.37
CA PHE E 12 -15.50 31.89 6.52
C PHE E 12 -16.82 32.36 7.14
N PRO E 13 -17.59 33.18 6.41
CA PRO E 13 -18.70 33.86 7.07
C PRO E 13 -19.91 32.98 7.43
N SER E 14 -20.00 31.74 6.96
CA SER E 14 -21.13 30.88 7.31
C SER E 14 -20.88 30.09 8.61
N LEU E 15 -19.66 30.18 9.12
CA LEU E 15 -19.28 29.42 10.32
C LEU E 15 -19.22 30.32 11.54
N ARG E 16 -19.57 29.78 12.70
CA ARG E 16 -19.40 30.51 13.98
C ARG E 16 -18.16 30.05 14.70
N PHE E 17 -17.37 31.00 15.19
CA PHE E 17 -16.05 30.74 15.79
C PHE E 17 -16.06 31.37 17.18
N GLU E 18 -16.14 30.57 18.23
CA GLU E 18 -16.32 31.04 19.61
C GLU E 18 -15.25 30.46 20.52
N PRO E 19 -14.41 31.33 21.09
CA PRO E 19 -13.33 30.84 21.93
C PRO E 19 -13.83 30.17 23.19
N GLY E 20 -13.16 29.09 23.54
CA GLY E 20 -13.37 28.41 24.78
C GLY E 20 -12.19 28.66 25.68
N GLU E 21 -11.96 27.73 26.59
CA GLU E 21 -10.87 27.87 27.54
C GLU E 21 -9.62 27.17 27.02
N HIS E 22 -8.45 27.72 27.37
CA HIS E 22 -7.19 27.00 27.18
C HIS E 22 -6.85 26.74 25.72
N GLY E 23 -7.34 27.56 24.78
CA GLY E 23 -7.03 27.35 23.37
C GLY E 23 -8.01 26.47 22.63
N VAL E 24 -9.10 26.09 23.28
CA VAL E 24 -10.18 25.40 22.57
C VAL E 24 -10.96 26.41 21.73
N LEU E 25 -11.15 26.12 20.45
CA LEU E 25 -12.00 26.88 19.59
C LEU E 25 -13.30 26.11 19.36
N ASN E 26 -14.45 26.70 19.75
CA ASN E 26 -15.73 26.13 19.41
C ASN E 26 -16.09 26.54 17.99
N LEU E 27 -16.30 25.57 17.13
CA LEU E 27 -16.72 25.77 15.75
C LEU E 27 -18.15 25.27 15.65
N VAL E 28 -19.09 26.17 15.35
CA VAL E 28 -20.52 25.83 15.38
C VAL E 28 -21.14 25.97 13.99
N LEU E 29 -21.82 24.90 13.56
CA LEU E 29 -22.59 24.85 12.33
C LEU E 29 -24.03 25.25 12.67
N ASP E 30 -24.47 26.41 12.14
CA ASP E 30 -25.76 27.04 12.50
C ASP E 30 -26.40 27.54 11.23
N SER E 31 -27.41 26.80 10.75
CA SER E 31 -27.99 27.09 9.45
C SER E 31 -29.37 26.46 9.34
N PRO E 32 -30.12 26.83 8.29
CA PRO E 32 -31.51 26.33 8.19
C PRO E 32 -31.62 24.84 8.06
N GLY E 33 -32.78 24.30 8.41
CA GLY E 33 -33.08 22.93 8.15
C GLY E 33 -32.23 21.99 9.00
N LEU E 34 -32.07 22.32 10.28
CA LEU E 34 -31.26 21.55 11.22
C LEU E 34 -29.79 21.50 10.76
N ASN E 35 -29.26 22.69 10.51
CA ASN E 35 -27.87 22.92 10.17
C ASN E 35 -27.47 22.16 8.90
N SER E 36 -28.31 22.26 7.89
CA SER E 36 -27.95 21.82 6.56
C SER E 36 -26.72 22.57 6.03
N VAL E 37 -25.98 21.88 5.16
CA VAL E 37 -24.78 22.43 4.55
C VAL E 37 -25.06 22.90 3.13
N GLY E 38 -25.10 24.22 2.95
CA GLY E 38 -25.36 24.82 1.66
C GLY E 38 -24.09 25.21 1.00
N PRO E 39 -24.19 25.79 -0.20
CA PRO E 39 -22.97 26.14 -0.95
C PRO E 39 -21.94 26.94 -0.17
N GLN E 40 -22.32 28.03 0.51
CA GLN E 40 -21.29 28.79 1.24
C GLN E 40 -20.60 28.00 2.39
N MET E 41 -21.42 27.33 3.19
CA MET E 41 -20.88 26.52 4.27
C MET E 41 -20.01 25.37 3.77
N HIS E 42 -20.40 24.80 2.63
CA HIS E 42 -19.62 23.69 2.06
C HIS E 42 -18.21 24.14 1.71
N ARG E 43 -18.11 25.33 1.10
CA ARG E 43 -16.82 25.89 0.80
C ARG E 43 -16.07 26.23 2.09
N ASP E 44 -16.74 26.81 3.07
CA ASP E 44 -16.06 27.25 4.28
C ASP E 44 -15.52 26.07 5.07
N LEU E 45 -16.33 25.01 5.15
CA LEU E 45 -15.90 23.78 5.85
C LEU E 45 -14.70 23.15 5.19
N ALA E 46 -14.64 23.17 3.85
CA ALA E 46 -13.50 22.65 3.12
C ALA E 46 -12.22 23.38 3.49
N ASP E 47 -12.27 24.70 3.52
CA ASP E 47 -11.05 25.49 3.51
C ASP E 47 -10.64 26.06 4.90
N VAL E 48 -11.46 25.83 5.93
CA VAL E 48 -11.16 26.41 7.23
C VAL E 48 -9.98 25.74 7.93
N TRP E 49 -9.76 24.44 7.68
CA TRP E 49 -8.87 23.65 8.54
C TRP E 49 -7.41 24.12 8.47
N PRO E 50 -6.90 24.45 7.26
CA PRO E 50 -5.52 24.90 7.22
C PRO E 50 -5.30 26.20 7.97
N VAL E 51 -6.30 27.06 7.99
CA VAL E 51 -6.21 28.31 8.75
C VAL E 51 -6.16 28.05 10.27
N ILE E 52 -6.97 27.11 10.74
CA ILE E 52 -6.95 26.76 12.14
C ILE E 52 -5.57 26.20 12.53
N ASP E 53 -4.99 25.38 11.65
CA ASP E 53 -3.69 24.75 11.97
C ASP E 53 -2.55 25.75 12.12
N ARG E 54 -2.64 26.89 11.45
CA ARG E 54 -1.63 27.95 11.53
C ARG E 54 -1.94 29.01 12.60
N ASP E 55 -3.11 28.95 13.23
CA ASP E 55 -3.51 29.96 14.25
C ASP E 55 -2.86 29.62 15.59
N PRO E 56 -1.89 30.42 16.04
CA PRO E 56 -1.20 30.11 17.28
C PRO E 56 -2.11 30.14 18.53
N ASP E 57 -3.29 30.73 18.44
CA ASP E 57 -4.16 30.80 19.59
C ASP E 57 -5.15 29.67 19.70
N VAL E 58 -5.13 28.73 18.74
CA VAL E 58 -6.02 27.58 18.80
C VAL E 58 -5.16 26.33 19.00
N ARG E 59 -5.54 25.52 19.98
CA ARG E 59 -4.91 24.24 20.23
C ARG E 59 -5.78 23.05 19.83
N VAL E 60 -7.10 23.19 19.98
CA VAL E 60 -8.08 22.08 19.82
C VAL E 60 -9.33 22.70 19.24
N VAL E 61 -9.99 22.01 18.33
CA VAL E 61 -11.27 22.41 17.80
C VAL E 61 -12.36 21.53 18.40
N LEU E 62 -13.45 22.15 18.87
CA LEU E 62 -14.62 21.42 19.38
C LEU E 62 -15.75 21.83 18.41
N VAL E 63 -16.22 20.89 17.57
CA VAL E 63 -17.20 21.15 16.54
C VAL E 63 -18.55 20.56 16.93
N ARG E 64 -19.60 21.35 16.72
CA ARG E 64 -20.95 20.97 17.02
CA ARG E 64 -20.96 20.94 16.99
C ARG E 64 -21.92 21.71 16.11
N GLY E 65 -23.15 21.23 16.05
CA GLY E 65 -24.24 21.95 15.46
C GLY E 65 -24.92 22.82 16.48
N GLU E 66 -25.59 23.86 16.02
CA GLU E 66 -26.44 24.67 16.92
C GLU E 66 -27.66 23.87 17.31
N GLY E 67 -28.03 23.90 18.60
CA GLY E 67 -29.26 23.21 19.05
C GLY E 67 -29.05 21.72 19.16
N LYS E 68 -30.09 20.95 18.92
CA LYS E 68 -30.08 19.50 19.16
C LYS E 68 -29.86 18.78 17.82
N ALA E 69 -28.95 19.29 16.99
CA ALA E 69 -28.70 18.72 15.68
C ALA E 69 -27.29 19.04 15.27
N PHE E 70 -26.56 18.06 14.77
CA PHE E 70 -25.25 18.29 14.20
C PHE E 70 -25.42 18.82 12.77
N SER E 71 -25.96 18.02 11.86
CA SER E 71 -26.32 18.47 10.53
C SER E 71 -27.25 17.50 9.86
N SER E 72 -28.24 18.05 9.16
CA SER E 72 -29.12 17.27 8.31
C SER E 72 -28.52 16.91 6.93
N GLY E 73 -27.31 17.32 6.66
CA GLY E 73 -26.57 16.98 5.41
C GLY E 73 -26.64 18.15 4.46
N GLY E 74 -26.20 17.90 3.23
CA GLY E 74 -26.28 18.89 2.17
C GLY E 74 -27.67 19.42 2.00
N SER E 75 -27.76 20.73 1.80
CA SER E 75 -29.05 21.36 1.59
C SER E 75 -29.53 21.08 0.18
N PHE E 76 -30.83 21.28 -0.02
CA PHE E 76 -31.36 21.09 -1.36
C PHE E 76 -30.72 22.09 -2.34
N GLU E 77 -30.33 23.28 -1.85
CA GLU E 77 -29.66 24.24 -2.70
C GLU E 77 -28.30 23.73 -3.17
N LEU E 78 -27.56 23.08 -2.26
CA LEU E 78 -26.27 22.47 -2.61
C LEU E 78 -26.49 21.42 -3.68
N ILE E 79 -27.47 20.54 -3.48
CA ILE E 79 -27.68 19.46 -4.46
C ILE E 79 -28.17 20.03 -5.81
N ASP E 80 -29.09 21.01 -5.78
CA ASP E 80 -29.56 21.66 -7.00
C ASP E 80 -28.39 22.26 -7.78
N GLU E 81 -27.45 22.88 -7.09
CA GLU E 81 -26.32 23.49 -7.79
C GLU E 81 -25.47 22.42 -8.46
N THR E 82 -25.25 21.31 -7.75
CA THR E 82 -24.43 20.23 -8.24
CA THR E 82 -24.41 20.22 -8.26
C THR E 82 -25.06 19.57 -9.48
N ILE E 83 -26.37 19.43 -9.46
CA ILE E 83 -27.08 18.77 -10.58
C ILE E 83 -27.09 19.70 -11.80
N GLY E 84 -27.24 20.99 -11.56
CA GLY E 84 -27.59 21.91 -12.62
C GLY E 84 -26.52 22.65 -13.38
N ASP E 85 -25.29 22.61 -12.90
CA ASP E 85 -24.24 23.41 -13.47
C ASP E 85 -22.87 22.72 -13.43
N TYR E 86 -22.20 22.60 -14.58
CA TYR E 86 -20.93 21.87 -14.68
C TYR E 86 -19.86 22.52 -13.82
N GLU E 87 -19.68 23.83 -13.95
CA GLU E 87 -18.62 24.50 -13.19
C GLU E 87 -18.90 24.41 -11.71
N GLY E 88 -20.15 24.62 -11.30
CA GLY E 88 -20.51 24.54 -9.88
C GLY E 88 -20.31 23.13 -9.35
N ARG E 89 -20.71 22.14 -10.13
CA ARG E 89 -20.51 20.73 -9.76
C ARG E 89 -19.02 20.45 -9.50
N ILE E 90 -18.15 20.89 -10.39
CA ILE E 90 -16.70 20.63 -10.17
C ILE E 90 -16.14 21.39 -8.97
N ARG E 91 -16.63 22.60 -8.74
CA ARG E 91 -16.20 23.37 -7.56
C ARG E 91 -16.60 22.64 -6.30
N ILE E 92 -17.85 22.17 -6.23
CA ILE E 92 -18.35 21.43 -5.07
C ILE E 92 -17.59 20.14 -4.85
N MET E 93 -17.22 19.51 -5.96
CA MET E 93 -16.42 18.29 -5.88
CA MET E 93 -16.43 18.29 -5.87
C MET E 93 -15.06 18.58 -5.25
N ARG E 94 -14.43 19.65 -5.71
CA ARG E 94 -13.11 20.06 -5.16
C ARG E 94 -13.24 20.32 -3.65
N GLU E 95 -14.31 21.01 -3.27
CA GLU E 95 -14.57 21.25 -1.87
C GLU E 95 -14.80 19.98 -1.05
N ALA E 96 -15.55 19.03 -1.61
CA ALA E 96 -15.80 17.76 -0.89
C ALA E 96 -14.49 16.98 -0.68
N ARG E 97 -13.65 17.03 -1.71
CA ARG E 97 -12.37 16.35 -1.67
C ARG E 97 -11.51 16.98 -0.56
N ASP E 98 -11.42 18.30 -0.58
CA ASP E 98 -10.55 19.04 0.32
C ASP E 98 -11.05 19.03 1.76
N LEU E 99 -12.37 18.97 1.99
CA LEU E 99 -12.87 18.80 3.34
C LEU E 99 -12.23 17.59 4.01
N VAL E 100 -12.32 16.45 3.33
CA VAL E 100 -11.74 15.21 3.85
C VAL E 100 -10.24 15.32 3.96
N LEU E 101 -9.56 15.72 2.90
CA LEU E 101 -8.10 15.68 2.94
C LEU E 101 -7.55 16.74 3.88
N ASN E 102 -8.14 17.94 3.93
CA ASN E 102 -7.66 18.99 4.89
C ASN E 102 -7.88 18.55 6.32
N LEU E 103 -8.98 17.82 6.61
CA LEU E 103 -9.20 17.32 7.95
C LEU E 103 -8.19 16.26 8.27
N VAL E 104 -7.98 15.32 7.35
CA VAL E 104 -7.01 14.20 7.58
C VAL E 104 -5.60 14.79 7.73
N ASN E 105 -5.33 15.89 7.06
CA ASN E 105 -4.03 16.54 7.16
C ASN E 105 -3.86 17.57 8.25
N LEU E 106 -4.86 17.74 9.10
CA LEU E 106 -4.82 18.69 10.23
C LEU E 106 -4.10 18.06 11.38
N ASP E 107 -3.08 18.75 11.90
CA ASP E 107 -2.33 18.22 13.04
C ASP E 107 -3.01 18.46 14.39
N LYS E 108 -3.70 19.59 14.53
CA LYS E 108 -4.45 19.87 15.77
C LYS E 108 -5.63 18.91 15.89
N PRO E 109 -5.98 18.53 17.13
CA PRO E 109 -7.07 17.61 17.32
C PRO E 109 -8.43 18.30 17.25
N VAL E 110 -9.39 17.52 16.81
CA VAL E 110 -10.80 17.90 16.65
C VAL E 110 -11.69 16.95 17.48
N VAL E 111 -12.57 17.51 18.31
CA VAL E 111 -13.51 16.74 19.11
C VAL E 111 -14.91 17.16 18.57
N SER E 112 -15.73 16.19 18.22
CA SER E 112 -17.10 16.47 17.77
C SER E 112 -18.10 16.14 18.88
N ALA E 113 -19.15 16.98 18.96
CA ALA E 113 -20.26 16.84 19.90
C ALA E 113 -21.49 16.62 19.06
N ILE E 114 -21.91 15.37 18.94
CA ILE E 114 -22.93 14.96 17.97
C ILE E 114 -24.28 14.73 18.64
N ARG E 115 -25.23 15.60 18.33
CA ARG E 115 -26.61 15.51 18.87
C ARG E 115 -27.56 15.44 17.69
N GLY E 116 -28.65 14.70 17.84
CA GLY E 116 -29.69 14.66 16.80
C GLY E 116 -29.16 14.13 15.49
N PRO E 117 -29.64 14.66 14.37
CA PRO E 117 -29.19 14.22 13.06
C PRO E 117 -27.74 14.57 12.77
N ALA E 118 -27.05 13.63 12.12
CA ALA E 118 -25.72 13.85 11.58
C ALA E 118 -25.66 13.06 10.27
N VAL E 119 -25.75 13.79 9.16
CA VAL E 119 -25.99 13.22 7.88
C VAL E 119 -25.02 13.78 6.84
N GLY E 120 -24.59 12.92 5.93
CA GLY E 120 -23.96 13.29 4.70
C GLY E 120 -22.83 14.28 4.87
N ALA E 121 -22.93 15.42 4.19
CA ALA E 121 -21.85 16.39 4.19
C ALA E 121 -21.43 16.89 5.54
N GLY E 122 -22.36 16.99 6.51
CA GLY E 122 -21.99 17.34 7.88
C GLY E 122 -21.41 16.19 8.72
N LEU E 123 -21.89 14.98 8.43
CA LEU E 123 -21.40 13.79 9.08
C LEU E 123 -19.91 13.60 8.84
N VAL E 124 -19.40 14.01 7.66
CA VAL E 124 -17.97 13.94 7.35
C VAL E 124 -17.16 14.49 8.52
N VAL E 125 -17.55 15.67 8.99
CA VAL E 125 -16.80 16.36 10.03
C VAL E 125 -17.00 15.62 11.38
N ALA E 126 -18.24 15.23 11.68
CA ALA E 126 -18.56 14.53 12.92
C ALA E 126 -17.70 13.28 13.09
N LEU E 127 -17.50 12.54 11.99
CA LEU E 127 -16.85 11.21 12.08
C LEU E 127 -15.34 11.25 11.85
N LEU E 128 -14.87 12.23 11.09
CA LEU E 128 -13.43 12.40 10.91
C LEU E 128 -12.79 13.19 12.06
N ALA E 129 -13.58 13.76 12.95
CA ALA E 129 -13.06 14.27 14.22
C ALA E 129 -12.25 13.19 14.91
N ASP E 130 -11.18 13.61 15.59
CA ASP E 130 -10.33 12.68 16.30
C ASP E 130 -11.06 11.92 17.41
N ILE E 131 -11.85 12.66 18.19
CA ILE E 131 -12.68 12.08 19.25
C ILE E 131 -14.11 12.51 18.96
N SER E 132 -14.98 11.54 18.75
CA SER E 132 -16.39 11.83 18.48
C SER E 132 -17.22 11.39 19.69
N VAL E 133 -18.00 12.36 20.20
CA VAL E 133 -18.92 12.15 21.33
C VAL E 133 -20.35 12.17 20.82
N ALA E 134 -20.98 11.00 20.83
CA ALA E 134 -22.35 10.89 20.30
C ALA E 134 -23.40 10.74 21.35
N SER E 135 -24.47 11.54 21.21
CA SER E 135 -25.70 11.29 21.93
C SER E 135 -26.20 9.86 21.70
N ALA E 136 -26.67 9.17 22.76
CA ALA E 136 -27.26 7.84 22.58
C ALA E 136 -28.38 7.83 21.54
N THR E 137 -29.06 8.98 21.42
CA THR E 137 -30.21 9.15 20.53
C THR E 137 -29.84 9.99 19.30
N ALA E 138 -28.54 10.18 19.00
CA ALA E 138 -28.19 10.77 17.70
C ALA E 138 -28.71 9.86 16.60
N LYS E 139 -28.88 10.42 15.39
CA LYS E 139 -29.38 9.71 14.20
C LYS E 139 -28.35 9.92 13.09
N ILE E 140 -27.47 8.95 12.93
CA ILE E 140 -26.38 8.95 11.97
C ILE E 140 -26.76 8.22 10.68
N ILE E 141 -26.69 8.94 9.57
CA ILE E 141 -27.09 8.41 8.26
C ILE E 141 -26.11 8.96 7.24
N ASP E 142 -25.43 8.08 6.51
CA ASP E 142 -24.60 8.58 5.44
C ASP E 142 -25.48 9.26 4.37
N GLY E 143 -26.54 8.57 3.96
CA GLY E 143 -27.57 9.14 3.14
C GLY E 143 -27.44 9.07 1.62
N HIS E 144 -26.26 8.77 1.11
CA HIS E 144 -26.03 8.94 -0.32
C HIS E 144 -26.85 7.98 -1.15
N THR E 145 -26.78 6.69 -0.87
CA THR E 145 -27.48 5.76 -1.76
C THR E 145 -28.99 6.03 -1.79
N LYS E 146 -29.56 6.53 -0.69
CA LYS E 146 -30.97 6.86 -0.61
C LYS E 146 -31.28 8.12 -1.45
N LEU E 147 -30.35 9.05 -1.51
CA LEU E 147 -30.44 10.23 -2.39
C LEU E 147 -30.29 9.87 -3.85
N GLY E 148 -29.53 8.82 -4.12
CA GLY E 148 -29.31 8.33 -5.47
C GLY E 148 -27.91 8.44 -6.03
N VAL E 149 -26.92 8.72 -5.18
CA VAL E 149 -25.52 8.79 -5.63
C VAL E 149 -24.65 7.91 -4.71
N ALA E 150 -23.44 7.58 -5.17
CA ALA E 150 -22.54 6.78 -4.39
C ALA E 150 -22.13 7.50 -3.11
N ALA E 151 -21.72 6.73 -2.10
CA ALA E 151 -21.22 7.32 -0.82
C ALA E 151 -19.78 7.74 -0.97
N GLY E 152 -19.60 8.91 -1.57
CA GLY E 152 -18.30 9.35 -2.05
C GLY E 152 -17.67 10.49 -1.27
N ASP E 153 -18.27 10.91 -0.18
CA ASP E 153 -17.84 12.16 0.49
C ASP E 153 -17.01 11.99 1.73
N HIS E 154 -16.77 10.75 2.14
CA HIS E 154 -15.78 10.40 3.19
C HIS E 154 -15.78 8.93 3.56
N ALA E 155 -16.91 8.25 3.38
CA ALA E 155 -17.05 6.93 4.02
C ALA E 155 -16.02 5.93 3.55
N ALA E 156 -15.64 6.00 2.28
CA ALA E 156 -14.65 5.05 1.75
C ALA E 156 -13.22 5.27 2.21
N ILE E 157 -12.92 6.40 2.86
CA ILE E 157 -11.60 6.63 3.49
C ILE E 157 -11.54 6.08 4.88
N CYS E 158 -12.67 5.73 5.51
CA CYS E 158 -12.63 5.41 6.94
C CYS E 158 -13.61 4.35 7.48
N TRP E 159 -14.79 4.18 6.93
CA TRP E 159 -15.75 3.31 7.60
C TRP E 159 -15.23 1.88 7.80
N PRO E 160 -14.53 1.31 6.82
CA PRO E 160 -14.08 -0.08 7.08
C PRO E 160 -13.13 -0.18 8.29
N LEU E 161 -12.35 0.88 8.51
CA LEU E 161 -11.38 0.94 9.60
C LEU E 161 -12.00 1.52 10.89
N LEU E 162 -13.30 1.79 10.87
CA LEU E 162 -14.04 2.17 12.06
C LEU E 162 -14.86 0.99 12.57
N VAL E 163 -15.69 0.42 11.69
CA VAL E 163 -16.67 -0.55 12.08
C VAL E 163 -16.49 -1.94 11.44
N GLY E 164 -15.42 -2.12 10.63
CA GLY E 164 -15.27 -3.33 9.89
C GLY E 164 -16.14 -3.35 8.66
N MET E 165 -15.83 -4.24 7.70
CA MET E 165 -16.47 -4.15 6.40
C MET E 165 -17.93 -4.53 6.39
N ALA E 166 -18.33 -5.49 7.24
CA ALA E 166 -19.68 -5.99 7.19
C ALA E 166 -20.64 -4.95 7.70
N LYS E 167 -20.28 -4.28 8.79
CA LYS E 167 -21.15 -3.23 9.28
C LYS E 167 -21.09 -1.98 8.37
N ALA E 168 -19.92 -1.69 7.83
CA ALA E 168 -19.76 -0.53 6.93
C ALA E 168 -20.71 -0.69 5.72
N LYS E 169 -20.64 -1.88 5.09
CA LYS E 169 -21.48 -2.13 3.90
C LYS E 169 -22.96 -2.10 4.29
N TYR E 170 -23.32 -2.64 5.45
CA TYR E 170 -24.76 -2.68 5.82
C TYR E 170 -25.30 -1.26 5.85
N TYR E 171 -24.64 -0.35 6.56
CA TYR E 171 -25.21 0.97 6.77
C TYR E 171 -25.02 1.87 5.55
N LEU E 172 -23.91 1.73 4.83
CA LEU E 172 -23.68 2.58 3.66
C LEU E 172 -24.56 2.18 2.49
N LEU E 173 -24.87 0.88 2.35
CA LEU E 173 -25.67 0.48 1.22
C LEU E 173 -27.13 0.71 1.50
N THR E 174 -27.58 0.39 2.70
CA THR E 174 -29.01 0.51 3.03
C THR E 174 -29.47 1.92 3.47
N CYS E 175 -28.55 2.71 4.01
CA CYS E 175 -28.87 3.98 4.67
C CYS E 175 -29.88 3.84 5.81
N GLU E 176 -29.95 2.65 6.42
CA GLU E 176 -30.68 2.50 7.67
C GLU E 176 -30.06 3.39 8.72
N THR E 177 -30.91 3.98 9.56
CA THR E 177 -30.42 4.90 10.60
C THR E 177 -29.65 4.16 11.67
N LEU E 178 -28.56 4.78 12.05
CA LEU E 178 -27.73 4.27 13.12
C LEU E 178 -27.87 5.18 14.31
N SER E 179 -28.33 4.66 15.45
CA SER E 179 -28.36 5.45 16.65
C SER E 179 -26.95 5.72 17.15
N GLY E 180 -26.77 6.76 17.94
CA GLY E 180 -25.49 7.03 18.59
C GLY E 180 -25.02 5.85 19.43
N GLU E 181 -25.95 5.22 20.13
CA GLU E 181 -25.62 4.09 20.98
CA GLU E 181 -25.62 4.08 20.97
C GLU E 181 -25.09 2.95 20.10
N GLU E 182 -25.78 2.71 18.98
CA GLU E 182 -25.33 1.63 18.10
C GLU E 182 -24.00 1.98 17.43
N ALA E 183 -23.83 3.26 17.10
CA ALA E 183 -22.58 3.72 16.49
C ALA E 183 -21.40 3.47 17.40
N GLU E 184 -21.58 3.73 18.69
CA GLU E 184 -20.49 3.45 19.65
C GLU E 184 -20.23 1.93 19.78
N ARG E 185 -21.30 1.15 19.79
CA ARG E 185 -21.19 -0.29 19.91
C ARG E 185 -20.31 -0.87 18.80
N ILE E 186 -20.49 -0.39 17.59
CA ILE E 186 -19.76 -0.96 16.45
C ILE E 186 -18.47 -0.26 16.12
N GLY E 187 -18.16 0.81 16.83
CA GLY E 187 -16.85 1.49 16.64
C GLY E 187 -16.79 2.69 15.76
N LEU E 188 -17.94 3.20 15.33
CA LEU E 188 -17.96 4.33 14.43
C LEU E 188 -17.63 5.63 15.12
N VAL E 189 -17.94 5.69 16.41
CA VAL E 189 -17.70 6.89 17.22
C VAL E 189 -16.93 6.50 18.49
N SER E 190 -16.28 7.49 19.09
CA SER E 190 -15.38 7.21 20.21
C SER E 190 -16.16 6.83 21.48
N THR E 191 -17.22 7.58 21.78
CA THR E 191 -17.96 7.36 23.00
C THR E 191 -19.38 7.84 22.84
N CYS E 192 -20.23 7.36 23.74
CA CYS E 192 -21.67 7.67 23.71
C CYS E 192 -22.10 8.05 25.11
N VAL E 193 -22.84 9.16 25.19
CA VAL E 193 -23.45 9.59 26.43
C VAL E 193 -24.86 10.11 26.16
N ASP E 194 -25.64 10.30 27.23
CA ASP E 194 -26.93 10.94 27.12
C ASP E 194 -26.83 12.27 26.38
N ASP E 195 -27.85 12.56 25.58
CA ASP E 195 -27.95 13.83 24.84
C ASP E 195 -27.52 15.07 25.64
N ASP E 196 -28.02 15.18 26.88
CA ASP E 196 -27.74 16.36 27.71
C ASP E 196 -26.33 16.43 28.25
N GLU E 197 -25.56 15.35 28.13
CA GLU E 197 -24.18 15.31 28.56
C GLU E 197 -23.17 15.32 27.40
N VAL E 198 -23.65 15.42 26.17
CA VAL E 198 -22.76 15.39 25.00
C VAL E 198 -21.81 16.60 24.96
N LEU E 199 -22.36 17.82 25.02
CA LEU E 199 -21.49 19.01 25.00
C LEU E 199 -20.58 19.10 26.24
N PRO E 200 -21.11 18.84 27.45
CA PRO E 200 -20.23 18.84 28.61
C PRO E 200 -19.06 17.85 28.54
N THR E 201 -19.38 16.66 28.04
CA THR E 201 -18.37 15.59 27.90
C THR E 201 -17.34 15.98 26.83
N ALA E 202 -17.81 16.45 25.66
CA ALA E 202 -16.91 16.85 24.58
C ALA E 202 -16.04 18.03 25.03
N THR E 203 -16.63 18.91 25.84
CA THR E 203 -15.87 20.10 26.35
C THR E 203 -14.76 19.66 27.28
N ARG E 204 -15.02 18.72 28.19
CA ARG E 204 -13.99 18.23 29.09
C ARG E 204 -12.85 17.59 28.29
N LEU E 205 -13.21 16.74 27.33
CA LEU E 205 -12.20 16.07 26.51
C LEU E 205 -11.35 17.08 25.75
N ALA E 206 -11.99 18.08 25.15
CA ALA E 206 -11.29 19.11 24.39
C ALA E 206 -10.34 19.91 25.28
N GLU E 207 -10.83 20.32 26.45
CA GLU E 207 -10.01 21.06 27.42
C GLU E 207 -8.85 20.23 27.91
N ASN E 208 -9.06 18.94 28.13
CA ASN E 208 -7.96 18.07 28.59
C ASN E 208 -6.88 17.97 27.50
N LEU E 209 -7.27 17.82 26.24
CA LEU E 209 -6.28 17.81 25.15
C LEU E 209 -5.55 19.16 25.08
N ALA E 210 -6.29 20.24 25.26
CA ALA E 210 -5.74 21.58 25.13
C ALA E 210 -4.69 21.89 26.22
N GLN E 211 -4.80 21.22 27.36
CA GLN E 211 -3.83 21.36 28.45
C GLN E 211 -2.78 20.28 28.50
N GLY E 212 -2.85 19.33 27.57
CA GLY E 212 -1.86 18.28 27.46
C GLY E 212 -0.58 18.67 26.73
N ALA E 213 0.22 17.65 26.50
CA ALA E 213 1.49 17.80 25.82
C ALA E 213 1.23 17.92 24.34
N GLN E 214 1.40 19.12 23.79
CA GLN E 214 0.81 19.44 22.47
C GLN E 214 1.40 18.65 21.33
N ASN E 215 2.73 18.66 21.15
CA ASN E 215 3.33 17.91 20.05
C ASN E 215 3.08 16.41 20.19
N ALA E 216 3.10 15.89 21.42
CA ALA E 216 2.81 14.44 21.61
C ALA E 216 1.44 14.07 21.07
N ILE E 217 0.48 14.92 21.41
CA ILE E 217 -0.90 14.72 20.98
C ILE E 217 -1.00 14.84 19.47
N ARG E 218 -0.47 15.93 18.93
CA ARG E 218 -0.62 16.19 17.49
C ARG E 218 0.10 15.14 16.65
N TRP E 219 1.28 14.74 17.09
CA TRP E 219 2.07 13.75 16.35
C TRP E 219 1.48 12.36 16.42
N THR E 220 0.84 12.04 17.56
CA THR E 220 0.12 10.78 17.69
C THR E 220 -1.03 10.70 16.71
N LYS E 221 -1.87 11.73 16.66
CA LYS E 221 -2.98 11.70 15.69
C LYS E 221 -2.51 11.81 14.25
N ARG E 222 -1.46 12.59 13.99
CA ARG E 222 -0.91 12.66 12.62
C ARG E 222 -0.47 11.27 12.17
N SER E 223 0.22 10.51 13.02
CA SER E 223 0.73 9.19 12.66
C SER E 223 -0.41 8.22 12.37
N LEU E 224 -1.41 8.25 13.27
CA LEU E 224 -2.57 7.41 13.05
C LEU E 224 -3.27 7.76 11.75
N ASN E 225 -3.29 9.05 11.39
CA ASN E 225 -3.95 9.48 10.17
C ASN E 225 -3.31 8.94 8.89
N HIS E 226 -2.08 8.43 8.95
CA HIS E 226 -1.49 7.80 7.78
CA HIS E 226 -1.48 7.79 7.78
C HIS E 226 -2.34 6.64 7.33
N TRP E 227 -3.07 6.00 8.26
CA TRP E 227 -3.94 4.86 7.85
C TRP E 227 -5.03 5.36 6.87
N TYR E 228 -5.63 6.52 7.15
CA TYR E 228 -6.61 7.09 6.27
C TYR E 228 -5.95 7.58 4.99
N ARG E 229 -4.76 8.17 5.10
CA ARG E 229 -4.09 8.69 3.92
CA ARG E 229 -4.08 8.68 3.91
C ARG E 229 -3.79 7.56 2.93
N MET E 230 -3.51 6.34 3.43
CA MET E 230 -3.25 5.23 2.53
CA MET E 230 -3.25 5.21 2.53
C MET E 230 -4.46 4.82 1.70
N PHE E 231 -5.65 5.21 2.16
CA PHE E 231 -6.89 4.97 1.40
C PHE E 231 -7.39 6.23 0.71
N GLY E 232 -6.50 7.21 0.55
CA GLY E 232 -6.86 8.41 -0.21
C GLY E 232 -7.30 8.12 -1.63
N PRO E 233 -6.56 7.29 -2.39
CA PRO E 233 -6.99 7.03 -3.77
C PRO E 233 -8.36 6.35 -3.80
N THR E 234 -8.60 5.46 -2.85
CA THR E 234 -9.92 4.78 -2.70
C THR E 234 -11.01 5.80 -2.47
N PHE E 235 -10.74 6.73 -1.54
CA PHE E 235 -11.65 7.83 -1.29
C PHE E 235 -11.91 8.66 -2.56
N GLU E 236 -10.85 9.06 -3.28
CA GLU E 236 -11.01 9.85 -4.49
C GLU E 236 -11.78 9.12 -5.59
N THR E 237 -11.61 7.82 -5.68
CA THR E 237 -12.43 7.04 -6.62
C THR E 237 -13.91 7.12 -6.22
N SER E 238 -14.22 6.95 -4.95
CA SER E 238 -15.56 7.02 -4.50
C SER E 238 -16.22 8.37 -4.81
N LEU E 239 -15.44 9.43 -4.63
CA LEU E 239 -15.92 10.79 -4.87
C LEU E 239 -16.22 11.04 -6.33
N GLY E 240 -15.34 10.59 -7.22
CA GLY E 240 -15.60 10.69 -8.65
C GLY E 240 -16.88 9.98 -9.08
N LEU E 241 -17.11 8.80 -8.52
CA LEU E 241 -18.31 8.03 -8.86
C LEU E 241 -19.55 8.69 -8.31
N GLU E 242 -19.51 9.22 -7.09
CA GLU E 242 -20.60 10.05 -6.57
C GLU E 242 -20.90 11.16 -7.55
N PHE E 243 -19.88 11.91 -7.97
CA PHE E 243 -20.14 13.05 -8.80
C PHE E 243 -20.57 12.78 -10.22
N LEU E 244 -20.18 11.63 -10.76
CA LEU E 244 -20.74 11.12 -12.00
C LEU E 244 -22.22 10.83 -11.84
N GLY E 245 -22.67 10.54 -10.63
CA GLY E 245 -24.06 10.32 -10.33
C GLY E 245 -24.93 11.56 -10.41
N PHE E 246 -24.34 12.75 -10.27
CA PHE E 246 -25.18 13.94 -10.18
C PHE E 246 -25.82 14.35 -11.51
N THR E 247 -25.33 13.80 -12.63
CA THR E 247 -25.97 14.00 -13.93
C THR E 247 -26.85 12.83 -14.36
N GLY E 248 -26.99 11.83 -13.50
CA GLY E 248 -27.84 10.68 -13.75
C GLY E 248 -29.28 10.91 -13.35
N PRO E 249 -30.16 10.02 -13.79
CA PRO E 249 -31.57 10.20 -13.51
C PRO E 249 -31.93 9.86 -12.06
N ASP E 250 -31.20 8.96 -11.41
CA ASP E 250 -31.66 8.56 -10.07
C ASP E 250 -31.72 9.72 -9.07
N VAL E 251 -30.72 10.58 -9.06
CA VAL E 251 -30.64 11.65 -8.09
C VAL E 251 -31.81 12.65 -8.20
N GLN E 252 -32.35 12.84 -9.41
CA GLN E 252 -33.48 13.75 -9.57
C GLN E 252 -34.68 13.20 -8.79
N GLU E 253 -34.88 11.88 -8.87
CA GLU E 253 -35.96 11.26 -8.09
C GLU E 253 -35.63 11.22 -6.60
N GLY E 254 -34.37 10.92 -6.25
CA GLY E 254 -34.02 10.84 -4.86
C GLY E 254 -34.20 12.16 -4.16
N LEU E 255 -33.82 13.23 -4.85
CA LEU E 255 -33.90 14.56 -4.30
C LEU E 255 -35.38 14.95 -4.21
N ALA E 256 -36.15 14.72 -5.26
CA ALA E 256 -37.58 15.02 -5.21
C ALA E 256 -38.23 14.28 -4.04
N ALA E 257 -37.88 12.99 -3.85
CA ALA E 257 -38.49 12.22 -2.76
C ALA E 257 -38.18 12.85 -1.40
N HIS E 258 -36.93 13.30 -1.23
CA HIS E 258 -36.51 14.00 -0.01
C HIS E 258 -37.34 15.27 0.20
N ARG E 259 -37.43 16.10 -0.85
CA ARG E 259 -38.13 17.40 -0.80
C ARG E 259 -39.62 17.19 -0.46
N GLN E 260 -40.21 16.16 -1.08
CA GLN E 260 -41.65 15.88 -0.95
C GLN E 260 -41.99 14.96 0.21
N LYS E 261 -41.01 14.67 1.06
CA LYS E 261 -41.24 13.89 2.28
C LYS E 261 -41.93 12.54 2.01
N ARG E 262 -41.49 11.85 0.95
CA ARG E 262 -42.03 10.56 0.52
C ARG E 262 -40.89 9.57 0.20
N PRO E 263 -41.24 8.28 0.02
CA PRO E 263 -40.21 7.32 -0.41
C PRO E 263 -39.83 7.49 -1.88
N ALA E 264 -38.55 7.30 -2.21
CA ALA E 264 -38.13 7.38 -3.61
C ALA E 264 -38.66 6.18 -4.40
N ARG E 265 -38.93 6.39 -5.68
CA ARG E 265 -39.33 5.34 -6.59
C ARG E 265 -38.32 5.29 -7.72
N PHE E 266 -37.19 4.62 -7.48
CA PHE E 266 -36.15 4.53 -8.51
C PHE E 266 -36.53 3.51 -9.58
N THR F 8 -16.06 -20.14 -29.52
CA THR F 8 -15.22 -19.55 -28.42
C THR F 8 -15.31 -18.04 -28.46
N TYR F 9 -14.93 -17.49 -29.61
CA TYR F 9 -14.77 -16.05 -29.80
C TYR F 9 -15.87 -15.50 -30.70
N GLN F 10 -16.98 -16.22 -30.80
CA GLN F 10 -18.10 -15.80 -31.63
C GLN F 10 -18.64 -14.50 -31.06
N ASP F 11 -18.49 -14.33 -29.75
CA ASP F 11 -18.95 -13.18 -29.06
C ASP F 11 -18.13 -11.89 -29.32
N PHE F 12 -16.99 -11.99 -30.04
CA PHE F 12 -16.08 -10.81 -30.29
C PHE F 12 -15.90 -10.45 -31.77
N PRO F 13 -16.94 -9.90 -32.41
CA PRO F 13 -17.00 -9.78 -33.88
C PRO F 13 -16.06 -8.75 -34.52
N SER F 14 -15.59 -7.77 -33.75
CA SER F 14 -14.71 -6.74 -34.35
C SER F 14 -13.26 -7.22 -34.34
N LEU F 15 -12.98 -8.35 -33.69
CA LEU F 15 -11.61 -8.81 -33.53
C LEU F 15 -11.37 -9.97 -34.49
N ARG F 16 -10.14 -10.04 -35.01
CA ARG F 16 -9.70 -11.20 -35.82
C ARG F 16 -8.87 -12.11 -34.94
N PHE F 17 -9.21 -13.41 -34.91
CA PHE F 17 -8.51 -14.43 -34.10
C PHE F 17 -7.90 -15.45 -35.06
N GLU F 18 -6.58 -15.50 -35.14
CA GLU F 18 -5.89 -16.37 -36.12
C GLU F 18 -4.86 -17.24 -35.41
N PRO F 19 -5.01 -18.57 -35.44
CA PRO F 19 -3.98 -19.43 -34.84
C PRO F 19 -2.61 -19.24 -35.43
N GLY F 20 -1.60 -19.22 -34.56
CA GLY F 20 -0.23 -19.32 -34.94
C GLY F 20 0.24 -20.69 -34.53
N GLU F 21 1.53 -20.79 -34.20
CA GLU F 21 2.15 -22.05 -33.85
C GLU F 21 2.19 -22.23 -32.35
N HIS F 22 2.10 -23.48 -31.91
CA HIS F 22 2.38 -23.85 -30.52
C HIS F 22 1.43 -23.19 -29.50
N GLY F 23 0.19 -22.88 -29.87
CA GLY F 23 -0.76 -22.28 -28.94
C GLY F 23 -0.67 -20.75 -28.92
N VAL F 24 0.06 -20.16 -29.87
CA VAL F 24 0.03 -18.69 -30.02
C VAL F 24 -1.25 -18.29 -30.75
N LEU F 25 -2.01 -17.37 -30.16
CA LEU F 25 -3.18 -16.77 -30.76
C LEU F 25 -2.80 -15.39 -31.28
N ASN F 26 -2.94 -15.18 -32.59
CA ASN F 26 -2.82 -13.86 -33.18
C ASN F 26 -4.16 -13.13 -33.07
N LEU F 27 -4.14 -11.99 -32.38
CA LEU F 27 -5.30 -11.13 -32.21
C LEU F 27 -5.03 -9.84 -32.99
N VAL F 28 -5.84 -9.59 -34.03
CA VAL F 28 -5.56 -8.51 -34.97
C VAL F 28 -6.68 -7.48 -34.91
N LEU F 29 -6.29 -6.22 -34.69
CA LEU F 29 -7.19 -5.07 -34.68
C LEU F 29 -7.17 -4.55 -36.12
N ASP F 30 -8.31 -4.65 -36.78
CA ASP F 30 -8.43 -4.33 -38.20
C ASP F 30 -9.74 -3.58 -38.39
N SER F 31 -9.61 -2.27 -38.61
CA SER F 31 -10.79 -1.42 -38.78
C SER F 31 -10.40 -0.14 -39.49
N PRO F 32 -11.41 0.60 -39.97
CA PRO F 32 -11.09 1.80 -40.70
C PRO F 32 -10.35 2.89 -39.87
N GLY F 33 -9.71 3.78 -40.60
CA GLY F 33 -9.01 4.90 -40.00
C GLY F 33 -7.82 4.52 -39.15
N LEU F 34 -6.99 3.62 -39.68
CA LEU F 34 -5.77 3.13 -38.99
C LEU F 34 -6.16 2.40 -37.70
N ASN F 35 -7.12 1.51 -37.86
CA ASN F 35 -7.60 0.62 -36.81
C ASN F 35 -8.16 1.40 -35.64
N SER F 36 -9.04 2.34 -35.98
CA SER F 36 -9.78 3.09 -34.95
C SER F 36 -10.67 2.12 -34.15
N VAL F 37 -10.85 2.48 -32.89
CA VAL F 37 -11.61 1.68 -31.94
C VAL F 37 -13.00 2.29 -31.85
N GLY F 38 -13.98 1.63 -32.49
CA GLY F 38 -15.38 2.07 -32.39
C GLY F 38 -16.03 1.40 -31.18
N PRO F 39 -17.33 1.63 -30.99
CA PRO F 39 -18.07 1.03 -29.84
C PRO F 39 -18.02 -0.49 -29.76
N GLN F 40 -18.14 -1.23 -30.89
CA GLN F 40 -18.06 -2.69 -30.81
C GLN F 40 -16.66 -3.10 -30.37
N MET F 41 -15.62 -2.55 -30.99
CA MET F 41 -14.26 -2.97 -30.67
C MET F 41 -13.89 -2.57 -29.23
N HIS F 42 -14.45 -1.47 -28.77
CA HIS F 42 -14.18 -1.03 -27.37
C HIS F 42 -14.73 -2.03 -26.37
N ARG F 43 -15.92 -2.55 -26.63
CA ARG F 43 -16.48 -3.58 -25.75
C ARG F 43 -15.75 -4.91 -25.93
N ASP F 44 -15.46 -5.27 -27.19
CA ASP F 44 -14.80 -6.55 -27.48
C ASP F 44 -13.41 -6.61 -26.82
N LEU F 45 -12.67 -5.53 -26.94
CA LEU F 45 -11.34 -5.48 -26.31
C LEU F 45 -11.41 -5.56 -24.79
N ALA F 46 -12.45 -4.96 -24.18
CA ALA F 46 -12.62 -5.04 -22.74
C ALA F 46 -12.82 -6.48 -22.29
N ASP F 47 -13.67 -7.21 -23.01
CA ASP F 47 -14.16 -8.47 -22.47
C ASP F 47 -13.53 -9.74 -23.01
N VAL F 48 -12.61 -9.65 -23.97
CA VAL F 48 -12.01 -10.84 -24.59
C VAL F 48 -11.06 -11.60 -23.67
N TRP F 49 -10.38 -10.87 -22.79
CA TRP F 49 -9.27 -11.45 -22.05
C TRP F 49 -9.66 -12.64 -21.15
N PRO F 50 -10.79 -12.53 -20.39
CA PRO F 50 -11.13 -13.65 -19.52
C PRO F 50 -11.48 -14.94 -20.31
N VAL F 51 -12.01 -14.75 -21.50
CA VAL F 51 -12.28 -15.89 -22.40
C VAL F 51 -10.99 -16.55 -22.88
N ILE F 52 -10.00 -15.72 -23.22
CA ILE F 52 -8.69 -16.27 -23.62
C ILE F 52 -8.07 -17.05 -22.49
N ASP F 53 -8.17 -16.55 -21.25
CA ASP F 53 -7.50 -17.21 -20.12
C ASP F 53 -8.07 -18.62 -19.85
N ARG F 54 -9.31 -18.84 -20.21
CA ARG F 54 -9.94 -20.14 -19.96
C ARG F 54 -9.86 -21.08 -21.17
N ASP F 55 -9.32 -20.61 -22.30
CA ASP F 55 -9.34 -21.38 -23.55
C ASP F 55 -8.11 -22.27 -23.54
N PRO F 56 -8.31 -23.58 -23.39
CA PRO F 56 -7.16 -24.45 -23.19
C PRO F 56 -6.26 -24.57 -24.44
N ASP F 57 -6.76 -24.12 -25.59
CA ASP F 57 -5.98 -24.17 -26.84
C ASP F 57 -5.07 -22.94 -27.01
N VAL F 58 -5.12 -21.97 -26.09
CA VAL F 58 -4.34 -20.70 -26.23
C VAL F 58 -3.35 -20.67 -25.08
N ARG F 59 -2.08 -20.44 -25.40
CA ARG F 59 -0.99 -20.30 -24.44
C ARG F 59 -0.51 -18.83 -24.34
N VAL F 60 -0.47 -18.14 -25.46
CA VAL F 60 0.10 -16.80 -25.55
C VAL F 60 -0.72 -16.01 -26.55
N VAL F 61 -0.89 -14.71 -26.30
CA VAL F 61 -1.55 -13.82 -27.28
C VAL F 61 -0.52 -12.92 -27.94
N LEU F 62 -0.54 -12.85 -29.27
CA LEU F 62 0.26 -11.87 -30.03
CA LEU F 62 0.27 -11.87 -30.02
C LEU F 62 -0.71 -10.87 -30.64
N VAL F 63 -0.68 -9.64 -30.14
CA VAL F 63 -1.65 -8.65 -30.57
C VAL F 63 -0.95 -7.61 -31.46
N ARG F 64 -1.62 -7.26 -32.53
CA ARG F 64 -1.14 -6.24 -33.45
CA ARG F 64 -1.14 -6.28 -33.48
C ARG F 64 -2.29 -5.61 -34.19
N GLY F 65 -1.99 -4.50 -34.85
CA GLY F 65 -2.91 -3.91 -35.82
C GLY F 65 -2.70 -4.51 -37.21
N GLU F 66 -3.73 -4.44 -38.04
CA GLU F 66 -3.57 -4.70 -39.46
C GLU F 66 -2.79 -3.56 -40.14
N GLY F 67 -1.81 -3.93 -40.96
CA GLY F 67 -1.08 -2.94 -41.74
C GLY F 67 -0.08 -2.12 -40.94
N LYS F 68 0.03 -0.84 -41.27
CA LYS F 68 1.08 0.03 -40.71
C LYS F 68 0.60 0.83 -39.48
N ALA F 69 -0.25 0.23 -38.65
CA ALA F 69 -0.73 0.93 -37.49
C ALA F 69 -1.19 -0.09 -36.48
N PHE F 70 -0.96 0.20 -35.21
CA PHE F 70 -1.52 -0.61 -34.15
C PHE F 70 -2.97 -0.16 -33.96
N SER F 71 -3.16 1.09 -33.51
CA SER F 71 -4.48 1.73 -33.50
C SER F 71 -4.36 3.22 -33.33
N SER F 72 -5.14 3.94 -34.13
CA SER F 72 -5.34 5.37 -33.95
C SER F 72 -6.21 5.75 -32.72
N GLY F 73 -6.70 4.75 -31.98
CA GLY F 73 -7.50 4.98 -30.78
C GLY F 73 -8.96 5.21 -31.09
N GLY F 74 -9.69 5.81 -30.15
CA GLY F 74 -11.15 5.89 -30.26
C GLY F 74 -11.63 6.59 -31.52
N SER F 75 -12.67 6.06 -32.15
CA SER F 75 -13.24 6.68 -33.35
C SER F 75 -14.01 7.92 -32.92
N PHE F 76 -14.23 8.81 -33.86
CA PHE F 76 -15.04 9.99 -33.56
C PHE F 76 -16.49 9.60 -33.08
N GLU F 77 -17.08 8.51 -33.59
CA GLU F 77 -18.41 8.06 -33.09
C GLU F 77 -18.32 7.61 -31.63
N LEU F 78 -17.26 6.87 -31.27
CA LEU F 78 -17.11 6.45 -29.88
C LEU F 78 -16.99 7.68 -28.97
N ILE F 79 -16.17 8.65 -29.35
CA ILE F 79 -16.06 9.87 -28.54
C ILE F 79 -17.36 10.65 -28.52
N ASP F 80 -18.04 10.74 -29.66
CA ASP F 80 -19.36 11.43 -29.68
C ASP F 80 -20.37 10.81 -28.72
N GLU F 81 -20.40 9.48 -28.62
CA GLU F 81 -21.35 8.82 -27.71
C GLU F 81 -20.98 9.11 -26.27
N THR F 82 -19.69 9.10 -25.97
CA THR F 82 -19.22 9.39 -24.65
C THR F 82 -19.64 10.81 -24.23
N ILE F 83 -19.60 11.75 -25.15
CA ILE F 83 -19.96 13.13 -24.84
C ILE F 83 -21.48 13.32 -24.76
N GLY F 84 -22.20 12.60 -25.63
CA GLY F 84 -23.64 12.91 -25.84
C GLY F 84 -24.67 12.14 -25.06
N ASP F 85 -24.29 11.01 -24.46
CA ASP F 85 -25.31 10.13 -23.86
C ASP F 85 -24.84 9.63 -22.48
N TYR F 86 -25.63 9.91 -21.45
CA TYR F 86 -25.32 9.48 -20.08
C TYR F 86 -25.12 7.96 -19.98
N GLU F 87 -26.09 7.18 -20.45
CA GLU F 87 -26.01 5.75 -20.29
C GLU F 87 -24.85 5.16 -21.11
N GLY F 88 -24.66 5.66 -22.33
CA GLY F 88 -23.53 5.26 -23.16
C GLY F 88 -22.20 5.59 -22.51
N ARG F 89 -22.09 6.79 -21.92
CA ARG F 89 -20.88 7.24 -21.27
C ARG F 89 -20.50 6.26 -20.15
N ILE F 90 -21.49 5.87 -19.36
CA ILE F 90 -21.25 4.96 -18.23
C ILE F 90 -20.85 3.58 -18.76
N ARG F 91 -21.49 3.14 -19.83
CA ARG F 91 -21.11 1.86 -20.42
C ARG F 91 -19.64 1.89 -20.91
N ILE F 92 -19.29 2.95 -21.61
CA ILE F 92 -17.96 3.07 -22.17
C ILE F 92 -16.91 3.14 -21.03
N MET F 93 -17.26 3.84 -19.94
CA MET F 93 -16.39 3.91 -18.76
CA MET F 93 -16.37 3.90 -18.77
C MET F 93 -16.15 2.52 -18.20
N ARG F 94 -17.22 1.71 -18.11
CA ARG F 94 -17.08 0.34 -17.60
C ARG F 94 -16.16 -0.48 -18.46
N GLU F 95 -16.31 -0.34 -19.77
CA GLU F 95 -15.44 -1.01 -20.72
C GLU F 95 -14.00 -0.54 -20.58
N ALA F 96 -13.78 0.75 -20.41
CA ALA F 96 -12.41 1.28 -20.21
C ALA F 96 -11.77 0.74 -18.97
N ARG F 97 -12.55 0.69 -17.90
CA ARG F 97 -12.08 0.11 -16.62
C ARG F 97 -11.67 -1.35 -16.78
N ASP F 98 -12.54 -2.11 -17.41
CA ASP F 98 -12.39 -3.57 -17.52
C ASP F 98 -11.34 -3.98 -18.55
N LEU F 99 -11.09 -3.15 -19.57
CA LEU F 99 -9.97 -3.41 -20.45
C LEU F 99 -8.67 -3.46 -19.65
N VAL F 100 -8.46 -2.44 -18.82
CA VAL F 100 -7.24 -2.39 -17.99
C VAL F 100 -7.23 -3.51 -16.97
N LEU F 101 -8.31 -3.67 -16.21
CA LEU F 101 -8.27 -4.64 -15.12
C LEU F 101 -8.26 -6.10 -15.65
N ASN F 102 -9.01 -6.37 -16.71
CA ASN F 102 -9.02 -7.73 -17.27
C ASN F 102 -7.67 -8.07 -17.86
N LEU F 103 -7.00 -7.09 -18.47
CA LEU F 103 -5.65 -7.35 -18.95
C LEU F 103 -4.69 -7.60 -17.80
N VAL F 104 -4.72 -6.77 -16.76
CA VAL F 104 -3.85 -6.93 -15.57
C VAL F 104 -4.14 -8.24 -14.85
N ASN F 105 -5.39 -8.70 -14.92
CA ASN F 105 -5.75 -9.97 -14.31
C ASN F 105 -5.63 -11.21 -15.16
N LEU F 106 -5.13 -11.07 -16.38
CA LEU F 106 -4.91 -12.18 -17.29
C LEU F 106 -3.59 -12.89 -16.93
N ASP F 107 -3.65 -14.21 -16.76
CA ASP F 107 -2.45 -14.98 -16.41
C ASP F 107 -1.60 -15.36 -17.64
N LYS F 108 -2.21 -15.60 -18.79
CA LYS F 108 -1.44 -15.92 -20.03
C LYS F 108 -0.71 -14.65 -20.50
N PRO F 109 0.46 -14.84 -21.05
CA PRO F 109 1.23 -13.69 -21.53
C PRO F 109 0.73 -13.13 -22.87
N VAL F 110 0.90 -11.83 -23.00
CA VAL F 110 0.54 -11.06 -24.20
C VAL F 110 1.77 -10.35 -24.71
N VAL F 111 2.08 -10.54 -26.01
CA VAL F 111 3.14 -9.84 -26.72
C VAL F 111 2.48 -8.88 -27.74
N SER F 112 2.85 -7.61 -27.69
CA SER F 112 2.34 -6.61 -28.66
C SER F 112 3.39 -6.31 -29.71
N ALA F 113 2.90 -6.15 -30.94
CA ALA F 113 3.74 -5.82 -32.11
C ALA F 113 3.26 -4.47 -32.57
N ILE F 114 3.99 -3.42 -32.19
CA ILE F 114 3.54 -2.05 -32.34
C ILE F 114 4.22 -1.38 -33.56
N ARG F 115 3.41 -1.10 -34.56
CA ARG F 115 3.87 -0.45 -35.79
C ARG F 115 3.01 0.79 -35.99
N GLY F 116 3.61 1.86 -36.49
CA GLY F 116 2.83 3.06 -36.73
C GLY F 116 2.23 3.65 -35.48
N PRO F 117 1.05 4.29 -35.60
CA PRO F 117 0.45 4.90 -34.43
C PRO F 117 -0.11 3.93 -33.42
N ALA F 118 0.00 4.29 -32.15
CA ALA F 118 -0.61 3.59 -31.04
C ALA F 118 -1.05 4.70 -30.10
N VAL F 119 -2.35 4.91 -30.06
CA VAL F 119 -2.95 6.10 -29.48
C VAL F 119 -4.11 5.76 -28.60
N GLY F 120 -4.16 6.44 -27.44
CA GLY F 120 -5.29 6.37 -26.54
C GLY F 120 -5.79 4.97 -26.28
N ALA F 121 -7.05 4.73 -26.62
CA ALA F 121 -7.67 3.44 -26.32
C ALA F 121 -6.96 2.23 -26.92
N GLY F 122 -6.31 2.41 -28.08
CA GLY F 122 -5.49 1.32 -28.62
C GLY F 122 -4.10 1.14 -27.99
N LEU F 123 -3.56 2.25 -27.53
CA LEU F 123 -2.29 2.22 -26.83
C LEU F 123 -2.35 1.41 -25.55
N VAL F 124 -3.52 1.34 -24.91
CA VAL F 124 -3.68 0.57 -23.66
C VAL F 124 -3.16 -0.85 -23.78
N VAL F 125 -3.59 -1.53 -24.84
CA VAL F 125 -3.24 -2.95 -25.04
C VAL F 125 -1.77 -3.05 -25.39
N ALA F 126 -1.28 -2.11 -26.22
CA ALA F 126 0.09 -2.11 -26.63
C ALA F 126 1.07 -2.05 -25.46
N LEU F 127 0.76 -1.20 -24.49
CA LEU F 127 1.66 -0.99 -23.37
C LEU F 127 1.43 -1.89 -22.17
N LEU F 128 0.19 -2.35 -21.95
CA LEU F 128 -0.06 -3.31 -20.88
C LEU F 128 0.26 -4.75 -21.32
N ALA F 129 0.54 -5.02 -22.58
CA ALA F 129 1.13 -6.30 -22.95
C ALA F 129 2.37 -6.59 -22.11
N ASP F 130 2.60 -7.86 -21.80
CA ASP F 130 3.74 -8.25 -21.00
C ASP F 130 5.07 -7.95 -21.67
N ILE F 131 5.13 -8.22 -22.97
CA ILE F 131 6.31 -7.88 -23.77
C ILE F 131 5.84 -7.04 -24.95
N SER F 132 6.31 -5.80 -24.97
CA SER F 132 5.98 -4.88 -26.03
C SER F 132 7.13 -4.67 -27.00
N VAL F 133 6.90 -4.99 -28.28
CA VAL F 133 7.93 -4.85 -29.32
C VAL F 133 7.53 -3.64 -30.18
N ALA F 134 8.29 -2.56 -30.09
CA ALA F 134 7.99 -1.33 -30.79
C ALA F 134 8.86 -1.08 -31.99
N SER F 135 8.23 -0.75 -33.09
CA SER F 135 8.95 -0.21 -34.23
C SER F 135 9.70 1.07 -33.84
N ALA F 136 10.93 1.25 -34.31
CA ALA F 136 11.62 2.48 -34.08
C ALA F 136 10.83 3.71 -34.50
N THR F 137 9.99 3.54 -35.51
CA THR F 137 9.19 4.61 -36.07
C THR F 137 7.70 4.51 -35.67
N ALA F 138 7.37 3.70 -34.67
CA ALA F 138 6.03 3.78 -34.06
C ALA F 138 5.84 5.17 -33.46
N LYS F 139 4.57 5.57 -33.34
CA LYS F 139 4.17 6.89 -32.83
C LYS F 139 3.28 6.59 -31.64
N ILE F 140 3.81 6.83 -30.43
CA ILE F 140 3.12 6.52 -29.18
C ILE F 140 2.60 7.82 -28.59
N ILE F 141 1.29 7.93 -28.51
CA ILE F 141 0.68 9.16 -27.99
C ILE F 141 -0.49 8.78 -27.10
N ASP F 142 -0.39 9.15 -25.83
CA ASP F 142 -1.52 8.89 -24.92
C ASP F 142 -2.72 9.71 -25.41
N GLY F 143 -2.48 11.00 -25.67
CA GLY F 143 -3.42 11.84 -26.37
C GLY F 143 -4.54 12.54 -25.57
N HIS F 144 -4.75 12.17 -24.31
CA HIS F 144 -5.94 12.66 -23.60
C HIS F 144 -5.95 14.15 -23.35
N THR F 145 -4.87 14.70 -22.79
CA THR F 145 -4.90 16.12 -22.46
C THR F 145 -5.06 16.99 -23.70
N LYS F 146 -4.52 16.54 -24.84
CA LYS F 146 -4.70 17.26 -26.12
C LYS F 146 -6.16 17.19 -26.62
N LEU F 147 -6.84 16.06 -26.35
CA LEU F 147 -8.28 15.92 -26.62
C LEU F 147 -9.13 16.78 -25.65
N GLY F 148 -8.67 16.94 -24.43
CA GLY F 148 -9.35 17.75 -23.46
C GLY F 148 -9.83 17.05 -22.21
N VAL F 149 -9.40 15.82 -22.01
CA VAL F 149 -9.78 15.06 -20.81
C VAL F 149 -8.56 14.49 -20.15
N ALA F 150 -8.68 14.13 -18.87
CA ALA F 150 -7.53 13.52 -18.16
C ALA F 150 -7.08 12.20 -18.76
N ALA F 151 -5.82 11.84 -18.52
CA ALA F 151 -5.27 10.57 -18.98
C ALA F 151 -5.69 9.44 -18.05
N GLY F 152 -6.91 8.97 -18.26
CA GLY F 152 -7.61 8.07 -17.36
C GLY F 152 -7.80 6.67 -17.81
N ASP F 153 -7.29 6.28 -18.99
CA ASP F 153 -7.61 4.99 -19.54
C ASP F 153 -6.55 3.89 -19.38
N HIS F 154 -5.44 4.19 -18.72
CA HIS F 154 -4.43 3.20 -18.29
C HIS F 154 -3.19 3.83 -17.69
N ALA F 155 -2.80 5.03 -18.12
CA ALA F 155 -1.47 5.51 -17.82
C ALA F 155 -1.19 5.61 -16.34
N ALA F 156 -2.19 5.97 -15.57
CA ALA F 156 -1.98 6.11 -14.13
C ALA F 156 -1.78 4.79 -13.38
N ILE F 157 -2.04 3.63 -13.99
CA ILE F 157 -1.77 2.30 -13.40
C ILE F 157 -0.33 1.83 -13.65
N CYS F 158 0.37 2.48 -14.59
CA CYS F 158 1.65 1.93 -15.07
C CYS F 158 2.78 2.88 -15.48
N TRP F 159 2.50 4.05 -16.03
CA TRP F 159 3.61 4.84 -16.60
C TRP F 159 4.71 5.17 -15.58
N PRO F 160 4.36 5.56 -14.33
CA PRO F 160 5.44 5.85 -13.40
C PRO F 160 6.40 4.65 -13.21
N LEU F 161 5.87 3.43 -13.24
CA LEU F 161 6.61 2.21 -13.03
C LEU F 161 7.19 1.67 -14.34
N LEU F 162 7.04 2.42 -15.42
CA LEU F 162 7.68 2.07 -16.69
C LEU F 162 8.86 3.00 -16.94
N VAL F 163 8.57 4.31 -16.91
CA VAL F 163 9.51 5.35 -17.32
C VAL F 163 9.97 6.32 -16.23
N GLY F 164 9.44 6.16 -15.02
CA GLY F 164 9.70 7.05 -13.92
C GLY F 164 8.81 8.26 -14.04
N MET F 165 8.63 8.96 -12.91
CA MET F 165 7.61 10.03 -12.90
C MET F 165 7.92 11.24 -13.77
N ALA F 166 9.21 11.58 -13.91
CA ALA F 166 9.59 12.80 -14.67
C ALA F 166 9.25 12.63 -16.16
N LYS F 167 9.59 11.48 -16.71
CA LYS F 167 9.24 11.17 -18.08
C LYS F 167 7.73 10.93 -18.22
N ALA F 168 7.09 10.27 -17.27
CA ALA F 168 5.66 10.05 -17.36
C ALA F 168 4.90 11.37 -17.45
N LYS F 169 5.19 12.30 -16.56
CA LYS F 169 4.52 13.59 -16.56
C LYS F 169 4.81 14.34 -17.82
N TYR F 170 6.05 14.32 -18.29
CA TYR F 170 6.38 15.04 -19.54
C TYR F 170 5.45 14.64 -20.68
N TYR F 171 5.39 13.35 -20.97
CA TYR F 171 4.62 12.91 -22.11
C TYR F 171 3.11 12.94 -21.88
N LEU F 172 2.67 12.65 -20.66
CA LEU F 172 1.20 12.60 -20.39
C LEU F 172 0.57 13.99 -20.30
N LEU F 173 1.33 14.95 -19.75
CA LEU F 173 0.80 16.31 -19.65
C LEU F 173 0.84 17.01 -20.99
N THR F 174 1.95 16.89 -21.73
CA THR F 174 2.14 17.64 -23.00
C THR F 174 1.53 16.96 -24.23
N CYS F 175 1.41 15.64 -24.18
CA CYS F 175 1.07 14.82 -25.35
C CYS F 175 2.07 14.98 -26.52
N GLU F 176 3.30 15.38 -26.20
CA GLU F 176 4.38 15.29 -27.21
C GLU F 176 4.50 13.88 -27.72
N THR F 177 4.79 13.68 -29.01
CA THR F 177 4.86 12.33 -29.55
C THR F 177 6.14 11.69 -29.08
N LEU F 178 6.01 10.41 -28.85
CA LEU F 178 7.09 9.57 -28.43
C LEU F 178 7.30 8.53 -29.53
N SER F 179 8.52 8.49 -30.07
CA SER F 179 8.84 7.45 -31.05
C SER F 179 9.04 6.12 -30.33
N GLY F 180 8.91 5.04 -31.08
CA GLY F 180 9.21 3.74 -30.48
C GLY F 180 10.64 3.65 -29.99
N GLU F 181 11.57 4.26 -30.72
CA GLU F 181 12.96 4.22 -30.32
C GLU F 181 13.15 4.93 -28.97
N GLU F 182 12.55 6.11 -28.84
CA GLU F 182 12.69 6.87 -27.59
C GLU F 182 11.96 6.15 -26.48
N ALA F 183 10.83 5.48 -26.82
CA ALA F 183 10.05 4.77 -25.82
C ALA F 183 10.89 3.66 -25.22
N GLU F 184 11.68 2.94 -26.04
CA GLU F 184 12.52 1.91 -25.51
C GLU F 184 13.67 2.51 -24.65
N ARG F 185 14.23 3.64 -25.05
CA ARG F 185 15.31 4.29 -24.32
C ARG F 185 14.89 4.62 -22.89
N ILE F 186 13.63 5.01 -22.73
CA ILE F 186 13.15 5.46 -21.42
C ILE F 186 12.44 4.36 -20.63
N GLY F 187 12.27 3.18 -21.22
CA GLY F 187 11.69 2.01 -20.53
C GLY F 187 10.20 1.80 -20.66
N LEU F 188 9.53 2.50 -21.57
CA LEU F 188 8.12 2.35 -21.78
C LEU F 188 7.71 1.03 -22.43
N VAL F 189 8.59 0.54 -23.30
CA VAL F 189 8.39 -0.70 -24.04
C VAL F 189 9.57 -1.62 -23.83
N SER F 190 9.37 -2.91 -24.06
CA SER F 190 10.39 -3.91 -23.74
C SER F 190 11.60 -3.87 -24.66
N THR F 191 11.32 -3.66 -25.93
CA THR F 191 12.37 -3.73 -26.98
C THR F 191 11.92 -2.93 -28.19
N CYS F 192 12.90 -2.52 -28.95
CA CYS F 192 12.66 -1.76 -30.17
CA CYS F 192 12.53 -2.00 -30.23
C CYS F 192 13.47 -2.40 -31.31
N VAL F 193 12.83 -2.58 -32.46
CA VAL F 193 13.50 -3.01 -33.66
C VAL F 193 12.94 -2.15 -34.81
N ASP F 194 13.56 -2.25 -35.97
CA ASP F 194 13.04 -1.49 -37.09
C ASP F 194 11.65 -2.06 -37.48
N ASP F 195 10.88 -1.22 -38.15
CA ASP F 195 9.50 -1.58 -38.48
C ASP F 195 9.35 -2.98 -39.10
N ASP F 196 10.22 -3.30 -40.06
CA ASP F 196 10.13 -4.59 -40.78
C ASP F 196 10.45 -5.79 -39.93
N GLU F 197 11.00 -5.56 -38.75
CA GLU F 197 11.42 -6.66 -37.87
C GLU F 197 10.46 -6.82 -36.67
N VAL F 198 9.49 -5.92 -36.55
CA VAL F 198 8.60 -5.96 -35.40
C VAL F 198 7.80 -7.26 -35.33
N LEU F 199 7.11 -7.63 -36.41
CA LEU F 199 6.26 -8.83 -36.35
C LEU F 199 7.12 -10.07 -36.27
N PRO F 200 8.25 -10.15 -37.01
CA PRO F 200 9.11 -11.31 -36.81
C PRO F 200 9.64 -11.47 -35.39
N THR F 201 10.02 -10.37 -34.76
CA THR F 201 10.56 -10.40 -33.40
C THR F 201 9.48 -10.81 -32.42
N ALA F 202 8.31 -10.17 -32.54
CA ALA F 202 7.19 -10.49 -31.64
C ALA F 202 6.77 -11.96 -31.78
N THR F 203 6.76 -12.46 -33.01
CA THR F 203 6.39 -13.85 -33.27
C THR F 203 7.36 -14.80 -32.62
N ARG F 204 8.66 -14.54 -32.74
CA ARG F 204 9.69 -15.37 -32.09
CA ARG F 204 9.67 -15.39 -32.09
C ARG F 204 9.51 -15.38 -30.58
N LEU F 205 9.31 -14.19 -30.01
CA LEU F 205 9.17 -14.09 -28.56
C LEU F 205 7.91 -14.83 -28.11
N ALA F 206 6.80 -14.69 -28.83
CA ALA F 206 5.56 -15.32 -28.47
C ALA F 206 5.68 -16.85 -28.59
N GLU F 207 6.29 -17.32 -29.65
CA GLU F 207 6.53 -18.76 -29.80
C GLU F 207 7.43 -19.33 -28.74
N ASN F 208 8.46 -18.60 -28.36
CA ASN F 208 9.37 -19.03 -27.29
C ASN F 208 8.59 -19.17 -25.98
N LEU F 209 7.73 -18.20 -25.67
CA LEU F 209 6.89 -18.29 -24.47
C LEU F 209 5.95 -19.49 -24.54
N ALA F 210 5.35 -19.69 -25.71
CA ALA F 210 4.38 -20.77 -25.90
C ALA F 210 5.00 -22.16 -25.78
N GLN F 211 6.30 -22.28 -26.03
CA GLN F 211 7.02 -23.54 -25.87
C GLN F 211 7.75 -23.65 -24.54
N GLY F 212 7.64 -22.63 -23.70
CA GLY F 212 8.25 -22.65 -22.40
C GLY F 212 7.43 -23.33 -21.31
N ALA F 213 7.87 -23.13 -20.07
CA ALA F 213 7.25 -23.75 -18.91
C ALA F 213 6.10 -22.89 -18.53
N GLN F 214 4.89 -23.37 -18.83
CA GLN F 214 3.69 -22.54 -18.82
C GLN F 214 3.33 -21.94 -17.47
N ASN F 215 3.19 -22.75 -16.43
CA ASN F 215 2.87 -22.17 -15.11
C ASN F 215 3.98 -21.27 -14.61
N ALA F 216 5.23 -21.61 -14.87
CA ALA F 216 6.32 -20.73 -14.42
C ALA F 216 6.16 -19.33 -15.00
N ILE F 217 5.86 -19.31 -16.29
CA ILE F 217 5.73 -18.06 -17.04
C ILE F 217 4.53 -17.26 -16.52
N ARG F 218 3.39 -17.92 -16.46
CA ARG F 218 2.15 -17.27 -16.05
C ARG F 218 2.25 -16.76 -14.61
N TRP F 219 2.84 -17.55 -13.71
CA TRP F 219 2.96 -17.13 -12.31
C TRP F 219 3.95 -16.02 -12.09
N THR F 220 4.99 -15.97 -12.91
CA THR F 220 5.93 -14.86 -12.91
C THR F 220 5.23 -13.57 -13.29
N LYS F 221 4.51 -13.55 -14.42
CA LYS F 221 3.80 -12.32 -14.79
C LYS F 221 2.66 -11.96 -13.84
N ARG F 222 1.98 -12.95 -13.28
CA ARG F 222 0.90 -12.66 -12.34
C ARG F 222 1.46 -11.98 -11.14
N SER F 223 2.60 -12.49 -10.61
CA SER F 223 3.21 -11.91 -9.41
C SER F 223 3.66 -10.48 -9.67
N LEU F 224 4.30 -10.26 -10.81
CA LEU F 224 4.74 -8.92 -11.18
C LEU F 224 3.53 -7.99 -11.33
N ASN F 225 2.41 -8.52 -11.85
CA ASN F 225 1.22 -7.69 -12.00
C ASN F 225 0.63 -7.19 -10.70
N HIS F 226 1.00 -7.76 -9.55
CA HIS F 226 0.54 -7.21 -8.28
CA HIS F 226 0.56 -7.22 -8.27
C HIS F 226 0.98 -5.76 -8.12
N TRP F 227 2.11 -5.40 -8.73
CA TRP F 227 2.57 -4.01 -8.64
C TRP F 227 1.53 -3.08 -9.29
N TYR F 228 1.03 -3.45 -10.45
CA TYR F 228 -0.03 -2.66 -11.07
C TYR F 228 -1.33 -2.73 -10.27
N ARG F 229 -1.68 -3.90 -9.74
CA ARG F 229 -2.91 -4.03 -8.95
C ARG F 229 -2.89 -3.09 -7.75
N MET F 230 -1.72 -2.88 -7.14
CA MET F 230 -1.65 -1.99 -6.00
CA MET F 230 -1.63 -1.97 -5.99
C MET F 230 -2.01 -0.55 -6.35
N PHE F 231 -1.90 -0.20 -7.63
CA PHE F 231 -2.31 1.12 -8.10
C PHE F 231 -3.63 1.11 -8.84
N GLY F 232 -4.42 0.06 -8.61
CA GLY F 232 -5.79 0.01 -9.09
C GLY F 232 -6.64 1.18 -8.68
N PRO F 233 -6.67 1.54 -7.38
CA PRO F 233 -7.44 2.71 -6.93
C PRO F 233 -7.00 4.02 -7.59
N THR F 234 -5.70 4.16 -7.80
CA THR F 234 -5.15 5.34 -8.47
C THR F 234 -5.64 5.40 -9.92
N PHE F 235 -5.59 4.25 -10.59
CA PHE F 235 -6.11 4.13 -11.95
C PHE F 235 -7.61 4.49 -12.01
N GLU F 236 -8.42 3.92 -11.11
CA GLU F 236 -9.85 4.19 -11.14
C GLU F 236 -10.14 5.68 -10.86
N THR F 237 -9.36 6.30 -10.00
CA THR F 237 -9.49 7.74 -9.79
C THR F 237 -9.27 8.49 -11.09
N SER F 238 -8.19 8.16 -11.80
CA SER F 238 -7.92 8.84 -13.05
C SER F 238 -9.03 8.65 -14.09
N LEU F 239 -9.59 7.44 -14.12
CA LEU F 239 -10.67 7.13 -15.04
C LEU F 239 -11.91 7.96 -14.74
N GLY F 240 -12.27 8.09 -13.46
CA GLY F 240 -13.43 8.89 -13.10
C GLY F 240 -13.25 10.36 -13.47
N LEU F 241 -12.05 10.88 -13.28
CA LEU F 241 -11.77 12.26 -13.66
C LEU F 241 -11.81 12.45 -15.17
N GLU F 242 -11.24 11.50 -15.91
CA GLU F 242 -11.37 11.55 -17.37
C GLU F 242 -12.86 11.63 -17.73
N PHE F 243 -13.68 10.76 -17.16
CA PHE F 243 -15.06 10.68 -17.59
C PHE F 243 -15.93 11.84 -17.13
N LEU F 244 -15.56 12.47 -16.01
CA LEU F 244 -16.16 13.75 -15.61
C LEU F 244 -15.79 14.82 -16.66
N GLY F 245 -14.66 14.66 -17.30
CA GLY F 245 -14.25 15.56 -18.41
C GLY F 245 -15.13 15.56 -19.63
N PHE F 246 -15.80 14.45 -19.87
CA PHE F 246 -16.56 14.33 -21.10
C PHE F 246 -17.81 15.18 -21.16
N THR F 247 -18.25 15.73 -20.02
CA THR F 247 -19.35 16.69 -20.01
C THR F 247 -18.90 18.14 -19.87
N GLY F 248 -17.58 18.34 -19.86
CA GLY F 248 -17.00 19.69 -19.84
C GLY F 248 -16.88 20.36 -21.20
N PRO F 249 -16.65 21.66 -21.21
CA PRO F 249 -16.48 22.40 -22.45
C PRO F 249 -15.19 22.08 -23.25
N ASP F 250 -14.11 21.66 -22.58
CA ASP F 250 -12.85 21.49 -23.31
C ASP F 250 -12.90 20.42 -24.36
N VAL F 251 -13.46 19.27 -24.04
CA VAL F 251 -13.40 18.13 -24.96
C VAL F 251 -14.16 18.43 -26.24
N GLN F 252 -15.19 19.25 -26.13
CA GLN F 252 -15.96 19.61 -27.33
C GLN F 252 -15.01 20.31 -28.33
N GLU F 253 -14.17 21.21 -27.79
CA GLU F 253 -13.20 21.98 -28.59
C GLU F 253 -12.09 21.07 -29.08
N GLY F 254 -11.59 20.23 -28.19
CA GLY F 254 -10.53 19.29 -28.60
C GLY F 254 -10.94 18.33 -29.70
N LEU F 255 -12.18 17.84 -29.65
CA LEU F 255 -12.71 16.93 -30.67
C LEU F 255 -12.91 17.70 -31.98
N ALA F 256 -13.49 18.91 -31.90
CA ALA F 256 -13.69 19.78 -33.06
C ALA F 256 -12.35 20.07 -33.73
N ALA F 257 -11.35 20.44 -32.91
CA ALA F 257 -9.97 20.65 -33.39
C ALA F 257 -9.43 19.44 -34.17
N HIS F 258 -9.58 18.24 -33.61
CA HIS F 258 -9.14 17.02 -34.30
C HIS F 258 -9.89 16.82 -35.62
N ARG F 259 -11.21 16.97 -35.60
CA ARG F 259 -12.04 16.80 -36.81
C ARG F 259 -11.62 17.79 -37.91
N GLN F 260 -11.44 19.04 -37.54
CA GLN F 260 -11.09 20.10 -38.49
C GLN F 260 -9.57 20.17 -38.75
N LYS F 261 -8.84 19.11 -38.37
CA LYS F 261 -7.40 18.99 -38.62
C LYS F 261 -6.64 20.29 -38.31
N ARG F 262 -6.94 20.87 -37.14
CA ARG F 262 -6.32 22.11 -36.68
C ARG F 262 -5.87 22.04 -35.19
N PRO F 263 -5.14 23.07 -34.72
CA PRO F 263 -4.84 23.21 -33.29
C PRO F 263 -6.05 23.60 -32.45
N ALA F 264 -6.17 23.00 -31.26
CA ALA F 264 -7.24 23.33 -30.33
C ALA F 264 -7.02 24.72 -29.71
N ARG F 265 -8.11 25.44 -29.45
CA ARG F 265 -8.05 26.74 -28.79
C ARG F 265 -8.90 26.67 -27.53
N PHE F 266 -8.31 26.16 -26.46
CA PHE F 266 -9.00 26.04 -25.19
C PHE F 266 -9.04 27.41 -24.53
O2 UNL G . 16.89 -19.07 -5.30
C UNL G . 16.09 -19.97 -5.72
O1 UNL G . 15.16 -19.81 -6.60
C1 UNL G . 16.24 -21.37 -5.14
C6 UNL G . 17.18 -21.61 -4.13
C5 UNL G . 17.32 -22.90 -3.60
C4 UNL G . 16.57 -23.95 -4.12
C3 UNL G . 15.64 -23.74 -5.13
C2 UNL G . 15.51 -22.44 -5.67
C1 EDO H . 21.36 3.38 14.11
O1 EDO H . 20.41 2.47 14.74
C2 EDO H . 21.36 3.34 12.57
O2 EDO H . 21.06 2.01 12.07
C1 EDO I . 28.23 6.66 -11.80
O1 EDO I . 29.47 6.27 -12.35
C2 EDO I . 27.17 5.57 -11.92
O2 EDO I . 27.18 4.86 -13.15
C1 EDO J . 7.25 -19.16 3.99
C1 EDO J . 6.84 -19.21 3.92
O1 EDO J . 6.79 -18.15 4.88
O1 EDO J . 6.54 -18.14 4.84
C2 EDO J . 8.57 -19.81 4.40
C2 EDO J . 8.23 -19.74 4.13
O2 EDO J . 8.33 -20.93 5.26
O2 EDO J . 9.04 -19.23 3.07
C1 EDO K . -3.54 -20.46 -9.41
O1 EDO K . -2.87 -20.81 -10.61
C2 EDO K . -2.63 -19.62 -8.54
O2 EDO K . -2.43 -18.26 -9.00
C1 EDO L . -22.25 0.65 -13.60
O1 EDO L . -21.15 0.09 -14.37
C2 EDO L . -22.29 0.26 -12.10
O2 EDO L . -21.50 -0.92 -11.81
C1 EDO M . -28.79 -3.57 12.06
O1 EDO M . -29.98 -4.32 12.24
C2 EDO M . -27.66 -4.52 11.76
O2 EDO M . -27.49 -5.43 12.87
C1 EDO N . -13.66 -16.75 22.70
O1 EDO N . -13.71 -17.07 24.09
C2 EDO N . -12.97 -15.42 22.52
O2 EDO N . -13.38 -14.41 23.44
O2 UNL O . 8.44 2.03 24.67
C UNL O . 8.80 3.26 24.69
O1 UNL O . 8.12 4.24 24.23
C1 UNL O . 10.09 3.63 25.37
C6 UNL O . 10.91 2.62 25.87
C5 UNL O . 12.10 2.96 26.50
C4 UNL O . 12.45 4.31 26.67
C3 UNL O . 11.63 5.31 26.19
C2 UNL O . 10.43 4.97 25.55
C1 EDO P . 16.52 3.22 14.75
O1 EDO P . 17.91 3.50 14.41
C2 EDO P . 15.63 3.90 13.71
O2 EDO P . 15.59 3.19 12.47
C1 EDO Q . 7.99 -23.09 8.13
O1 EDO Q . 9.03 -22.32 7.51
C2 EDO Q . 7.05 -22.22 8.96
O2 EDO Q . 7.70 -21.02 9.48
O2 UNL R . 15.97 20.42 3.24
C UNL R . 16.64 20.09 4.26
O1 UNL R . 17.20 18.98 4.49
C1 UNL R . 16.83 21.08 5.35
C6 UNL R . 16.11 22.26 5.34
C5 UNL R . 16.30 23.14 6.39
C4 UNL R . 17.23 22.87 7.38
C3 UNL R . 17.93 21.70 7.41
C2 UNL R . 17.74 20.80 6.38
C1 EDO S . 6.78 17.69 11.30
O1 EDO S . 6.38 18.70 12.20
C2 EDO S . 6.22 16.50 12.07
O2 EDO S . 5.08 15.91 11.46
C1 EDO T . -10.31 21.27 -10.80
O1 EDO T . -10.50 21.04 -9.38
C2 EDO T . -8.89 20.91 -11.25
O2 EDO T . -7.95 21.06 -10.16
C1 EDO U . -11.68 17.43 -7.49
O1 EDO U . -11.53 18.60 -8.33
C2 EDO U . -10.93 16.30 -8.20
O2 EDO U . -9.59 16.05 -7.75
C1 EDO V . 11.72 15.27 -24.83
O1 EDO V . 12.75 15.90 -25.59
C2 EDO V . 12.18 14.68 -23.52
O2 EDO V . 13.59 14.67 -23.26
C1 EDO W . -15.00 5.82 26.95
O1 EDO W . -16.10 5.66 27.83
C2 EDO W . -15.26 5.19 25.58
O2 EDO W . -16.57 4.61 25.46
O2 UNL X . -21.01 15.73 0.82
C UNL X . -21.59 15.41 -0.28
O1 UNL X . -21.90 14.27 -0.71
C1 UNL X . -21.95 16.50 -1.21
C6 UNL X . -21.39 17.74 -0.95
C4 UNL X . -22.56 18.52 -2.91
C3 UNL X . -23.10 17.27 -3.16
C2 UNL X . -22.79 16.25 -2.26
CL CL Y . -25.26 15.14 1.77
C1 EDO Z . 16.73 -6.85 -25.61
O1 EDO Z . 16.52 -7.09 -26.99
C2 EDO Z . 15.61 -5.96 -25.12
O2 EDO Z . 15.81 -4.66 -25.61
O2 UNL AA . -9.63 5.06 -23.93
C UNL AA . -10.29 6.10 -23.70
O1 UNL AA . -9.88 7.12 -23.09
C1 UNL AA . -11.67 6.25 -24.24
C6 UNL AA . -12.30 5.20 -24.86
C5 UNL AA . -13.60 5.37 -25.35
C4 UNL AA . -14.25 6.61 -25.24
C3 UNL AA . -13.61 7.64 -24.62
C2 UNL AA . -12.32 7.50 -24.12
C1 EDO BA . -17.48 1.83 -14.13
O1 EDO BA . -18.91 1.68 -13.92
C2 EDO BA . -16.85 2.48 -12.91
O2 EDO BA . -16.46 1.59 -11.86
#